data_4DAM
#
_entry.id   4DAM
#
_cell.length_a   150.004
_cell.length_b   150.004
_cell.length_c   54.700
_cell.angle_alpha   90.00
_cell.angle_beta   90.00
_cell.angle_gamma   120.00
#
_symmetry.space_group_name_H-M   'P 32'
#
loop_
_entity.id
_entity.type
_entity.pdbx_description
1 polymer 'Single-stranded DNA-binding protein 1'
2 water water
#
_entity_poly.entity_id   1
_entity_poly.type   'polypeptide(L)'
_entity_poly.pdbx_seq_one_letter_code
;MRGSHHHHHHGSMNEIMICAVGNVATTPVFRDLANGPSVRFRLAVTARYWDREKNAWTDGHTNFFTVWANRQLATNASGS
LAVGDPVVVQGRLKVRTDVREGQSRTSADIDAVAIGHDLARGTAAFRR
;
_entity_poly.pdbx_strand_id   A,B,C,D,E,F,G,H,I,J,K,L
#
# COMPACT_ATOMS: atom_id res chain seq x y z
N SER A 12 18.91 18.31 31.96
CA SER A 12 17.57 17.81 32.39
C SER A 12 17.76 16.71 33.43
N MET A 13 16.74 16.55 34.29
CA MET A 13 16.75 15.46 35.22
C MET A 13 15.34 14.83 35.40
N ASN A 14 15.44 13.58 35.78
CA ASN A 14 14.31 12.78 36.14
C ASN A 14 13.27 12.56 35.05
N GLU A 15 13.74 12.45 33.83
CA GLU A 15 12.92 11.98 32.73
C GLU A 15 12.85 10.46 32.90
N ILE A 16 11.75 9.89 32.46
CA ILE A 16 11.58 8.46 32.52
C ILE A 16 11.81 7.92 31.11
N MET A 17 12.90 7.20 30.89
CA MET A 17 13.18 6.58 29.61
C MET A 17 12.45 5.24 29.55
N ILE A 18 12.08 4.87 28.35
CA ILE A 18 11.45 3.58 28.11
C ILE A 18 11.98 3.03 26.80
N CYS A 19 12.09 1.71 26.75
CA CYS A 19 12.35 1.02 25.49
C CYS A 19 11.20 0.05 25.30
N ALA A 20 10.51 0.19 24.18
CA ALA A 20 9.25 -0.53 23.88
C ALA A 20 9.45 -1.27 22.57
N VAL A 21 9.15 -2.55 22.58
CA VAL A 21 9.28 -3.41 21.40
C VAL A 21 7.89 -3.86 21.04
N GLY A 22 7.40 -3.43 19.89
CA GLY A 22 6.04 -3.72 19.54
C GLY A 22 5.79 -3.59 18.05
N ASN A 23 4.54 -3.36 17.71
CA ASN A 23 4.14 -3.22 16.34
C ASN A 23 3.44 -1.90 16.08
N VAL A 24 3.73 -1.33 14.92
CA VAL A 24 3.03 -0.15 14.44
C VAL A 24 1.54 -0.52 14.27
N ALA A 25 0.66 0.21 14.96
CA ALA A 25 -0.75 -0.17 15.06
C ALA A 25 -1.67 0.72 14.23
N THR A 26 -1.19 1.89 13.84
CA THR A 26 -1.90 2.82 12.96
C THR A 26 -0.95 3.37 11.94
N THR A 27 -1.49 3.79 10.78
CA THR A 27 -0.66 4.39 9.76
CA THR A 27 -0.67 4.38 9.74
C THR A 27 -0.10 5.70 10.31
N PRO A 28 1.23 5.85 10.26
CA PRO A 28 1.82 7.09 10.75
C PRO A 28 1.31 8.33 10.03
N VAL A 29 1.25 9.41 10.77
CA VAL A 29 0.80 10.71 10.28
C VAL A 29 1.94 11.69 10.34
N PHE A 30 2.27 12.28 9.20
CA PHE A 30 3.33 13.26 9.08
C PHE A 30 2.76 14.67 8.96
N ARG A 31 3.32 15.58 9.73
CA ARG A 31 2.91 17.00 9.69
C ARG A 31 4.16 17.90 9.68
N ASP A 32 4.17 18.87 8.77
CA ASP A 32 5.20 19.88 8.75
C ASP A 32 4.73 21.04 9.63
N LEU A 33 5.37 21.23 10.77
CA LEU A 33 5.04 22.28 11.71
C LEU A 33 6.05 23.42 11.57
N ALA A 34 5.76 24.59 12.16
CA ALA A 34 6.75 25.65 12.18
C ALA A 34 8.02 25.22 12.91
N ASN A 35 7.85 24.33 13.89
CA ASN A 35 8.99 23.81 14.64
C ASN A 35 9.76 22.71 13.92
N GLY A 36 9.25 22.27 12.77
CA GLY A 36 9.90 21.25 11.96
C GLY A 36 9.01 20.04 11.68
N PRO A 37 9.55 19.01 11.03
CA PRO A 37 8.77 17.81 10.75
C PRO A 37 8.35 17.05 12.01
N SER A 38 7.19 16.43 11.94
CA SER A 38 6.65 15.67 13.08
C SER A 38 5.97 14.46 12.54
N VAL A 39 6.13 13.33 13.23
CA VAL A 39 5.37 12.15 12.91
CA VAL A 39 5.38 12.11 12.88
C VAL A 39 4.82 11.54 14.18
N ARG A 40 3.63 10.94 14.07
CA ARG A 40 3.03 10.24 15.20
C ARG A 40 2.44 8.94 14.69
N PHE A 41 2.50 7.93 15.54
CA PHE A 41 1.83 6.66 15.27
C PHE A 41 1.53 5.96 16.57
N ARG A 42 0.58 5.04 16.50
CA ARG A 42 0.25 4.20 17.65
C ARG A 42 1.11 2.96 17.64
N LEU A 43 1.62 2.60 18.82
CA LEU A 43 2.47 1.42 19.01
C LEU A 43 1.78 0.46 19.96
N ALA A 44 1.67 -0.79 19.57
CA ALA A 44 1.10 -1.86 20.39
C ALA A 44 2.20 -2.77 20.90
N VAL A 45 2.31 -2.87 22.23
CA VAL A 45 3.33 -3.67 22.86
C VAL A 45 2.66 -4.77 23.69
N THR A 46 2.75 -6.02 23.22
CA THR A 46 2.04 -7.13 23.86
C THR A 46 2.99 -8.00 24.65
N ALA A 47 2.76 -8.10 25.95
CA ALA A 47 3.51 -9.02 26.82
C ALA A 47 3.04 -10.43 26.49
N ARG A 48 3.94 -11.37 26.63
CA ARG A 48 3.64 -12.79 26.35
C ARG A 48 4.15 -13.63 27.49
N TYR A 49 3.50 -14.76 27.72
CA TYR A 49 3.95 -15.66 28.77
C TYR A 49 3.87 -17.11 28.29
N TRP A 50 4.79 -17.91 28.79
CA TRP A 50 4.90 -19.32 28.40
C TRP A 50 3.82 -20.11 29.08
N ASP A 51 3.04 -20.83 28.28
CA ASP A 51 1.97 -21.67 28.83
C ASP A 51 2.38 -23.12 28.91
N ARG A 52 2.20 -23.71 30.10
CA ARG A 52 2.41 -25.14 30.34
C ARG A 52 1.26 -25.99 29.78
N GLU A 53 0.03 -25.51 29.94
CA GLU A 53 -1.15 -26.26 29.53
C GLU A 53 -1.31 -26.31 28.00
N LYS A 54 -0.66 -25.38 27.30
CA LYS A 54 -0.66 -25.33 25.82
C LYS A 54 0.68 -25.51 25.05
N ASN A 55 1.79 -25.49 25.81
CA ASN A 55 3.16 -25.51 25.29
C ASN A 55 3.47 -24.53 24.14
N ALA A 56 3.15 -23.26 24.40
CA ALA A 56 3.53 -22.16 23.52
C ALA A 56 3.40 -20.82 24.23
N TRP A 57 3.75 -19.74 23.52
CA TRP A 57 3.58 -18.37 24.04
C TRP A 57 2.13 -17.97 23.94
N THR A 58 1.60 -17.37 24.99
CA THR A 58 0.24 -16.82 24.98
C THR A 58 0.27 -15.33 25.31
N ASP A 59 -0.56 -14.55 24.63
CA ASP A 59 -0.59 -13.09 24.79
C ASP A 59 -1.16 -12.68 26.14
N GLY A 60 -0.48 -11.73 26.77
CA GLY A 60 -0.96 -11.08 27.97
C GLY A 60 -1.48 -9.71 27.63
N HIS A 61 -1.22 -8.77 28.53
CA HIS A 61 -1.70 -7.41 28.37
C HIS A 61 -1.01 -6.68 27.23
N THR A 62 -1.77 -5.93 26.46
CA THR A 62 -1.22 -5.03 25.44
C THR A 62 -1.20 -3.58 25.93
N ASN A 63 0.01 -3.01 25.98
CA ASN A 63 0.21 -1.59 26.22
C ASN A 63 0.14 -0.86 24.87
N PHE A 64 -0.69 0.18 24.79
CA PHE A 64 -0.69 1.09 23.66
C PHE A 64 -0.03 2.41 24.02
N PHE A 65 0.82 2.88 23.12
CA PHE A 65 1.48 4.17 23.22
C PHE A 65 1.28 4.98 21.97
N THR A 66 1.20 6.29 22.12
CA THR A 66 1.34 7.19 20.98
C THR A 66 2.79 7.62 20.91
N VAL A 67 3.44 7.29 19.82
CA VAL A 67 4.83 7.60 19.60
C VAL A 67 4.96 8.84 18.74
N TRP A 68 5.78 9.78 19.23
CA TRP A 68 6.04 11.04 18.55
C TRP A 68 7.50 11.12 18.17
N ALA A 69 7.76 11.57 16.96
CA ALA A 69 9.11 11.80 16.49
C ALA A 69 9.21 13.17 15.82
N ASN A 70 10.40 13.74 15.85
CA ASN A 70 10.63 15.03 15.18
CA ASN A 70 10.67 15.01 15.23
C ASN A 70 11.97 15.02 14.42
N ARG A 71 12.20 16.10 13.70
CA ARG A 71 13.45 16.31 12.98
C ARG A 71 13.77 15.14 12.04
N GLN A 72 15.04 14.71 11.95
CA GLN A 72 15.42 13.70 10.97
C GLN A 72 14.74 12.37 11.22
N LEU A 73 14.52 12.03 12.50
CA LEU A 73 13.81 10.79 12.81
C LEU A 73 12.39 10.80 12.22
N ALA A 74 11.70 11.93 12.33
CA ALA A 74 10.38 12.05 11.70
C ALA A 74 10.44 11.89 10.18
N THR A 75 11.37 12.58 9.54
CA THR A 75 11.52 12.49 8.08
C THR A 75 11.79 11.05 7.65
N ASN A 76 12.72 10.40 8.32
CA ASN A 76 13.03 9.01 7.98
C ASN A 76 11.90 8.02 8.31
N ALA A 77 11.26 8.18 9.44
CA ALA A 77 10.14 7.33 9.81
C ALA A 77 8.97 7.45 8.84
N SER A 78 8.73 8.67 8.34
CA SER A 78 7.60 8.92 7.46
C SER A 78 7.69 8.11 6.17
N GLY A 79 8.90 7.78 5.75
CA GLY A 79 9.10 6.95 4.55
C GLY A 79 9.30 5.46 4.78
N SER A 80 9.36 5.06 6.05
N SER A 80 9.37 5.06 6.05
CA SER A 80 9.79 3.71 6.42
CA SER A 80 9.79 3.70 6.40
C SER A 80 8.79 2.86 7.21
C SER A 80 8.80 2.86 7.21
N LEU A 81 7.90 3.49 7.97
CA LEU A 81 7.00 2.74 8.85
C LEU A 81 5.59 2.59 8.31
N ALA A 82 5.06 1.38 8.42
CA ALA A 82 3.68 1.06 8.02
C ALA A 82 3.03 0.16 9.07
N VAL A 83 1.70 0.13 9.06
N VAL A 83 1.70 0.14 9.06
CA VAL A 83 0.94 -0.72 9.97
CA VAL A 83 0.95 -0.71 9.99
C VAL A 83 1.42 -2.16 9.89
C VAL A 83 1.42 -2.15 9.90
N GLY A 84 1.58 -2.75 11.07
CA GLY A 84 2.06 -4.11 11.21
C GLY A 84 3.55 -4.26 11.42
N ASP A 85 4.33 -3.23 11.12
CA ASP A 85 5.79 -3.34 11.22
C ASP A 85 6.24 -3.55 12.67
N PRO A 86 7.08 -4.57 12.91
CA PRO A 86 7.69 -4.72 14.23
C PRO A 86 8.82 -3.72 14.40
N VAL A 87 8.76 -2.97 15.52
CA VAL A 87 9.72 -1.91 15.74
C VAL A 87 10.21 -1.93 17.19
N VAL A 88 11.40 -1.37 17.37
CA VAL A 88 11.94 -1.05 18.68
CA VAL A 88 11.98 -1.06 18.68
C VAL A 88 11.98 0.47 18.80
N VAL A 89 11.44 0.96 19.90
CA VAL A 89 11.35 2.40 20.15
C VAL A 89 12.00 2.71 21.48
N GLN A 90 12.92 3.68 21.50
CA GLN A 90 13.47 4.21 22.75
C GLN A 90 13.10 5.66 22.85
N GLY A 91 12.62 6.09 24.02
CA GLY A 91 12.34 7.50 24.18
C GLY A 91 11.82 7.83 25.54
N ARG A 92 11.34 9.05 25.70
CA ARG A 92 10.88 9.54 26.99
C ARG A 92 9.39 9.30 27.15
N LEU A 93 9.02 8.72 28.28
CA LEU A 93 7.62 8.41 28.56
C LEU A 93 6.92 9.63 29.14
N LYS A 94 5.76 9.95 28.57
CA LYS A 94 4.88 11.00 29.10
C LYS A 94 3.48 10.45 29.31
N VAL A 95 3.06 10.38 30.59
CA VAL A 95 1.73 9.91 30.98
C VAL A 95 0.84 11.12 31.02
N ARG A 96 -0.24 11.08 30.26
CA ARG A 96 -1.10 12.26 30.06
C ARG A 96 -2.55 11.98 30.45
N THR A 97 -3.26 12.98 30.95
CA THR A 97 -4.71 12.84 31.25
C THR A 97 -5.45 13.79 30.32
N ASP A 98 -6.46 13.32 29.62
CA ASP A 98 -7.17 14.17 28.67
C ASP A 98 -8.63 13.76 28.60
N VAL A 99 -9.51 14.63 28.08
CA VAL A 99 -10.93 14.28 27.90
C VAL A 99 -11.18 13.74 26.50
N ARG A 100 -11.71 12.53 26.44
CA ARG A 100 -12.13 11.90 25.18
C ARG A 100 -13.47 11.20 25.35
N GLU A 101 -14.34 11.34 24.36
CA GLU A 101 -15.76 10.93 24.47
C GLU A 101 -16.42 11.40 25.78
N GLY A 102 -16.05 12.61 26.17
CA GLY A 102 -16.54 13.26 27.39
C GLY A 102 -16.10 12.71 28.74
N GLN A 103 -15.06 11.86 28.71
CA GLN A 103 -14.53 11.19 29.91
C GLN A 103 -13.05 11.48 30.11
N SER A 104 -12.61 11.68 31.36
CA SER A 104 -11.19 11.90 31.61
C SER A 104 -10.52 10.55 31.57
N ARG A 105 -9.44 10.47 30.80
CA ARG A 105 -8.80 9.20 30.47
C ARG A 105 -7.30 9.35 30.48
N THR A 106 -6.59 8.40 31.05
CA THR A 106 -5.13 8.42 31.07
C THR A 106 -4.60 7.63 29.91
N SER A 107 -3.50 8.11 29.34
CA SER A 107 -2.85 7.55 28.15
C SER A 107 -1.32 7.78 28.22
N ALA A 108 -0.58 7.03 27.42
CA ALA A 108 0.87 7.08 27.44
C ALA A 108 1.47 7.47 26.08
N ASP A 109 2.32 8.48 26.09
CA ASP A 109 3.06 8.97 24.91
C ASP A 109 4.53 8.57 25.08
N ILE A 110 5.21 8.31 23.97
CA ILE A 110 6.66 8.16 23.95
C ILE A 110 7.21 9.21 23.00
N ASP A 111 8.04 10.11 23.52
CA ASP A 111 8.76 11.06 22.72
C ASP A 111 10.05 10.38 22.26
N ALA A 112 10.05 9.90 21.02
CA ALA A 112 11.08 8.96 20.56
C ALA A 112 12.40 9.62 20.30
N VAL A 113 13.46 8.93 20.74
CA VAL A 113 14.82 9.27 20.45
C VAL A 113 15.41 8.36 19.35
N ALA A 114 14.99 7.11 19.34
CA ALA A 114 15.47 6.10 18.41
C ALA A 114 14.32 5.20 18.05
N ILE A 115 14.24 4.83 16.77
CA ILE A 115 13.25 3.88 16.30
C ILE A 115 13.96 3.02 15.25
N GLY A 116 13.72 1.73 15.30
CA GLY A 116 14.26 0.84 14.26
C GLY A 116 13.31 -0.30 13.97
N HIS A 117 13.33 -0.78 12.72
CA HIS A 117 12.66 -2.02 12.40
C HIS A 117 13.33 -3.14 13.16
N ASP A 118 12.56 -3.98 13.84
CA ASP A 118 13.12 -5.02 14.70
C ASP A 118 13.53 -6.23 13.89
N LEU A 119 14.83 -6.47 13.87
CA LEU A 119 15.40 -7.62 13.15
C LEU A 119 15.07 -8.96 13.78
N ALA A 120 14.51 -8.98 14.99
CA ALA A 120 14.11 -10.24 15.61
C ALA A 120 12.87 -10.86 14.98
N ARG A 121 12.06 -10.04 14.31
CA ARG A 121 10.72 -10.43 13.87
C ARG A 121 10.52 -10.05 12.39
N GLY A 122 11.59 -9.56 11.76
CA GLY A 122 11.63 -9.35 10.32
C GLY A 122 13.00 -9.05 9.68
N THR A 123 13.12 -9.28 8.38
CA THR A 123 14.34 -8.92 7.64
C THR A 123 14.54 -7.39 7.60
N ALA A 124 15.73 -6.96 7.21
CA ALA A 124 16.03 -5.54 7.02
C ALA A 124 15.56 -5.07 5.64
N MET B 13 12.97 -12.31 39.52
CA MET B 13 13.97 -12.87 38.58
C MET B 13 15.20 -11.97 38.36
N ASN B 14 15.05 -10.65 38.45
CA ASN B 14 16.19 -9.75 38.64
C ASN B 14 17.24 -9.71 37.53
N GLU B 15 16.76 -9.77 36.31
CA GLU B 15 17.58 -9.48 35.18
C GLU B 15 17.69 -7.96 35.08
N ILE B 16 18.81 -7.50 34.56
CA ILE B 16 19.01 -6.08 34.34
C ILE B 16 18.84 -5.81 32.84
N MET B 17 17.80 -5.09 32.48
CA MET B 17 17.54 -4.74 31.09
C MET B 17 18.35 -3.51 30.73
N ILE B 18 18.74 -3.41 29.47
CA ILE B 18 19.40 -2.23 28.95
C ILE B 18 18.91 -1.93 27.53
N CYS B 19 18.82 -0.65 27.20
CA CYS B 19 18.56 -0.23 25.83
C CYS B 19 19.70 0.71 25.48
N ALA B 20 20.42 0.36 24.42
CA ALA B 20 21.64 1.05 24.01
C ALA B 20 21.49 1.46 22.56
N VAL B 21 21.85 2.70 22.27
CA VAL B 21 21.86 3.21 20.94
C VAL B 21 23.31 3.51 20.58
N GLY B 22 23.84 2.80 19.61
CA GLY B 22 25.22 2.99 19.26
C GLY B 22 25.54 2.56 17.85
N ASN B 23 26.81 2.27 17.62
CA ASN B 23 27.27 1.88 16.30
C ASN B 23 27.96 0.53 16.35
N VAL B 24 27.73 -0.27 15.32
CA VAL B 24 28.39 -1.56 15.17
C VAL B 24 29.90 -1.29 15.00
N ALA B 25 30.71 -1.90 15.87
CA ALA B 25 32.14 -1.58 15.93
C ALA B 25 33.05 -2.69 15.39
N THR B 26 32.52 -3.90 15.24
CA THR B 26 33.25 -5.02 14.63
C THR B 26 32.33 -5.78 13.72
N THR B 27 32.89 -6.49 12.74
CA THR B 27 32.10 -7.28 11.82
C THR B 27 31.45 -8.39 12.61
N PRO B 28 30.13 -8.57 12.47
CA PRO B 28 29.49 -9.64 13.22
C PRO B 28 30.01 -11.03 12.85
N VAL B 29 30.10 -11.88 13.87
CA VAL B 29 30.56 -13.27 13.75
C VAL B 29 29.34 -14.14 13.91
N PHE B 30 28.98 -14.85 12.83
CA PHE B 30 27.83 -15.72 12.77
C PHE B 30 28.25 -17.18 12.83
N ARG B 31 27.60 -17.91 13.71
CA ARG B 31 27.87 -19.35 13.89
C ARG B 31 26.58 -20.11 13.77
N ASP B 32 26.56 -21.11 12.92
CA ASP B 32 25.43 -21.98 12.82
C ASP B 32 25.71 -23.20 13.68
N LEU B 33 25.11 -23.24 14.85
CA LEU B 33 25.34 -24.34 15.79
C LEU B 33 24.17 -25.30 15.69
N ALA B 34 24.35 -26.52 16.20
CA ALA B 34 23.25 -27.48 16.23
C ALA B 34 22.09 -26.95 17.08
N ASN B 35 22.40 -26.14 18.11
CA ASN B 35 21.39 -25.50 18.99
C ASN B 35 20.72 -24.30 18.34
N GLY B 36 21.21 -23.87 17.18
CA GLY B 36 20.63 -22.75 16.45
C GLY B 36 21.66 -21.69 16.10
N PRO B 37 21.24 -20.74 15.28
CA PRO B 37 22.13 -19.68 14.85
C PRO B 37 22.51 -18.77 16.02
N SER B 38 23.72 -18.23 15.96
CA SER B 38 24.23 -17.33 16.95
C SER B 38 25.02 -16.25 16.26
N VAL B 39 24.93 -15.01 16.76
CA VAL B 39 25.78 -13.93 16.29
C VAL B 39 26.30 -13.11 17.43
N ARG B 40 27.51 -12.59 17.28
CA ARG B 40 28.06 -11.63 18.21
C ARG B 40 28.73 -10.49 17.47
N PHE B 41 28.66 -9.30 18.06
CA PHE B 41 29.37 -8.12 17.54
C PHE B 41 29.61 -7.12 18.62
N ARG B 42 30.59 -6.26 18.42
CA ARG B 42 30.91 -5.20 19.35
C ARG B 42 30.08 -3.96 19.04
N LEU B 43 29.56 -3.35 20.10
CA LEU B 43 28.72 -2.15 19.98
C LEU B 43 29.39 -1.03 20.74
N ALA B 44 29.53 0.10 20.09
CA ALA B 44 30.07 1.32 20.68
C ALA B 44 28.94 2.30 20.96
N VAL B 45 28.78 2.68 22.23
CA VAL B 45 27.73 3.62 22.65
C VAL B 45 28.41 4.86 23.23
N THR B 46 28.38 5.95 22.48
CA THR B 46 29.10 7.16 22.81
C THR B 46 28.17 8.24 23.31
N ALA B 47 28.37 8.65 24.55
CA ALA B 47 27.62 9.77 25.12
C ALA B 47 28.10 11.02 24.46
N ARG B 48 27.21 12.01 24.32
N ARG B 48 27.21 12.01 24.32
CA ARG B 48 27.55 13.30 23.72
CA ARG B 48 27.55 13.30 23.72
C ARG B 48 27.02 14.42 24.59
C ARG B 48 27.02 14.42 24.59
N TYR B 49 27.69 15.56 24.55
CA TYR B 49 27.28 16.72 25.35
C TYR B 49 27.39 17.98 24.53
N TRP B 50 26.49 18.91 24.80
CA TRP B 50 26.45 20.17 24.10
C TRP B 50 27.54 21.06 24.61
N ASP B 51 28.47 21.41 23.70
CA ASP B 51 29.42 22.51 23.77
C ASP B 51 30.64 22.36 24.69
N LYS B 54 34.15 25.42 20.40
CA LYS B 54 33.19 24.48 19.85
C LYS B 54 31.76 24.90 20.12
N ASN B 55 30.90 24.88 19.09
CA ASN B 55 29.49 25.19 19.24
C ASN B 55 28.63 24.08 18.65
N ALA B 56 28.82 22.87 19.17
CA ALA B 56 28.16 21.68 18.68
C ALA B 56 28.20 20.58 19.76
N TRP B 57 27.85 19.38 19.33
CA TRP B 57 27.95 18.18 20.18
C TRP B 57 29.37 17.74 20.25
N THR B 58 29.83 17.40 21.45
CA THR B 58 31.17 16.82 21.62
C THR B 58 31.06 15.45 22.28
N ASP B 59 31.90 14.52 21.83
CA ASP B 59 31.88 13.14 22.33
C ASP B 59 32.38 13.04 23.77
N GLY B 60 31.65 12.28 24.58
CA GLY B 60 32.07 11.92 25.93
C GLY B 60 32.57 10.49 25.94
N HIS B 61 32.26 9.79 27.02
CA HIS B 61 32.72 8.43 27.22
C HIS B 61 32.04 7.47 26.26
N THR B 62 32.80 6.53 25.72
CA THR B 62 32.25 5.43 24.94
C THR B 62 32.20 4.15 25.75
N ASN B 63 30.98 3.62 25.92
CA ASN B 63 30.77 2.29 26.44
C ASN B 63 30.84 1.26 25.32
N PHE B 64 31.67 0.24 25.48
CA PHE B 64 31.72 -0.89 24.56
C PHE B 64 31.05 -2.11 25.17
N PHE B 65 30.21 -2.73 24.36
CA PHE B 65 29.54 -3.94 24.73
C PHE B 65 29.76 -5.01 23.68
N THR B 66 29.77 -6.25 24.11
CA THR B 66 29.62 -7.36 23.20
C THR B 66 28.16 -7.75 23.15
N VAL B 67 27.55 -7.64 21.97
CA VAL B 67 26.16 -7.99 21.77
C VAL B 67 26.03 -9.40 21.21
N TRP B 68 25.20 -10.20 21.85
CA TRP B 68 24.90 -11.56 21.42
C TRP B 68 23.46 -11.71 21.02
N ALA B 69 23.20 -12.43 19.95
CA ALA B 69 21.84 -12.79 19.59
C ALA B 69 21.73 -14.23 19.09
N ASN B 70 20.51 -14.75 19.15
N ASN B 70 20.50 -14.72 19.13
CA ASN B 70 20.23 -16.12 18.67
CA ASN B 70 20.19 -16.06 18.69
C ASN B 70 18.96 -16.19 17.82
C ASN B 70 18.95 -16.18 17.81
N ARG B 71 18.73 -17.38 17.25
CA ARG B 71 17.53 -17.66 16.46
C ARG B 71 17.34 -16.65 15.30
N GLN B 72 16.11 -16.21 15.04
N GLN B 72 16.11 -16.21 15.05
CA GLN B 72 15.87 -15.36 13.89
CA GLN B 72 15.85 -15.35 13.89
C GLN B 72 16.60 -14.03 13.98
C GLN B 72 16.60 -14.02 13.99
N LEU B 73 16.73 -13.48 15.19
CA LEU B 73 17.47 -12.24 15.36
C LEU B 73 18.93 -12.41 14.90
N ALA B 74 19.57 -13.53 15.24
CA ALA B 74 20.94 -13.79 14.79
C ALA B 74 21.01 -13.86 13.27
N THR B 75 20.09 -14.60 12.67
CA THR B 75 20.08 -14.73 11.22
C THR B 75 19.93 -13.38 10.55
N ASN B 76 18.97 -12.61 11.02
CA ASN B 76 18.67 -11.32 10.40
C ASN B 76 19.78 -10.30 10.62
N ALA B 77 20.31 -10.23 11.84
CA ALA B 77 21.42 -9.32 12.16
C ALA B 77 22.69 -9.65 11.39
N SER B 78 22.99 -10.94 11.24
CA SER B 78 24.13 -11.37 10.45
C SER B 78 24.13 -10.85 9.00
N GLY B 79 22.92 -10.83 8.45
CA GLY B 79 22.76 -10.51 7.05
C GLY B 79 22.67 -9.03 6.77
N SER B 80 22.43 -8.23 7.82
CA SER B 80 22.07 -6.83 7.69
CA SER B 80 22.12 -6.80 7.62
C SER B 80 23.08 -5.83 8.26
N LEU B 81 23.84 -6.25 9.28
CA LEU B 81 24.72 -5.33 10.00
C LEU B 81 26.14 -5.33 9.51
N ALA B 82 26.71 -4.13 9.46
CA ALA B 82 28.09 -3.96 9.13
C ALA B 82 28.70 -2.88 9.98
N VAL B 83 30.02 -2.92 10.10
CA VAL B 83 30.74 -1.91 10.84
C VAL B 83 30.33 -0.50 10.46
N GLY B 84 30.08 0.32 11.47
CA GLY B 84 29.64 1.70 11.32
C GLY B 84 28.14 1.92 11.42
N ASP B 85 27.36 0.86 11.29
CA ASP B 85 25.88 1.02 11.24
C ASP B 85 25.33 1.50 12.59
N PRO B 86 24.52 2.57 12.58
CA PRO B 86 23.83 2.96 13.81
C PRO B 86 22.66 2.02 14.11
N VAL B 87 22.64 1.51 15.35
CA VAL B 87 21.66 0.53 15.76
C VAL B 87 21.10 0.86 17.14
N VAL B 88 19.90 0.37 17.36
CA VAL B 88 19.28 0.35 18.69
CA VAL B 88 19.23 0.36 18.68
C VAL B 88 19.20 -1.07 19.14
N VAL B 89 19.68 -1.33 20.37
CA VAL B 89 19.74 -2.68 20.91
C VAL B 89 19.06 -2.71 22.28
N GLN B 90 18.15 -3.66 22.46
N GLN B 90 18.15 -3.66 22.46
CA GLN B 90 17.52 -3.90 23.76
CA GLN B 90 17.51 -3.89 23.76
C GLN B 90 17.86 -5.31 24.19
C GLN B 90 17.84 -5.31 24.19
N GLY B 91 18.27 -5.49 25.44
CA GLY B 91 18.47 -6.83 25.93
C GLY B 91 18.92 -6.87 27.38
N ARG B 92 19.41 -8.02 27.78
CA ARG B 92 19.82 -8.23 29.16
C ARG B 92 21.32 -7.99 29.32
N LEU B 93 21.66 -7.17 30.30
CA LEU B 93 23.06 -6.84 30.57
C LEU B 93 23.72 -7.93 31.41
N LYS B 94 24.88 -8.39 30.96
CA LYS B 94 25.67 -9.37 31.71
C LYS B 94 27.09 -8.87 31.83
N VAL B 95 27.51 -8.62 33.06
CA VAL B 95 28.87 -8.19 33.33
C VAL B 95 29.64 -9.46 33.61
N ARG B 96 30.68 -9.70 32.80
CA ARG B 96 31.43 -10.97 32.92
C ARG B 96 32.77 -10.62 33.52
N THR B 97 33.09 -11.26 34.64
CA THR B 97 34.29 -10.95 35.40
C THR B 97 35.09 -12.22 35.48
N ASP B 98 36.34 -12.18 35.06
CA ASP B 98 37.16 -13.40 34.89
C ASP B 98 38.40 -13.21 35.74
N VAL B 99 38.49 -13.84 36.93
CA VAL B 99 39.68 -13.77 37.78
C VAL B 99 40.64 -14.87 37.39
N ARG B 100 41.87 -14.50 37.06
CA ARG B 100 42.96 -15.47 36.95
C ARG B 100 44.19 -14.93 37.67
N GLU B 101 44.75 -15.71 38.60
CA GLU B 101 45.93 -15.28 39.38
C GLU B 101 45.76 -13.89 40.03
N GLY B 102 44.56 -13.68 40.55
CA GLY B 102 44.18 -12.44 41.21
C GLY B 102 44.07 -11.21 40.31
N GLN B 103 44.02 -11.46 39.01
CA GLN B 103 44.02 -10.43 37.99
C GLN B 103 42.67 -10.53 37.29
N SER B 104 41.86 -9.47 37.37
CA SER B 104 40.45 -9.53 36.99
C SER B 104 40.13 -8.79 35.71
N ARG B 105 39.60 -9.51 34.74
CA ARG B 105 39.29 -8.94 33.45
C ARG B 105 37.78 -8.81 33.43
N THR B 106 37.23 -7.59 33.39
CA THR B 106 35.79 -7.38 33.25
C THR B 106 35.40 -6.90 31.85
N SER B 107 34.22 -7.35 31.39
CA SER B 107 33.62 -6.96 30.09
C SER B 107 32.09 -6.96 30.25
N ALA B 108 31.43 -6.24 29.37
CA ALA B 108 29.98 -6.05 29.44
C ALA B 108 29.32 -6.62 28.17
N ASP B 109 28.43 -7.57 28.37
CA ASP B 109 27.71 -8.25 27.29
C ASP B 109 26.26 -7.78 27.32
N ILE B 110 25.65 -7.73 26.15
CA ILE B 110 24.19 -7.59 26.05
C ILE B 110 23.66 -8.81 25.34
N ASP B 111 22.79 -9.55 25.99
CA ASP B 111 22.09 -10.63 25.39
C ASP B 111 20.83 -10.00 24.76
N ALA B 112 20.90 -9.80 23.44
CA ALA B 112 19.91 -9.00 22.74
C ALA B 112 18.57 -9.71 22.57
N VAL B 113 17.51 -8.95 22.78
CA VAL B 113 16.13 -9.35 22.48
C VAL B 113 15.65 -8.68 21.19
N ALA B 114 16.10 -7.46 20.94
CA ALA B 114 15.71 -6.65 19.79
C ALA B 114 16.88 -5.86 19.32
N ILE B 115 17.04 -5.78 18.01
CA ILE B 115 18.06 -4.96 17.38
C ILE B 115 17.43 -4.37 16.13
N GLY B 116 17.68 -3.10 15.89
CA GLY B 116 17.26 -2.49 14.63
C GLY B 116 18.20 -1.41 14.16
N HIS B 117 18.27 -1.19 12.84
CA HIS B 117 18.93 -0.04 12.31
C HIS B 117 18.20 1.21 12.80
N ASP B 118 18.95 2.18 13.32
CA ASP B 118 18.36 3.38 13.92
C ASP B 118 17.99 4.40 12.83
N LEU B 119 16.68 4.63 12.70
CA LEU B 119 16.14 5.59 11.73
C LEU B 119 16.46 7.05 12.09
N ALA B 120 16.96 7.30 13.30
CA ALA B 120 17.33 8.67 13.66
C ALA B 120 18.61 9.15 12.99
N ARG B 121 19.45 8.22 12.55
CA ARG B 121 20.84 8.51 12.12
C ARG B 121 21.11 7.85 10.76
N GLY B 122 20.07 7.25 10.20
CA GLY B 122 20.12 6.73 8.84
C GLY B 122 18.70 6.44 8.35
N SER C 12 22.76 17.00 26.83
CA SER C 12 23.27 15.64 27.22
C SER C 12 22.53 14.54 26.46
N MET C 13 23.28 13.57 25.92
CA MET C 13 22.71 12.62 24.98
C MET C 13 23.37 11.24 25.04
N ASN C 14 22.52 10.24 24.95
CA ASN C 14 22.96 8.86 24.82
C ASN C 14 23.78 8.31 26.00
N GLU C 15 23.43 8.74 27.20
CA GLU C 15 23.91 8.10 28.42
C GLU C 15 23.09 6.83 28.56
N ILE C 16 23.68 5.80 29.13
CA ILE C 16 22.97 4.56 29.36
C ILE C 16 22.56 4.53 30.81
N MET C 17 21.26 4.61 31.04
N MET C 17 21.26 4.66 31.08
CA MET C 17 20.73 4.49 32.38
CA MET C 17 20.74 4.61 32.48
C MET C 17 20.59 3.01 32.67
C MET C 17 20.25 3.25 32.78
N ILE C 18 20.72 2.70 33.95
N ILE C 18 20.60 2.73 33.97
CA ILE C 18 20.48 1.34 34.44
CA ILE C 18 20.20 1.38 34.35
C ILE C 18 19.77 1.41 35.78
C ILE C 18 19.68 1.44 35.76
N CYS C 19 18.91 0.41 36.06
CA CYS C 19 18.37 0.19 37.36
C CYS C 19 18.79 -1.20 37.75
N ALA C 20 19.51 -1.31 38.85
CA ALA C 20 20.10 -2.56 39.31
C ALA C 20 19.56 -2.82 40.70
N VAL C 21 19.05 -4.04 40.90
CA VAL C 21 18.50 -4.45 42.16
C VAL C 21 19.38 -5.58 42.67
N GLY C 22 20.10 -5.34 43.75
CA GLY C 22 21.06 -6.32 44.23
C GLY C 22 21.40 -6.17 45.69
N ASN C 23 22.56 -6.66 46.07
CA ASN C 23 23.02 -6.62 47.44
C ASN C 23 24.38 -5.91 47.54
N VAL C 24 24.52 -5.13 48.61
CA VAL C 24 25.79 -4.50 48.91
C VAL C 24 26.81 -5.61 49.17
N ALA C 25 27.92 -5.59 48.43
CA ALA C 25 28.89 -6.69 48.48
C ALA C 25 30.20 -6.34 49.21
N THR C 26 30.47 -5.05 49.35
CA THR C 26 31.63 -4.57 50.12
C THR C 26 31.21 -3.38 50.97
N THR C 27 31.93 -3.15 52.06
CA THR C 27 31.63 -2.03 52.91
C THR C 27 31.88 -0.77 52.13
N PRO C 28 30.91 0.15 52.14
CA PRO C 28 31.16 1.40 51.46
C PRO C 28 32.36 2.18 52.01
N VAL C 29 33.10 2.80 51.10
CA VAL C 29 34.35 3.51 51.42
C VAL C 29 34.38 4.93 50.86
N PHE C 30 35.13 5.77 51.54
CA PHE C 30 35.16 7.20 51.23
C PHE C 30 36.27 7.47 50.24
N ARG C 31 36.01 8.38 49.29
CA ARG C 31 37.02 8.86 48.36
C ARG C 31 36.92 10.39 48.29
N ASP C 32 38.04 11.07 48.52
CA ASP C 32 38.09 12.54 48.49
C ASP C 32 38.53 12.89 47.06
N LEU C 33 37.56 13.21 46.19
CA LEU C 33 37.87 13.48 44.78
C LEU C 33 37.99 14.99 44.60
N ALA C 34 38.62 15.39 43.51
CA ALA C 34 38.71 16.81 43.19
C ALA C 34 37.31 17.43 43.01
N ASN C 35 36.36 16.62 42.53
CA ASN C 35 34.94 17.03 42.35
C ASN C 35 34.15 17.06 43.68
N GLY C 36 34.74 16.56 44.76
CA GLY C 36 34.09 16.56 46.08
C GLY C 36 34.03 15.18 46.73
N PRO C 37 33.46 15.09 47.95
CA PRO C 37 33.44 13.83 48.67
C PRO C 37 32.52 12.78 48.02
N SER C 38 32.96 11.53 48.10
N SER C 38 32.99 11.54 48.08
CA SER C 38 32.28 10.44 47.43
CA SER C 38 32.36 10.49 47.32
C SER C 38 32.39 9.18 48.20
C SER C 38 32.49 9.19 48.09
N VAL C 39 31.50 8.27 47.82
N VAL C 39 31.60 8.29 47.72
CA VAL C 39 31.49 6.94 48.37
CA VAL C 39 31.54 6.98 48.32
C VAL C 39 31.44 5.96 47.20
C VAL C 39 31.44 5.96 47.20
N ARG C 40 32.08 4.82 47.39
CA ARG C 40 31.95 3.71 46.45
C ARG C 40 31.69 2.44 47.20
N PHE C 41 30.95 1.55 46.57
CA PHE C 41 30.74 0.22 47.08
C PHE C 41 30.48 -0.74 45.93
N ARG C 42 30.74 -2.01 46.18
CA ARG C 42 30.46 -3.05 45.19
C ARG C 42 29.04 -3.55 45.35
N LEU C 43 28.36 -3.73 44.23
CA LEU C 43 26.97 -4.20 44.19
C LEU C 43 26.93 -5.53 43.44
N ALA C 44 26.31 -6.54 44.04
CA ALA C 44 26.12 -7.85 43.45
C ALA C 44 24.67 -8.02 43.03
N VAL C 45 24.45 -8.23 41.74
CA VAL C 45 23.09 -8.39 41.19
C VAL C 45 22.99 -9.80 40.63
N THR C 46 22.24 -10.65 41.33
CA THR C 46 22.17 -12.08 41.00
C THR C 46 20.82 -12.36 40.39
N ALA C 47 20.83 -12.78 39.12
CA ALA C 47 19.61 -13.25 38.47
C ALA C 47 19.20 -14.59 39.09
N ARG C 48 17.91 -14.84 39.14
CA ARG C 48 17.38 -16.07 39.71
C ARG C 48 16.36 -16.66 38.74
N TYR C 49 16.23 -17.98 38.76
N TYR C 49 16.22 -17.98 38.76
CA TYR C 49 15.26 -18.64 37.88
CA TYR C 49 15.26 -18.65 37.90
C TYR C 49 14.54 -19.75 38.63
C TYR C 49 14.53 -19.74 38.64
N TRP C 50 13.27 -19.93 38.26
CA TRP C 50 12.39 -20.90 38.93
C TRP C 50 12.70 -22.28 38.43
N ASP C 51 12.91 -23.20 39.37
CA ASP C 51 12.89 -24.65 39.09
C ASP C 51 11.62 -25.23 39.68
N ALA C 56 11.39 -24.04 43.40
CA ALA C 56 11.93 -22.87 44.07
C ALA C 56 13.02 -22.20 43.23
N TRP C 57 13.53 -21.09 43.76
CA TRP C 57 14.45 -20.22 43.03
C TRP C 57 15.86 -20.73 43.09
N THR C 58 16.54 -20.72 41.94
CA THR C 58 17.97 -21.05 41.89
C THR C 58 18.76 -19.89 41.28
N ASP C 59 19.95 -19.64 41.84
CA ASP C 59 20.79 -18.51 41.41
C ASP C 59 21.38 -18.75 40.04
N GLY C 60 21.33 -17.71 39.21
CA GLY C 60 22.01 -17.67 37.93
C GLY C 60 23.24 -16.79 38.03
N HIS C 61 23.52 -16.06 36.96
CA HIS C 61 24.72 -15.24 36.86
C HIS C 61 24.66 -14.06 37.80
N THR C 62 25.79 -13.75 38.43
CA THR C 62 25.93 -12.52 39.26
C THR C 62 26.71 -11.45 38.54
N ASN C 63 26.05 -10.31 38.33
CA ASN C 63 26.70 -9.12 37.80
C ASN C 63 27.25 -8.31 38.96
N PHE C 64 28.52 -7.94 38.88
CA PHE C 64 29.13 -7.02 39.85
C PHE C 64 29.37 -5.65 39.25
N PHE C 65 28.98 -4.63 40.01
CA PHE C 65 29.17 -3.25 39.65
C PHE C 65 29.89 -2.52 40.78
N THR C 66 30.65 -1.52 40.42
CA THR C 66 31.09 -0.53 41.38
C THR C 66 30.15 0.66 41.33
N VAL C 67 29.48 0.93 42.45
CA VAL C 67 28.56 2.04 42.54
C VAL C 67 29.25 3.24 43.21
N TRP C 68 29.12 4.38 42.57
CA TRP C 68 29.66 5.64 43.03
C TRP C 68 28.58 6.60 43.34
N ALA C 69 28.72 7.29 44.46
CA ALA C 69 27.81 8.39 44.77
C ALA C 69 28.58 9.61 45.29
N ASN C 70 27.97 10.77 45.14
N ASN C 70 27.96 10.77 45.15
CA ASN C 70 28.58 12.01 45.65
CA ASN C 70 28.53 12.04 45.61
C ASN C 70 27.54 12.85 46.39
C ASN C 70 27.53 12.85 46.40
N ARG C 71 28.01 13.93 47.00
CA ARG C 71 27.15 14.90 47.67
C ARG C 71 26.28 14.22 48.74
N GLN C 72 25.00 14.63 48.85
N GLN C 72 25.01 14.61 48.85
CA GLN C 72 24.16 14.13 49.93
CA GLN C 72 24.15 14.12 49.91
C GLN C 72 23.90 12.62 49.82
C GLN C 72 23.90 12.62 49.82
N LEU C 73 23.80 12.10 48.60
CA LEU C 73 23.66 10.67 48.41
C LEU C 73 24.84 9.90 49.02
N ALA C 74 26.05 10.39 48.82
CA ALA C 74 27.22 9.74 49.43
C ALA C 74 27.17 9.78 50.94
N THR C 75 26.83 10.93 51.49
CA THR C 75 26.79 11.08 52.93
C THR C 75 25.77 10.10 53.51
N ASN C 76 24.59 10.09 52.92
CA ASN C 76 23.52 9.23 53.39
C ASN C 76 23.82 7.74 53.18
N ALA C 77 24.37 7.37 52.03
CA ALA C 77 24.77 5.98 51.76
C ALA C 77 25.82 5.48 52.75
N SER C 78 26.77 6.34 53.09
CA SER C 78 27.83 5.96 54.02
C SER C 78 27.30 5.60 55.41
N GLY C 79 26.22 6.24 55.82
CA GLY C 79 25.63 6.02 57.13
C GLY C 79 24.57 4.92 57.17
N SER C 80 24.12 4.49 56.01
CA SER C 80 22.92 3.64 55.90
C SER C 80 23.18 2.24 55.35
N LEU C 81 24.24 2.07 54.57
CA LEU C 81 24.50 0.81 53.90
C LEU C 81 25.55 -0.05 54.58
N ALA C 82 25.30 -1.35 54.57
CA ALA C 82 26.24 -2.34 55.03
C ALA C 82 26.23 -3.56 54.13
N VAL C 83 27.33 -4.30 54.18
CA VAL C 83 27.41 -5.55 53.44
C VAL C 83 26.20 -6.45 53.70
N GLY C 84 25.64 -6.98 52.62
CA GLY C 84 24.47 -7.84 52.67
C GLY C 84 23.14 -7.15 52.39
N ASP C 85 23.11 -5.84 52.50
CA ASP C 85 21.84 -5.10 52.39
C ASP C 85 21.27 -5.20 50.96
N PRO C 86 19.99 -5.59 50.83
CA PRO C 86 19.35 -5.46 49.53
C PRO C 86 19.04 -4.01 49.17
N VAL C 87 19.44 -3.60 47.99
CA VAL C 87 19.32 -2.22 47.56
C VAL C 87 18.84 -2.14 46.11
N VAL C 88 18.21 -1.01 45.79
N VAL C 88 18.24 -1.01 45.80
CA VAL C 88 17.87 -0.59 44.42
CA VAL C 88 17.92 -0.67 44.44
C VAL C 88 18.75 0.58 44.07
C VAL C 88 18.72 0.58 44.07
N VAL C 89 19.41 0.51 42.92
CA VAL C 89 20.30 1.56 42.47
C VAL C 89 19.87 1.98 41.07
N GLN C 90 19.68 3.27 40.86
CA GLN C 90 19.44 3.82 39.55
C GLN C 90 20.61 4.75 39.24
N GLY C 91 21.18 4.63 38.04
CA GLY C 91 22.21 5.59 37.66
C GLY C 91 22.75 5.36 36.27
N ARG C 92 23.84 6.03 35.96
N ARG C 92 23.85 6.03 35.96
CA ARG C 92 24.44 5.97 34.64
CA ARG C 92 24.44 5.97 34.64
C ARG C 92 25.51 4.90 34.61
C ARG C 92 25.51 4.90 34.61
N LEU C 93 25.42 4.00 33.64
CA LEU C 93 26.39 2.93 33.47
C LEU C 93 27.63 3.41 32.73
N LYS C 94 28.79 3.14 33.31
CA LYS C 94 30.07 3.46 32.70
C LYS C 94 30.92 2.20 32.68
N VAL C 95 31.13 1.69 31.48
CA VAL C 95 31.95 0.50 31.26
C VAL C 95 33.37 0.99 30.98
N ARG C 96 34.31 0.57 31.83
CA ARG C 96 35.70 1.07 31.82
C ARG C 96 36.64 -0.04 31.37
N ARG C 105 43.00 -2.40 33.97
CA ARG C 105 42.00 -1.83 34.87
C ARG C 105 40.68 -1.79 34.14
N THR C 106 39.69 -2.52 34.61
CA THR C 106 38.42 -2.58 33.90
C THR C 106 37.38 -2.71 34.96
N SER C 107 36.19 -2.22 34.63
CA SER C 107 35.09 -2.33 35.57
C SER C 107 33.79 -1.93 34.90
N ALA C 108 32.69 -2.28 35.56
CA ALA C 108 31.39 -1.74 35.20
C ALA C 108 30.97 -0.87 36.39
N ASP C 109 30.90 0.43 36.16
CA ASP C 109 30.61 1.41 37.22
C ASP C 109 29.17 1.90 37.02
N ILE C 110 28.52 2.20 38.14
CA ILE C 110 27.27 2.92 38.08
C ILE C 110 27.47 4.23 38.84
N ASP C 111 27.26 5.34 38.16
CA ASP C 111 27.26 6.65 38.77
C ASP C 111 25.84 6.89 39.23
N ALA C 112 25.64 6.67 40.53
CA ALA C 112 24.28 6.59 41.06
C ALA C 112 23.60 7.92 41.16
N VAL C 113 22.33 7.91 40.78
N VAL C 113 22.32 7.95 40.78
CA VAL C 113 21.43 9.05 40.93
CA VAL C 113 21.47 9.13 41.03
C VAL C 113 20.52 8.82 42.15
C VAL C 113 20.44 8.85 42.14
N ALA C 114 20.08 7.57 42.33
CA ALA C 114 19.17 7.19 43.43
C ALA C 114 19.63 5.84 43.98
N ILE C 115 19.64 5.69 45.28
CA ILE C 115 19.90 4.43 45.95
C ILE C 115 18.90 4.31 47.09
N GLY C 116 18.33 3.13 47.26
CA GLY C 116 17.49 2.88 48.44
C GLY C 116 17.58 1.46 48.93
N HIS C 117 17.36 1.27 50.21
CA HIS C 117 17.13 -0.06 50.73
C HIS C 117 15.89 -0.64 50.10
N ASP C 118 15.97 -1.86 49.60
CA ASP C 118 14.83 -2.48 48.90
C ASP C 118 13.85 -3.10 49.91
N LEU C 119 12.67 -2.54 49.97
CA LEU C 119 11.61 -3.03 50.84
C LEU C 119 11.04 -4.40 50.43
N ALA C 120 11.40 -4.89 49.25
CA ALA C 120 10.87 -6.16 48.78
C ALA C 120 11.52 -7.34 49.47
N ARG C 121 12.72 -7.13 50.03
CA ARG C 121 13.59 -8.24 50.45
C ARG C 121 14.12 -8.17 51.85
N GLY C 122 14.72 -9.27 52.32
CA GLY C 122 15.41 -9.40 53.63
C GLY C 122 16.92 -9.49 53.40
N THR C 123 17.72 -9.14 54.39
CA THR C 123 19.18 -9.33 54.29
C THR C 123 19.52 -10.80 54.21
N MET D 13 9.17 -12.43 26.22
CA MET D 13 8.17 -11.99 27.22
C MET D 13 7.65 -10.54 26.98
N ASN D 14 8.52 -9.60 26.63
CA ASN D 14 8.11 -8.28 26.17
C ASN D 14 7.31 -7.44 27.16
N GLU D 15 7.70 -7.55 28.42
CA GLU D 15 7.24 -6.66 29.44
C GLU D 15 8.02 -5.36 29.27
N ILE D 16 7.39 -4.25 29.63
N ILE D 16 7.40 -4.26 29.65
CA ILE D 16 8.07 -2.96 29.62
CA ILE D 16 8.06 -2.98 29.61
C ILE D 16 8.46 -2.64 31.06
C ILE D 16 8.45 -2.64 31.05
N MET D 17 9.75 -2.66 31.33
CA MET D 17 10.25 -2.32 32.68
C MET D 17 10.38 -0.81 32.76
N ILE D 18 10.22 -0.30 33.96
CA ILE D 18 10.43 1.11 34.21
C ILE D 18 11.09 1.27 35.56
N CYS D 19 11.95 2.27 35.66
CA CYS D 19 12.51 2.67 36.95
C CYS D 19 12.18 4.15 37.09
N ALA D 20 11.47 4.46 38.17
CA ALA D 20 10.89 5.79 38.36
C ALA D 20 11.35 6.29 39.72
N VAL D 21 11.86 7.51 39.74
CA VAL D 21 12.29 8.15 40.97
C VAL D 21 11.36 9.34 41.17
N GLY D 22 10.59 9.29 42.25
CA GLY D 22 9.60 10.31 42.49
C GLY D 22 9.21 10.39 43.93
N ASN D 23 8.04 10.96 44.15
CA ASN D 23 7.51 11.12 45.50
C ASN D 23 6.15 10.44 45.65
N VAL D 24 5.94 9.88 46.81
CA VAL D 24 4.65 9.34 47.20
C VAL D 24 3.65 10.49 47.27
N ALA D 25 2.58 10.39 46.48
CA ALA D 25 1.67 11.51 46.29
C ALA D 25 0.33 11.34 47.01
N THR D 26 0.01 10.13 47.40
CA THR D 26 -1.19 9.81 48.19
C THR D 26 -0.81 8.87 49.30
N THR D 27 -1.59 8.87 50.38
CA THR D 27 -1.36 7.93 51.46
C THR D 27 -1.60 6.51 50.93
N PRO D 28 -0.61 5.63 51.08
CA PRO D 28 -0.83 4.26 50.61
C PRO D 28 -1.99 3.59 51.26
N VAL D 29 -2.58 2.68 50.50
CA VAL D 29 -3.72 1.88 50.93
C VAL D 29 -3.35 0.43 50.94
N PHE D 30 -3.51 -0.21 52.09
CA PHE D 30 -3.24 -1.63 52.26
C PHE D 30 -4.55 -2.39 52.25
N ARG D 31 -4.56 -3.48 51.50
CA ARG D 31 -5.72 -4.37 51.39
C ARG D 31 -5.28 -5.82 51.49
N ASP D 32 -5.96 -6.59 52.33
CA ASP D 32 -5.72 -8.02 52.39
C ASP D 32 -6.68 -8.68 51.41
N LEU D 33 -6.15 -9.21 50.34
CA LEU D 33 -6.95 -9.88 49.32
C LEU D 33 -6.86 -11.37 49.54
N ALA D 34 -7.74 -12.14 48.88
CA ALA D 34 -7.63 -13.59 48.95
C ALA D 34 -6.27 -14.06 48.45
N ASN D 35 -5.72 -13.33 47.48
N ASN D 35 -5.72 -13.35 47.46
CA ASN D 35 -4.43 -13.66 46.90
CA ASN D 35 -4.40 -13.75 46.88
C ASN D 35 -3.23 -13.24 47.72
C ASN D 35 -3.22 -13.11 47.63
N GLY D 36 -3.49 -12.48 48.77
CA GLY D 36 -2.44 -12.00 49.66
C GLY D 36 -2.44 -10.50 49.87
N PRO D 37 -1.43 -9.98 50.60
CA PRO D 37 -1.39 -8.55 50.87
C PRO D 37 -1.18 -7.72 49.59
N SER D 38 -1.74 -6.53 49.58
CA SER D 38 -1.62 -5.62 48.45
C SER D 38 -1.50 -4.24 48.98
N VAL D 39 -0.68 -3.42 48.34
N VAL D 39 -0.65 -3.42 48.37
CA VAL D 39 -0.64 -2.00 48.64
CA VAL D 39 -0.59 -1.98 48.68
C VAL D 39 -0.63 -1.23 47.34
C VAL D 39 -0.61 -1.21 47.35
N ARG D 40 -1.27 -0.06 47.36
CA ARG D 40 -1.26 0.84 46.22
C ARG D 40 -1.04 2.25 46.71
N PHE D 41 -0.34 3.02 45.89
CA PHE D 41 -0.18 4.46 46.13
C PHE D 41 0.11 5.18 44.81
N ARG D 42 -0.16 6.47 44.82
CA ARG D 42 0.14 7.32 43.67
C ARG D 42 1.56 7.83 43.77
N LEU D 43 2.27 7.80 42.64
CA LEU D 43 3.67 8.24 42.56
C LEU D 43 3.75 9.38 41.58
N ALA D 44 4.37 10.47 42.01
CA ALA D 44 4.58 11.66 41.17
C ALA D 44 6.04 11.76 40.77
N VAL D 45 6.30 11.75 39.48
CA VAL D 45 7.65 11.79 38.94
C VAL D 45 7.75 13.06 38.09
N THR D 46 8.47 14.05 38.60
CA THR D 46 8.51 15.36 37.96
C THR D 46 9.85 15.58 37.27
N ALA D 47 9.81 15.77 35.95
CA ALA D 47 11.00 16.09 35.20
C ALA D 47 11.40 17.51 35.52
N ARG D 48 12.69 17.78 35.45
CA ARG D 48 13.23 19.13 35.72
C ARG D 48 14.21 19.49 34.63
N TYR D 49 14.36 20.79 34.39
CA TYR D 49 15.28 21.28 33.38
C TYR D 49 16.03 22.48 33.89
N TRP D 50 17.28 22.60 33.45
CA TRP D 50 18.15 23.69 33.89
C TRP D 50 17.78 24.93 33.14
N ASP D 51 17.51 26.00 33.89
CA ASP D 51 17.20 27.29 33.30
C ASP D 51 18.43 28.19 33.29
N ARG D 52 18.84 28.61 32.09
CA ARG D 52 20.00 29.52 31.89
C ARG D 52 19.67 30.97 32.22
N GLU D 53 18.50 31.42 31.77
CA GLU D 53 18.10 32.83 31.93
C GLU D 53 17.71 33.12 33.37
N LYS D 54 17.46 32.07 34.14
CA LYS D 54 17.35 32.15 35.57
C LYS D 54 18.54 31.35 36.11
N ASN D 55 18.58 31.14 37.42
CA ASN D 55 19.65 30.29 38.03
C ASN D 55 19.39 28.75 37.87
N ALA D 56 18.39 28.25 38.59
CA ALA D 56 18.26 26.83 38.92
C ALA D 56 17.46 25.86 38.00
N TRP D 57 17.07 24.79 38.67
CA TRP D 57 16.19 23.78 38.10
C TRP D 57 14.77 24.28 38.08
N THR D 58 14.07 24.07 36.98
N THR D 58 14.07 24.06 36.98
CA THR D 58 12.64 24.40 36.87
CA THR D 58 12.66 24.42 36.87
C THR D 58 11.85 23.15 36.52
C THR D 58 11.84 23.17 36.51
N ASP D 59 10.66 23.02 37.13
CA ASP D 59 9.82 21.83 36.94
C ASP D 59 9.21 21.75 35.55
N GLY D 60 9.25 20.57 34.96
CA GLY D 60 8.55 20.26 33.74
C GLY D 60 7.32 19.42 34.02
N HIS D 61 7.03 18.48 33.14
CA HIS D 61 5.86 17.62 33.23
C HIS D 61 5.97 16.65 34.40
N THR D 62 4.87 16.46 35.11
CA THR D 62 4.77 15.41 36.12
C THR D 62 4.02 14.20 35.58
N ASN D 63 4.70 13.05 35.59
CA ASN D 63 4.08 11.76 35.32
C ASN D 63 3.51 11.23 36.62
N PHE D 64 2.23 10.88 36.63
CA PHE D 64 1.60 10.20 37.74
C PHE D 64 1.36 8.73 37.41
N PHE D 65 1.75 7.88 38.34
CA PHE D 65 1.57 6.45 38.24
C PHE D 65 0.83 5.94 39.46
N THR D 66 0.06 4.89 39.27
CA THR D 66 -0.41 4.08 40.40
C THR D 66 0.54 2.91 40.58
N VAL D 67 1.18 2.87 41.73
CA VAL D 67 2.13 1.81 42.05
C VAL D 67 1.41 0.74 42.87
N TRP D 68 1.57 -0.51 42.42
CA TRP D 68 1.00 -1.68 43.09
C TRP D 68 2.08 -2.58 43.58
N ALA D 69 1.95 -3.05 44.81
CA ALA D 69 2.88 -4.03 45.35
C ALA D 69 2.11 -5.17 45.99
N ASN D 70 2.72 -6.35 46.02
N ASN D 70 2.73 -6.35 46.03
CA ASN D 70 2.11 -7.49 46.66
CA ASN D 70 2.17 -7.53 46.66
C ASN D 70 3.13 -8.23 47.53
C ASN D 70 3.14 -8.22 47.55
N ARG D 71 2.63 -9.23 48.27
CA ARG D 71 3.46 -10.10 49.08
C ARG D 71 4.33 -9.30 50.09
N GLN D 72 5.60 -9.67 50.27
CA GLN D 72 6.42 -9.05 51.31
C GLN D 72 6.65 -7.56 51.04
N LEU D 73 6.77 -7.19 49.77
CA LEU D 73 6.92 -5.77 49.43
C LEU D 73 5.72 -4.97 49.92
N ALA D 74 4.52 -5.51 49.74
CA ALA D 74 3.32 -4.83 50.24
C ALA D 74 3.33 -4.70 51.77
N THR D 75 3.65 -5.78 52.45
CA THR D 75 3.69 -5.77 53.91
C THR D 75 4.70 -4.73 54.43
N ASN D 76 5.89 -4.77 53.87
CA ASN D 76 6.92 -3.81 54.27
C ASN D 76 6.59 -2.34 53.91
N ALA D 77 6.06 -2.13 52.71
CA ALA D 77 5.67 -0.79 52.27
C ALA D 77 4.57 -0.19 53.13
N SER D 78 3.65 -1.04 53.57
CA SER D 78 2.51 -0.57 54.36
C SER D 78 2.94 0.08 55.66
N GLY D 79 4.08 -0.33 56.20
CA GLY D 79 4.63 0.24 57.42
C GLY D 79 5.64 1.34 57.26
N SER D 80 6.01 1.62 56.02
CA SER D 80 7.17 2.45 55.72
C SER D 80 6.93 3.71 54.86
N LEU D 81 5.92 3.71 54.00
CA LEU D 81 5.71 4.80 53.06
C LEU D 81 4.62 5.77 53.43
N ALA D 82 4.90 7.05 53.28
CA ALA D 82 3.93 8.14 53.58
C ALA D 82 4.01 9.23 52.51
N VAL D 83 2.96 10.03 52.42
CA VAL D 83 2.94 11.14 51.48
C VAL D 83 4.16 12.02 51.63
N GLY D 84 4.75 12.34 50.48
CA GLY D 84 5.94 13.18 50.41
C GLY D 84 7.23 12.43 50.35
N ASP D 85 7.22 11.13 50.67
CA ASP D 85 8.45 10.37 50.72
C ASP D 85 9.08 10.26 49.32
N PRO D 86 10.37 10.60 49.21
CA PRO D 86 11.07 10.31 47.96
C PRO D 86 11.40 8.82 47.86
N VAL D 87 11.02 8.22 46.75
CA VAL D 87 11.21 6.79 46.57
C VAL D 87 11.75 6.48 45.18
N VAL D 88 12.42 5.35 45.08
N VAL D 88 12.40 5.34 45.09
CA VAL D 88 12.79 4.76 43.80
CA VAL D 88 12.81 4.73 43.83
C VAL D 88 11.98 3.48 43.63
C VAL D 88 11.96 3.50 43.64
N VAL D 89 11.36 3.35 42.46
CA VAL D 89 10.46 2.25 42.17
C VAL D 89 10.90 1.60 40.87
N GLN D 90 11.05 0.28 40.89
CA GLN D 90 11.32 -0.47 39.67
C GLN D 90 10.18 -1.46 39.50
N GLY D 91 9.64 -1.55 38.29
CA GLY D 91 8.63 -2.57 38.04
C GLY D 91 8.15 -2.57 36.62
N ARG D 92 7.04 -3.26 36.39
CA ARG D 92 6.50 -3.41 35.06
C ARG D 92 5.42 -2.37 34.81
N LEU D 93 5.53 -1.68 33.67
CA LEU D 93 4.56 -0.65 33.29
C LEU D 93 3.33 -1.28 32.64
N LYS D 94 2.16 -0.92 33.13
CA LYS D 94 0.90 -1.36 32.54
C LYS D 94 0.01 -0.14 32.30
N VAL D 95 -0.23 0.15 31.03
CA VAL D 95 -1.09 1.23 30.61
C VAL D 95 -2.47 0.60 30.40
N ARG D 96 -3.42 0.95 31.28
CA ARG D 96 -4.69 0.19 31.41
C ARG D 96 -5.88 0.98 30.96
N THR D 97 -6.83 0.28 30.30
CA THR D 97 -8.13 0.83 29.89
C THR D 97 -9.33 -0.08 30.32
N ASP D 98 -9.09 -1.05 31.21
CA ASP D 98 -10.21 -1.89 31.75
C ASP D 98 -10.08 -2.10 33.28
N VAL D 99 -9.95 -0.97 33.95
CA VAL D 99 -9.83 -0.98 35.41
C VAL D 99 -11.25 -1.09 35.98
N ARG D 100 -11.48 -2.08 36.84
CA ARG D 100 -12.82 -2.38 37.36
C ARG D 100 -13.03 -2.07 38.85
N GLU D 101 -12.03 -1.45 39.48
CA GLU D 101 -12.16 -0.94 40.85
C GLU D 101 -11.92 0.58 40.83
N GLY D 102 -12.25 1.27 41.91
CA GLY D 102 -12.14 2.74 41.96
C GLY D 102 -13.06 3.51 41.02
N GLN D 103 -12.70 4.75 40.68
CA GLN D 103 -13.61 5.70 40.03
C GLN D 103 -13.17 6.01 38.57
N SER D 104 -12.01 5.48 38.19
CA SER D 104 -11.48 5.53 36.82
C SER D 104 -11.20 4.19 36.15
N ARG D 105 -11.58 4.09 34.87
CA ARG D 105 -11.37 2.84 34.12
C ARG D 105 -10.02 2.81 33.39
N THR D 106 -9.30 3.94 33.43
CA THR D 106 -7.93 4.03 32.92
C THR D 106 -6.87 4.37 33.96
N SER D 107 -5.65 3.88 33.71
N SER D 107 -5.65 3.95 33.67
CA SER D 107 -4.50 4.07 34.62
CA SER D 107 -4.51 4.31 34.50
C SER D 107 -3.17 3.87 33.93
C SER D 107 -3.18 3.95 33.88
N ALA D 108 -2.11 4.50 34.45
CA ALA D 108 -0.74 4.08 34.15
C ALA D 108 -0.22 3.52 35.43
N ASP D 109 -0.05 2.21 35.43
CA ASP D 109 0.24 1.45 36.63
C ASP D 109 1.71 1.00 36.56
N ILE D 110 2.33 0.89 37.72
CA ILE D 110 3.58 0.18 37.84
C ILE D 110 3.34 -0.97 38.80
N ASP D 111 3.55 -2.19 38.31
CA ASP D 111 3.53 -3.37 39.15
C ASP D 111 4.95 -3.53 39.70
N ALA D 112 5.12 -3.07 40.94
CA ALA D 112 6.44 -2.91 41.50
C ALA D 112 7.11 -4.23 41.84
N VAL D 113 8.39 -4.28 41.53
N VAL D 113 8.39 -4.33 41.56
CA VAL D 113 9.27 -5.36 41.92
CA VAL D 113 9.21 -5.45 42.11
C VAL D 113 10.13 -4.93 43.12
C VAL D 113 10.25 -4.96 43.10
N ALA D 114 10.57 -3.67 43.09
CA ALA D 114 11.45 -3.10 44.12
C ALA D 114 11.01 -1.69 44.41
N ILE D 115 11.00 -1.32 45.69
CA ILE D 115 10.73 0.04 46.10
C ILE D 115 11.68 0.34 47.25
N GLY D 116 12.27 1.52 47.24
CA GLY D 116 13.05 1.96 48.39
C GLY D 116 12.97 3.45 48.63
N HIS D 117 13.15 3.85 49.88
CA HIS D 117 13.32 5.25 50.19
C HIS D 117 14.58 5.74 49.55
N ASP D 118 14.52 6.87 48.86
CA ASP D 118 15.66 7.37 48.09
C ASP D 118 16.62 8.13 49.01
N LEU D 119 17.80 7.58 49.20
CA LEU D 119 18.84 8.19 50.03
C LEU D 119 19.42 9.47 49.44
N ALA D 120 19.09 9.79 48.19
CA ALA D 120 19.61 11.03 47.58
C ALA D 120 18.91 12.26 48.10
N ARG D 121 17.70 12.08 48.62
CA ARG D 121 16.80 13.19 48.88
C ARG D 121 16.21 13.01 50.29
N SER E 12 -22.38 4.93 0.41
CA SER E 12 -22.46 4.59 -1.05
C SER E 12 -23.88 4.67 -1.61
N MET E 13 -24.03 5.19 -2.82
CA MET E 13 -25.32 5.24 -3.46
C MET E 13 -25.26 5.01 -4.99
N ASN E 14 -26.40 4.55 -5.44
CA ASN E 14 -26.67 4.38 -6.84
C ASN E 14 -25.74 3.41 -7.56
N GLU E 15 -25.35 2.36 -6.86
CA GLU E 15 -24.70 1.22 -7.48
C GLU E 15 -25.83 0.42 -8.14
N ILE E 16 -25.48 -0.25 -9.20
CA ILE E 16 -26.45 -1.08 -9.90
C ILE E 16 -26.12 -2.51 -9.50
N MET E 17 -27.01 -3.12 -8.74
N MET E 17 -26.98 -3.13 -8.68
CA MET E 17 -26.88 -4.51 -8.38
CA MET E 17 -26.78 -4.53 -8.23
C MET E 17 -27.46 -5.34 -9.50
C MET E 17 -27.59 -5.49 -9.06
N ILE E 18 -26.93 -6.53 -9.61
CA ILE E 18 -27.60 -7.49 -10.49
C ILE E 18 -27.35 -8.88 -9.96
N CYS E 19 -28.26 -9.76 -10.36
CA CYS E 19 -28.17 -11.14 -10.05
C CYS E 19 -28.25 -11.85 -11.37
N ALA E 20 -27.23 -12.63 -11.65
CA ALA E 20 -27.06 -13.29 -12.96
C ALA E 20 -26.93 -14.80 -12.70
N VAL E 21 -27.73 -15.57 -13.44
CA VAL E 21 -27.73 -17.01 -13.34
C VAL E 21 -27.26 -17.58 -14.68
N GLY E 22 -26.11 -18.23 -14.67
CA GLY E 22 -25.53 -18.66 -15.90
C GLY E 22 -24.52 -19.76 -15.71
N ASN E 23 -23.61 -19.88 -16.68
CA ASN E 23 -22.57 -20.88 -16.62
C ASN E 23 -21.19 -20.26 -16.73
N VAL E 24 -20.25 -20.85 -15.99
CA VAL E 24 -18.85 -20.48 -16.08
C VAL E 24 -18.38 -20.82 -17.49
N ALA E 25 -17.87 -19.81 -18.19
CA ALA E 25 -17.59 -19.93 -19.62
C ALA E 25 -16.11 -20.07 -19.94
N THR E 26 -15.26 -19.68 -19.00
CA THR E 26 -13.80 -19.78 -19.12
C THR E 26 -13.26 -20.30 -17.82
N THR E 27 -12.10 -20.96 -17.88
CA THR E 27 -11.46 -21.43 -16.67
C THR E 27 -11.09 -20.20 -15.83
N PRO E 28 -11.53 -20.15 -14.56
CA PRO E 28 -11.15 -19.02 -13.71
C PRO E 28 -9.65 -18.84 -13.59
N VAL E 29 -9.26 -17.57 -13.45
CA VAL E 29 -7.88 -17.17 -13.29
C VAL E 29 -7.71 -16.54 -11.91
N PHE E 30 -6.78 -17.10 -11.12
CA PHE E 30 -6.47 -16.60 -9.81
C PHE E 30 -5.19 -15.77 -9.87
N ARG E 31 -5.22 -14.63 -9.22
CA ARG E 31 -4.05 -13.73 -9.12
C ARG E 31 -3.88 -13.19 -7.73
N ASP E 32 -2.66 -13.30 -7.20
CA ASP E 32 -2.35 -12.71 -5.92
C ASP E 32 -1.86 -11.28 -6.21
N LEU E 33 -2.66 -10.31 -5.83
CA LEU E 33 -2.34 -8.89 -5.99
C LEU E 33 -1.82 -8.37 -4.68
N ALA E 34 -1.21 -7.18 -4.72
CA ALA E 34 -0.74 -6.54 -3.50
C ALA E 34 -1.93 -6.29 -2.55
N ASN E 35 -3.11 -6.06 -3.13
N ASN E 35 -3.12 -6.03 -3.12
CA ASN E 35 -4.31 -5.83 -2.37
CA ASN E 35 -4.32 -5.78 -2.28
C ASN E 35 -4.99 -7.08 -1.84
C ASN E 35 -5.10 -7.07 -1.97
N GLY E 36 -4.52 -8.24 -2.27
CA GLY E 36 -5.08 -9.52 -1.85
C GLY E 36 -5.47 -10.45 -2.99
N PRO E 37 -6.07 -11.60 -2.67
CA PRO E 37 -6.43 -12.54 -3.73
C PRO E 37 -7.52 -12.00 -4.66
N SER E 38 -7.45 -12.43 -5.91
N SER E 38 -7.44 -12.41 -5.91
CA SER E 38 -8.41 -12.03 -6.91
CA SER E 38 -8.44 -12.01 -6.89
C SER E 38 -8.68 -13.19 -7.81
C SER E 38 -8.69 -13.20 -7.82
N VAL E 39 -9.92 -13.32 -8.25
N VAL E 39 -9.94 -13.35 -8.24
CA VAL E 39 -10.25 -14.29 -9.26
CA VAL E 39 -10.30 -14.37 -9.24
C VAL E 39 -11.17 -13.65 -10.28
C VAL E 39 -11.19 -13.69 -10.28
N ARG E 40 -11.02 -14.07 -11.54
CA ARG E 40 -11.89 -13.62 -12.60
C ARG E 40 -12.28 -14.79 -13.46
N PHE E 41 -13.49 -14.71 -13.99
CA PHE E 41 -13.96 -15.69 -14.99
C PHE E 41 -15.07 -15.09 -15.82
N ARG E 42 -15.26 -15.65 -17.00
CA ARG E 42 -16.33 -15.23 -17.88
C ARG E 42 -17.59 -16.02 -17.51
N LEU E 43 -18.71 -15.31 -17.48
CA LEU E 43 -20.02 -15.88 -17.17
C LEU E 43 -20.92 -15.69 -18.37
N ALA E 44 -21.54 -16.77 -18.81
CA ALA E 44 -22.48 -16.78 -19.92
C ALA E 44 -23.90 -16.94 -19.37
N VAL E 45 -24.73 -15.97 -19.65
CA VAL E 45 -26.12 -15.96 -19.18
C VAL E 45 -27.04 -15.96 -20.40
N THR E 46 -27.69 -17.09 -20.66
CA THR E 46 -28.49 -17.26 -21.88
C THR E 46 -29.98 -17.20 -21.53
N ALA E 47 -30.67 -16.20 -22.09
CA ALA E 47 -32.12 -16.12 -21.97
C ALA E 47 -32.72 -17.23 -22.82
N ARG E 48 -33.87 -17.72 -22.37
CA ARG E 48 -34.58 -18.79 -23.09
C ARG E 48 -36.05 -18.42 -23.20
N TYR E 49 -36.70 -18.92 -24.24
CA TYR E 49 -38.12 -18.64 -24.46
C TYR E 49 -38.83 -19.89 -24.88
N TRP E 50 -40.08 -20.00 -24.46
CA TRP E 50 -40.91 -21.16 -24.77
C TRP E 50 -41.39 -21.06 -26.18
N ASP E 51 -41.11 -22.08 -26.97
CA ASP E 51 -41.55 -22.10 -28.35
C ASP E 51 -42.86 -22.85 -28.40
N ARG E 52 -43.92 -22.12 -28.73
CA ARG E 52 -45.25 -22.67 -28.95
C ARG E 52 -45.35 -23.36 -30.32
N GLU E 53 -44.71 -22.78 -31.33
CA GLU E 53 -44.78 -23.32 -32.70
C GLU E 53 -43.98 -24.63 -32.82
N LYS E 54 -43.07 -24.86 -31.86
CA LYS E 54 -42.42 -26.14 -31.65
C LYS E 54 -42.83 -26.53 -30.21
N ASN E 55 -42.10 -27.40 -29.50
CA ASN E 55 -42.49 -27.73 -28.12
C ASN E 55 -41.30 -27.84 -27.16
N ALA E 56 -40.62 -26.71 -26.96
CA ALA E 56 -39.54 -26.70 -25.95
C ALA E 56 -38.98 -25.30 -25.73
N TRP E 57 -37.97 -25.23 -24.86
CA TRP E 57 -37.22 -23.99 -24.64
C TRP E 57 -36.26 -23.78 -25.77
N THR E 58 -36.20 -22.54 -26.28
CA THR E 58 -35.23 -22.18 -27.31
C THR E 58 -34.35 -21.03 -26.81
N ASP E 59 -33.06 -21.08 -27.11
CA ASP E 59 -32.09 -20.07 -26.65
C ASP E 59 -32.30 -18.74 -27.33
N GLY E 60 -32.25 -17.67 -26.53
CA GLY E 60 -32.24 -16.32 -27.02
C GLY E 60 -30.84 -15.74 -26.92
N HIS E 61 -30.76 -14.46 -26.58
CA HIS E 61 -29.48 -13.77 -26.49
C HIS E 61 -28.67 -14.27 -25.30
N THR E 62 -27.36 -14.41 -25.51
CA THR E 62 -26.43 -14.67 -24.42
C THR E 62 -25.69 -13.38 -24.00
N ASN E 63 -25.85 -13.02 -22.72
CA ASN E 63 -25.09 -11.96 -22.09
C ASN E 63 -23.80 -12.57 -21.55
N PHE E 64 -22.67 -11.98 -21.91
CA PHE E 64 -21.37 -12.36 -21.33
C PHE E 64 -20.89 -11.26 -20.38
N PHE E 65 -20.47 -11.71 -19.20
CA PHE E 65 -19.91 -10.84 -18.18
C PHE E 65 -18.56 -11.36 -17.75
N THR E 66 -17.70 -10.45 -17.32
CA THR E 66 -16.51 -10.82 -16.59
C THR E 66 -16.80 -10.65 -15.12
N VAL E 67 -16.73 -11.75 -14.39
CA VAL E 67 -17.01 -11.74 -12.95
C VAL E 67 -15.69 -11.66 -12.20
N TRP E 68 -15.63 -10.74 -11.26
CA TRP E 68 -14.46 -10.52 -10.40
C TRP E 68 -14.82 -10.79 -8.95
N ALA E 69 -13.95 -11.50 -8.27
CA ALA E 69 -14.10 -11.71 -6.83
C ALA E 69 -12.81 -11.42 -6.13
N ASN E 70 -12.89 -11.01 -4.87
N ASN E 70 -12.91 -11.03 -4.86
CA ASN E 70 -11.70 -10.76 -4.06
CA ASN E 70 -11.77 -10.76 -4.04
C ASN E 70 -11.84 -11.40 -2.68
C ASN E 70 -11.85 -11.43 -2.69
N ARG E 71 -10.76 -11.34 -1.93
CA ARG E 71 -10.73 -11.80 -0.54
C ARG E 71 -11.19 -13.26 -0.42
N GLN E 72 -11.99 -13.60 0.59
CA GLN E 72 -12.36 -15.00 0.84
C GLN E 72 -13.20 -15.60 -0.28
N LEU E 73 -14.05 -14.80 -0.90
CA LEU E 73 -14.79 -15.29 -2.08
C LEU E 73 -13.84 -15.73 -3.19
N ALA E 74 -12.79 -14.97 -3.45
CA ALA E 74 -11.82 -15.38 -4.46
C ALA E 74 -11.11 -16.67 -4.09
N THR E 75 -10.67 -16.77 -2.83
CA THR E 75 -9.97 -17.97 -2.37
C THR E 75 -10.86 -19.20 -2.53
N ASN E 76 -12.10 -19.07 -2.09
CA ASN E 76 -13.06 -20.18 -2.18
C ASN E 76 -13.45 -20.51 -3.63
N ALA E 77 -13.70 -19.50 -4.43
CA ALA E 77 -14.03 -19.70 -5.85
C ALA E 77 -12.89 -20.37 -6.63
N SER E 78 -11.64 -20.04 -6.30
CA SER E 78 -10.49 -20.59 -7.01
C SER E 78 -10.40 -22.09 -6.90
N GLY E 79 -10.92 -22.64 -5.80
CA GLY E 79 -10.94 -24.09 -5.60
C GLY E 79 -12.20 -24.82 -6.03
N SER E 80 -13.21 -24.07 -6.42
CA SER E 80 -14.58 -24.59 -6.59
C SER E 80 -15.17 -24.49 -7.99
N LEU E 81 -14.78 -23.48 -8.77
CA LEU E 81 -15.40 -23.21 -10.07
C LEU E 81 -14.61 -23.71 -11.27
N ALA E 82 -15.32 -24.37 -12.19
CA ALA E 82 -14.75 -24.85 -13.44
C ALA E 82 -15.68 -24.54 -14.63
N VAL E 83 -15.11 -24.55 -15.84
CA VAL E 83 -15.89 -24.36 -17.05
C VAL E 83 -17.08 -25.30 -17.09
N GLY E 84 -18.22 -24.71 -17.45
CA GLY E 84 -19.48 -25.44 -17.53
C GLY E 84 -20.34 -25.39 -16.29
N ASP E 85 -19.76 -25.01 -15.15
CA ASP E 85 -20.51 -25.03 -13.89
C ASP E 85 -21.67 -24.02 -13.93
N PRO E 86 -22.89 -24.46 -13.61
CA PRO E 86 -24.00 -23.51 -13.42
C PRO E 86 -23.88 -22.77 -12.10
N VAL E 87 -23.92 -21.44 -12.15
CA VAL E 87 -23.72 -20.62 -10.97
C VAL E 87 -24.75 -19.50 -10.91
N VAL E 88 -24.97 -19.03 -9.69
CA VAL E 88 -25.71 -17.80 -9.41
C VAL E 88 -24.72 -16.79 -8.86
N VAL E 89 -24.73 -15.60 -9.44
CA VAL E 89 -23.79 -14.52 -9.09
C VAL E 89 -24.60 -13.29 -8.76
N GLN E 90 -24.30 -12.71 -7.60
CA GLN E 90 -24.88 -11.41 -7.21
C GLN E 90 -23.73 -10.45 -7.08
N GLY E 91 -23.86 -9.26 -7.65
CA GLY E 91 -22.84 -8.27 -7.44
C GLY E 91 -23.14 -6.98 -8.15
N ARG E 92 -22.16 -6.09 -8.16
N ARG E 92 -22.16 -6.09 -8.16
CA ARG E 92 -22.33 -4.77 -8.71
CA ARG E 92 -22.33 -4.77 -8.71
C ARG E 92 -21.92 -4.76 -10.18
C ARG E 92 -21.92 -4.76 -10.18
N LEU E 93 -22.79 -4.24 -11.02
CA LEU E 93 -22.53 -4.15 -12.46
C LEU E 93 -21.68 -2.93 -12.79
N LYS E 94 -20.61 -3.17 -13.54
CA LYS E 94 -19.74 -2.09 -14.02
C LYS E 94 -19.57 -2.23 -15.51
N VAL E 95 -20.15 -1.28 -16.26
CA VAL E 95 -20.06 -1.23 -17.70
C VAL E 95 -18.87 -0.32 -17.98
N ARG E 96 -17.78 -0.91 -18.46
CA ARG E 96 -16.45 -0.24 -18.49
C ARG E 96 -16.03 0.11 -19.90
N THR E 97 -15.39 1.29 -20.02
CA THR E 97 -14.79 1.75 -21.27
C THR E 97 -13.31 2.24 -21.06
N ASP E 98 -12.73 1.96 -19.88
CA ASP E 98 -11.32 2.30 -19.64
C ASP E 98 -10.60 1.14 -18.90
N VAL E 99 -10.73 -0.03 -19.52
CA VAL E 99 -10.05 -1.22 -19.03
C VAL E 99 -8.60 -1.19 -19.49
N ARG E 100 -7.66 -1.30 -18.54
CA ARG E 100 -6.23 -1.12 -18.81
C ARG E 100 -5.38 -2.40 -18.72
N GLU E 101 -6.04 -3.55 -18.52
CA GLU E 101 -5.38 -4.85 -18.59
C GLU E 101 -6.03 -5.68 -19.69
N GLY E 102 -5.39 -6.77 -20.12
CA GLY E 102 -5.90 -7.59 -21.23
C GLY E 102 -5.93 -6.92 -22.58
N GLN E 103 -6.77 -7.40 -23.50
CA GLN E 103 -6.70 -7.03 -24.93
C GLN E 103 -7.94 -6.22 -25.39
N SER E 104 -8.89 -6.04 -24.47
CA SER E 104 -10.04 -5.15 -24.66
C SER E 104 -10.19 -4.02 -23.64
N ARG E 105 -10.51 -2.84 -24.13
CA ARG E 105 -10.67 -1.67 -23.27
C ARG E 105 -12.10 -1.51 -22.76
N THR E 106 -13.01 -2.36 -23.27
CA THR E 106 -14.40 -2.40 -22.80
C THR E 106 -14.80 -3.73 -22.20
N SER E 107 -15.76 -3.68 -21.28
CA SER E 107 -16.33 -4.90 -20.74
CA SER E 107 -16.23 -4.88 -20.60
C SER E 107 -17.58 -4.63 -19.92
N ALA E 108 -18.32 -5.71 -19.67
CA ALA E 108 -19.41 -5.66 -18.70
C ALA E 108 -18.96 -6.54 -17.58
N ASP E 109 -18.67 -5.93 -16.45
CA ASP E 109 -18.05 -6.61 -15.33
C ASP E 109 -19.12 -6.77 -14.23
N ILE E 110 -19.02 -7.85 -13.48
CA ILE E 110 -19.77 -7.97 -12.22
C ILE E 110 -18.75 -8.10 -11.09
N ASP E 111 -18.77 -7.14 -10.16
CA ASP E 111 -17.94 -7.21 -8.98
C ASP E 111 -18.73 -8.01 -7.95
N ALA E 112 -18.39 -9.29 -7.83
CA ALA E 112 -19.25 -10.21 -7.12
C ALA E 112 -19.21 -10.04 -5.62
N VAL E 113 -20.41 -10.14 -5.03
N VAL E 113 -20.39 -10.14 -5.01
CA VAL E 113 -20.60 -10.15 -3.59
CA VAL E 113 -20.49 -10.22 -3.53
C VAL E 113 -20.87 -11.59 -3.12
C VAL E 113 -20.94 -11.60 -3.06
N ALA E 114 -21.61 -12.35 -3.92
CA ALA E 114 -21.99 -13.73 -3.62
C ALA E 114 -21.93 -14.54 -4.90
N ILE E 115 -21.44 -15.77 -4.79
CA ILE E 115 -21.44 -16.72 -5.90
C ILE E 115 -21.79 -18.07 -5.29
N GLY E 116 -22.65 -18.80 -5.96
CA GLY E 116 -22.88 -20.20 -5.57
C GLY E 116 -23.14 -21.10 -6.74
N HIS E 117 -22.78 -22.38 -6.58
CA HIS E 117 -23.23 -23.39 -7.54
C HIS E 117 -24.73 -23.47 -7.51
N ASP E 118 -25.36 -23.45 -8.68
CA ASP E 118 -26.84 -23.39 -8.77
C ASP E 118 -27.43 -24.78 -8.60
N LEU E 119 -28.12 -24.97 -7.50
CA LEU E 119 -28.79 -26.25 -7.19
C LEU E 119 -29.96 -26.57 -8.13
N ALA E 120 -30.38 -25.61 -8.94
CA ALA E 120 -31.47 -25.87 -9.90
C ALA E 120 -31.03 -26.74 -11.07
N ARG E 121 -29.73 -26.75 -11.34
CA ARG E 121 -29.18 -27.32 -12.59
C ARG E 121 -28.00 -28.26 -12.26
N GLY E 122 -27.79 -28.48 -10.96
CA GLY E 122 -26.84 -29.49 -10.48
C GLY E 122 -26.89 -29.83 -8.98
N THR E 123 -26.44 -31.02 -8.60
CA THR E 123 -26.57 -31.45 -7.20
C THR E 123 -25.76 -30.58 -6.24
N MET F 13 -46.55 -8.26 -17.54
CA MET F 13 -46.00 -9.38 -16.71
C MET F 13 -45.83 -8.94 -15.24
N ASN F 14 -44.90 -8.04 -14.97
CA ASN F 14 -44.83 -7.36 -13.68
C ASN F 14 -44.63 -8.24 -12.44
N GLU F 15 -43.81 -9.24 -12.60
CA GLU F 15 -43.29 -9.96 -11.47
C GLU F 15 -42.20 -9.11 -10.83
N ILE F 16 -42.05 -9.25 -9.52
CA ILE F 16 -41.02 -8.55 -8.79
C ILE F 16 -39.92 -9.57 -8.46
N MET F 17 -38.75 -9.41 -9.09
N MET F 17 -38.75 -9.40 -9.06
CA MET F 17 -37.63 -10.31 -8.83
CA MET F 17 -37.62 -10.30 -8.81
C MET F 17 -36.89 -9.84 -7.57
C MET F 17 -36.88 -9.85 -7.56
N ILE F 18 -36.31 -10.80 -6.86
CA ILE F 18 -35.46 -10.50 -5.71
C ILE F 18 -34.26 -11.43 -5.69
N CYS F 19 -33.13 -10.90 -5.25
CA CYS F 19 -31.95 -11.71 -4.99
C CYS F 19 -31.58 -11.43 -3.55
N ALA F 20 -31.52 -12.48 -2.77
CA ALA F 20 -31.34 -12.40 -1.33
C ALA F 20 -30.18 -13.30 -0.94
N VAL F 21 -29.31 -12.78 -0.10
CA VAL F 21 -28.19 -13.53 0.43
C VAL F 21 -28.39 -13.64 1.94
N GLY F 22 -28.59 -14.85 2.43
CA GLY F 22 -28.86 -15.02 3.83
C GLY F 22 -28.52 -16.40 4.32
N ASN F 23 -29.15 -16.77 5.43
CA ASN F 23 -28.91 -18.07 6.04
C ASN F 23 -30.20 -18.87 6.18
N VAL F 24 -30.10 -20.16 5.97
CA VAL F 24 -31.20 -21.07 6.17
C VAL F 24 -31.56 -21.06 7.64
N ALA F 25 -32.83 -20.78 7.93
CA ALA F 25 -33.25 -20.50 9.31
C ALA F 25 -34.09 -21.64 9.91
N THR F 26 -34.67 -22.47 9.06
CA THR F 26 -35.44 -23.65 9.49
C THR F 26 -35.10 -24.84 8.62
N THR F 27 -35.32 -26.05 9.14
CA THR F 27 -35.02 -27.24 8.39
C THR F 27 -35.96 -27.28 7.21
N PRO F 28 -35.44 -27.52 6.00
CA PRO F 28 -36.34 -27.56 4.85
C PRO F 28 -37.36 -28.70 4.94
N VAL F 29 -38.56 -28.43 4.44
CA VAL F 29 -39.68 -29.36 4.43
C VAL F 29 -39.87 -29.76 2.98
N PHE F 30 -39.61 -31.04 2.69
CA PHE F 30 -39.70 -31.60 1.37
C PHE F 30 -40.93 -32.46 1.24
N ARG F 31 -41.65 -32.22 0.14
CA ARG F 31 -42.88 -32.97 -0.13
C ARG F 31 -42.81 -33.52 -1.52
N ASP F 32 -43.03 -34.83 -1.65
CA ASP F 32 -43.18 -35.43 -2.97
C ASP F 32 -44.66 -35.44 -3.31
N LEU F 33 -45.06 -34.53 -4.18
CA LEU F 33 -46.46 -34.45 -4.58
C LEU F 33 -46.61 -35.12 -5.93
N ALA F 34 -47.84 -35.46 -6.30
CA ALA F 34 -48.09 -36.01 -7.62
C ALA F 34 -47.66 -35.02 -8.73
N ASN F 35 -47.76 -33.71 -8.45
CA ASN F 35 -47.34 -32.64 -9.38
C ASN F 35 -45.84 -32.48 -9.45
N GLY F 36 -45.10 -33.11 -8.53
CA GLY F 36 -43.66 -33.00 -8.48
C GLY F 36 -43.15 -32.63 -7.11
N PRO F 37 -41.83 -32.68 -6.96
CA PRO F 37 -41.21 -32.34 -5.68
C PRO F 37 -41.38 -30.87 -5.31
N SER F 38 -41.47 -30.61 -4.02
CA SER F 38 -41.62 -29.26 -3.50
C SER F 38 -40.81 -29.15 -2.24
N VAL F 39 -40.19 -28.00 -2.02
CA VAL F 39 -39.51 -27.73 -0.77
C VAL F 39 -39.78 -26.33 -0.31
N ARG F 40 -39.84 -26.15 1.01
CA ARG F 40 -39.90 -24.82 1.59
C ARG F 40 -38.96 -24.73 2.77
N PHE F 41 -38.40 -23.52 2.97
CA PHE F 41 -37.60 -23.23 4.16
C PHE F 41 -37.62 -21.74 4.45
N ARG F 42 -37.29 -21.38 5.68
CA ARG F 42 -37.21 -19.99 6.09
C ARG F 42 -35.79 -19.49 5.84
N LEU F 43 -35.71 -18.28 5.30
CA LEU F 43 -34.44 -17.63 4.99
C LEU F 43 -34.35 -16.34 5.81
N ALA F 44 -33.23 -16.16 6.50
CA ALA F 44 -32.92 -14.96 7.27
C ALA F 44 -31.89 -14.13 6.54
N VAL F 45 -32.27 -12.89 6.17
CA VAL F 45 -31.39 -11.98 5.45
C VAL F 45 -31.13 -10.79 6.35
N THR F 46 -29.91 -10.71 6.88
CA THR F 46 -29.56 -9.72 7.88
C THR F 46 -28.68 -8.66 7.27
N ALA F 47 -29.16 -7.42 7.26
CA ALA F 47 -28.38 -6.28 6.81
C ALA F 47 -27.31 -6.01 7.85
N ARG F 48 -26.15 -5.53 7.40
CA ARG F 48 -25.03 -5.22 8.30
C ARG F 48 -24.49 -3.85 7.95
N TYR F 49 -23.93 -3.18 8.95
CA TYR F 49 -23.37 -1.85 8.73
C TYR F 49 -22.05 -1.72 9.45
N TRP F 50 -21.15 -0.95 8.83
CA TRP F 50 -19.80 -0.75 9.35
C TRP F 50 -19.86 0.24 10.47
N ASP F 51 -19.34 -0.17 11.62
CA ASP F 51 -19.27 0.72 12.76
C ASP F 51 -17.87 1.33 12.76
N ARG F 52 -17.81 2.63 12.51
CA ARG F 52 -16.54 3.35 12.45
C ARG F 52 -15.94 3.52 13.86
N GLU F 53 -16.80 3.48 14.89
CA GLU F 53 -16.37 3.56 16.32
C GLU F 53 -15.84 2.22 16.87
N LYS F 54 -16.54 1.14 16.56
CA LYS F 54 -16.19 -0.19 17.10
C LYS F 54 -15.27 -1.01 16.18
N ASN F 55 -15.06 -0.46 14.99
CA ASN F 55 -14.31 -1.05 13.88
C ASN F 55 -14.64 -2.50 13.55
N ALA F 56 -15.92 -2.74 13.32
CA ALA F 56 -16.37 -4.02 12.76
C ALA F 56 -17.80 -3.91 12.21
N TRP F 57 -18.30 -5.00 11.62
CA TRP F 57 -19.68 -5.05 11.11
C TRP F 57 -20.63 -5.25 12.26
N THR F 58 -21.73 -4.51 12.27
CA THR F 58 -22.81 -4.73 13.25
C THR F 58 -24.13 -5.04 12.54
N ASP F 59 -24.90 -5.97 13.12
CA ASP F 59 -26.17 -6.42 12.51
C ASP F 59 -27.25 -5.35 12.58
N GLY F 60 -27.96 -5.19 11.47
CA GLY F 60 -29.14 -4.34 11.39
C GLY F 60 -30.38 -5.20 11.35
N HIS F 61 -31.36 -4.77 10.56
CA HIS F 61 -32.63 -5.47 10.46
C HIS F 61 -32.50 -6.80 9.76
N THR F 62 -33.20 -7.82 10.27
CA THR F 62 -33.31 -9.11 9.58
C THR F 62 -34.66 -9.26 8.88
N ASN F 63 -34.60 -9.46 7.57
CA ASN F 63 -35.74 -9.84 6.78
C ASN F 63 -35.87 -11.35 6.76
N PHE F 64 -37.05 -11.85 7.10
CA PHE F 64 -37.37 -13.27 6.97
C PHE F 64 -38.30 -13.52 5.78
N PHE F 65 -37.93 -14.51 4.99
CA PHE F 65 -38.70 -14.98 3.87
C PHE F 65 -38.96 -16.46 3.99
N THR F 66 -40.11 -16.89 3.45
CA THR F 66 -40.31 -18.30 3.16
C THR F 66 -39.93 -18.54 1.72
N VAL F 67 -38.94 -19.41 1.52
CA VAL F 67 -38.47 -19.77 0.20
C VAL F 67 -39.14 -21.07 -0.25
N TRP F 68 -39.71 -21.05 -1.44
CA TRP F 68 -40.29 -22.20 -2.09
C TRP F 68 -39.54 -22.60 -3.31
N ALA F 69 -39.38 -23.89 -3.53
CA ALA F 69 -38.83 -24.39 -4.77
C ALA F 69 -39.55 -25.65 -5.25
N ASN F 70 -39.43 -25.91 -6.54
N ASN F 70 -39.39 -25.93 -6.54
CA ASN F 70 -40.03 -27.12 -7.15
CA ASN F 70 -39.98 -27.08 -7.17
C ASN F 70 -39.05 -27.83 -8.11
C ASN F 70 -39.03 -27.83 -8.10
N ARG F 71 -39.46 -29.01 -8.58
CA ARG F 71 -38.69 -29.78 -9.57
C ARG F 71 -37.27 -30.06 -9.10
N GLN F 72 -36.28 -29.97 -9.99
CA GLN F 72 -34.93 -30.37 -9.63
C GLN F 72 -34.36 -29.50 -8.53
N LEU F 73 -34.71 -28.22 -8.53
CA LEU F 73 -34.24 -27.34 -7.47
C LEU F 73 -34.70 -27.81 -6.09
N ALA F 74 -35.96 -28.28 -5.99
CA ALA F 74 -36.49 -28.77 -4.73
C ALA F 74 -35.73 -30.02 -4.31
N THR F 75 -35.53 -30.94 -5.23
CA THR F 75 -34.79 -32.18 -4.94
C THR F 75 -33.38 -31.89 -4.45
N ASN F 76 -32.68 -31.04 -5.18
CA ASN F 76 -31.29 -30.69 -4.82
C ASN F 76 -31.17 -29.89 -3.54
N ALA F 77 -32.05 -28.90 -3.35
CA ALA F 77 -32.06 -28.10 -2.09
C ALA F 77 -32.41 -28.94 -0.87
N SER F 78 -33.36 -29.86 -1.00
CA SER F 78 -33.70 -30.76 0.11
C SER F 78 -32.52 -31.60 0.60
N GLY F 79 -31.64 -31.98 -0.33
CA GLY F 79 -30.57 -32.89 0.00
C GLY F 79 -29.34 -32.19 0.52
N SER F 80 -29.28 -30.88 0.31
CA SER F 80 -28.06 -30.13 0.51
C SER F 80 -28.11 -29.10 1.64
N LEU F 81 -29.30 -28.57 1.92
CA LEU F 81 -29.44 -27.45 2.85
C LEU F 81 -29.76 -27.86 4.26
N ALA F 82 -29.14 -27.16 5.18
CA ALA F 82 -29.42 -27.32 6.60
C ALA F 82 -29.38 -25.99 7.30
N VAL F 83 -30.05 -25.93 8.45
CA VAL F 83 -30.07 -24.74 9.26
C VAL F 83 -28.67 -24.18 9.49
N GLY F 84 -28.54 -22.87 9.28
CA GLY F 84 -27.29 -22.15 9.39
C GLY F 84 -26.52 -21.91 8.09
N ASP F 85 -26.86 -22.66 7.05
CA ASP F 85 -26.12 -22.59 5.80
C ASP F 85 -26.28 -21.21 5.14
N PRO F 86 -25.16 -20.57 4.76
CA PRO F 86 -25.25 -19.35 3.95
C PRO F 86 -25.61 -19.67 2.50
N VAL F 87 -26.63 -19.00 1.99
CA VAL F 87 -27.13 -19.25 0.64
C VAL F 87 -27.43 -17.97 -0.09
N VAL F 88 -27.38 -18.06 -1.40
N VAL F 88 -27.39 -18.07 -1.40
CA VAL F 88 -27.88 -17.01 -2.30
CA VAL F 88 -27.86 -17.04 -2.33
C VAL F 88 -29.11 -17.53 -3.00
C VAL F 88 -29.12 -17.55 -2.98
N VAL F 89 -30.16 -16.73 -2.98
CA VAL F 89 -31.45 -17.11 -3.52
C VAL F 89 -31.92 -16.05 -4.51
N GLN F 90 -32.31 -16.48 -5.69
CA GLN F 90 -32.95 -15.61 -6.65
C GLN F 90 -34.34 -16.13 -6.96
N GLY F 91 -35.34 -15.25 -6.99
CA GLY F 91 -36.66 -15.67 -7.39
C GLY F 91 -37.68 -14.56 -7.34
N ARG F 92 -38.94 -14.94 -7.43
CA ARG F 92 -40.03 -13.98 -7.50
C ARG F 92 -40.58 -13.73 -6.10
N LEU F 93 -40.69 -12.46 -5.76
CA LEU F 93 -41.24 -12.07 -4.46
C LEU F 93 -42.75 -12.08 -4.46
N LYS F 94 -43.33 -12.74 -3.46
CA LYS F 94 -44.79 -12.75 -3.26
C LYS F 94 -45.09 -12.36 -1.82
N VAL F 95 -45.78 -11.25 -1.66
CA VAL F 95 -46.21 -10.78 -0.36
C VAL F 95 -47.60 -11.36 -0.16
N ARG F 96 -47.77 -12.17 0.89
CA ARG F 96 -49.05 -12.86 1.13
C ARG F 96 -49.71 -12.20 2.30
N THR F 97 -50.94 -11.73 2.10
CA THR F 97 -51.67 -10.97 3.12
C THR F 97 -52.94 -11.71 3.41
N ASP F 98 -53.19 -12.01 4.69
CA ASP F 98 -54.32 -12.86 5.07
C ASP F 98 -55.15 -12.04 6.04
N VAL F 99 -56.29 -11.45 5.60
CA VAL F 99 -57.17 -10.73 6.52
C VAL F 99 -58.21 -11.69 7.09
N ARG F 100 -58.26 -11.77 8.42
CA ARG F 100 -59.27 -12.52 9.12
C ARG F 100 -59.85 -11.65 10.25
N GLU F 101 -61.16 -11.44 10.27
CA GLU F 101 -61.80 -10.56 11.27
C GLU F 101 -61.13 -9.17 11.40
N GLY F 102 -60.78 -8.63 10.24
CA GLY F 102 -60.12 -7.33 10.13
C GLY F 102 -58.69 -7.25 10.64
N GLN F 103 -58.10 -8.42 10.88
CA GLN F 103 -56.78 -8.56 11.46
C GLN F 103 -55.89 -9.17 10.41
N SER F 104 -54.83 -8.45 10.01
CA SER F 104 -54.05 -8.81 8.81
C SER F 104 -52.69 -9.41 9.14
N ARG F 105 -52.45 -10.62 8.64
CA ARG F 105 -51.18 -11.29 8.84
C ARG F 105 -50.47 -11.18 7.50
N THR F 106 -49.36 -10.44 7.41
CA THR F 106 -48.54 -10.42 6.20
C THR F 106 -47.26 -11.23 6.36
N SER F 107 -46.83 -11.88 5.28
CA SER F 107 -45.57 -12.65 5.18
C SER F 107 -45.00 -12.50 3.77
N ALA F 108 -43.70 -12.73 3.65
CA ALA F 108 -43.00 -12.58 2.36
C ALA F 108 -42.44 -13.92 1.90
N ASP F 109 -42.83 -14.33 0.71
CA ASP F 109 -42.43 -15.60 0.10
C ASP F 109 -41.47 -15.27 -1.06
N ILE F 110 -40.51 -16.15 -1.30
CA ILE F 110 -39.71 -16.11 -2.53
C ILE F 110 -39.95 -17.42 -3.26
N ASP F 111 -40.49 -17.33 -4.46
CA ASP F 111 -40.61 -18.48 -5.32
C ASP F 111 -39.28 -18.58 -6.08
N ALA F 112 -38.44 -19.50 -5.61
CA ALA F 112 -37.05 -19.54 -6.06
C ALA F 112 -36.88 -20.10 -7.45
N VAL F 113 -36.00 -19.44 -8.19
N VAL F 113 -36.00 -19.45 -8.23
CA VAL F 113 -35.55 -19.88 -9.51
CA VAL F 113 -35.55 -20.00 -9.51
C VAL F 113 -34.15 -20.51 -9.39
C VAL F 113 -34.12 -20.51 -9.43
N ALA F 114 -33.33 -19.95 -8.51
CA ALA F 114 -31.95 -20.40 -8.29
C ALA F 114 -31.62 -20.28 -6.82
N ILE F 115 -30.91 -21.28 -6.31
CA ILE F 115 -30.43 -21.29 -4.95
C ILE F 115 -29.03 -21.92 -4.99
N GLY F 116 -28.09 -21.31 -4.27
CA GLY F 116 -26.78 -21.94 -4.09
C GLY F 116 -26.15 -21.67 -2.77
N HIS F 117 -25.29 -22.59 -2.31
CA HIS F 117 -24.48 -22.32 -1.15
C HIS F 117 -23.55 -21.17 -1.47
N ASP F 118 -23.46 -20.20 -0.58
CA ASP F 118 -22.66 -18.97 -0.86
C ASP F 118 -21.18 -19.19 -0.57
N LEU F 119 -20.38 -19.14 -1.64
CA LEU F 119 -18.93 -19.33 -1.54
C LEU F 119 -18.22 -18.15 -0.84
N ALA F 120 -18.93 -17.06 -0.58
CA ALA F 120 -18.32 -15.92 0.10
C ALA F 120 -18.17 -16.16 1.60
N ARG F 121 -18.96 -17.09 2.15
CA ARG F 121 -19.11 -17.26 3.60
C ARG F 121 -18.94 -18.76 3.98
N GLY F 122 -18.61 -19.54 2.98
CA GLY F 122 -18.23 -20.93 3.17
C GLY F 122 -17.56 -21.49 1.93
N SER G 12 -22.21 -0.33 4.54
CA SER G 12 -23.52 -1.08 4.54
C SER G 12 -23.49 -2.29 3.62
N MET G 13 -24.03 -3.41 4.10
CA MET G 13 -24.14 -4.58 3.28
C MET G 13 -25.44 -5.38 3.51
N ASN G 14 -25.76 -6.10 2.47
CA ASN G 14 -26.85 -7.02 2.43
C ASN G 14 -28.24 -6.41 2.67
N GLU G 15 -28.44 -5.21 2.15
CA GLU G 15 -29.78 -4.65 2.03
C GLU G 15 -30.41 -5.35 0.83
N ILE G 16 -31.71 -5.47 0.86
CA ILE G 16 -32.43 -6.04 -0.26
C ILE G 16 -33.07 -4.90 -1.02
N MET G 17 -32.56 -4.58 -2.21
CA MET G 17 -33.17 -3.55 -3.05
C MET G 17 -34.16 -4.17 -4.00
N ILE G 18 -35.30 -3.49 -4.15
N ILE G 18 -35.28 -3.51 -4.17
CA ILE G 18 -36.44 -3.98 -4.90
CA ILE G 18 -36.24 -4.00 -5.13
C ILE G 18 -36.87 -2.87 -5.87
C ILE G 18 -36.79 -2.86 -5.93
N CYS G 19 -37.35 -3.26 -7.05
CA CYS G 19 -38.02 -2.35 -7.94
C CYS G 19 -39.39 -2.92 -8.13
N ALA G 20 -40.39 -2.12 -7.80
CA ALA G 20 -41.79 -2.53 -7.82
C ALA G 20 -42.52 -1.59 -8.78
N VAL G 21 -43.28 -2.18 -9.71
CA VAL G 21 -44.03 -1.43 -10.70
C VAL G 21 -45.50 -1.72 -10.42
N GLY G 22 -46.23 -0.72 -9.94
CA GLY G 22 -47.61 -0.95 -9.55
C GLY G 22 -48.44 0.29 -9.57
N ASN G 23 -49.50 0.28 -8.79
CA ASN G 23 -50.43 1.39 -8.72
C ASN G 23 -50.57 1.89 -7.29
N VAL G 24 -50.69 3.19 -7.16
CA VAL G 24 -50.95 3.80 -5.86
C VAL G 24 -52.32 3.34 -5.39
N ALA G 25 -52.38 2.76 -4.19
CA ALA G 25 -53.59 2.11 -3.70
C ALA G 25 -54.32 2.90 -2.61
N THR G 26 -53.60 3.80 -1.95
CA THR G 26 -54.18 4.68 -0.94
C THR G 26 -53.63 6.09 -1.11
N THR G 27 -54.37 7.08 -0.66
CA THR G 27 -53.90 8.43 -0.77
C THR G 27 -52.68 8.60 0.10
N PRO G 28 -51.60 9.19 -0.43
CA PRO G 28 -50.43 9.41 0.39
C PRO G 28 -50.71 10.31 1.60
N VAL G 29 -50.11 9.95 2.73
CA VAL G 29 -50.32 10.65 4.01
C VAL G 29 -49.02 11.07 4.66
N PHE G 30 -49.11 12.12 5.46
CA PHE G 30 -47.94 12.73 6.06
C PHE G 30 -47.67 12.10 7.39
N ARG G 31 -46.39 11.93 7.72
CA ARG G 31 -45.95 11.47 9.03
C ARG G 31 -44.79 12.36 9.48
N ASP G 32 -44.93 12.94 10.68
CA ASP G 32 -43.88 13.81 11.26
C ASP G 32 -43.01 12.85 12.08
N LEU G 33 -41.88 12.38 11.55
CA LEU G 33 -41.03 11.44 12.27
C LEU G 33 -39.91 12.21 12.94
N ALA G 34 -39.26 11.58 13.91
CA ALA G 34 -38.10 12.19 14.55
C ALA G 34 -36.97 12.46 13.53
N ASN G 35 -36.89 11.61 12.50
CA ASN G 35 -35.90 11.74 11.41
C ASN G 35 -36.30 12.81 10.38
N GLY G 36 -37.51 13.37 10.49
CA GLY G 36 -37.97 14.41 9.57
C GLY G 36 -39.30 14.08 8.89
N PRO G 37 -39.79 15.02 8.06
CA PRO G 37 -41.09 14.81 7.42
C PRO G 37 -41.08 13.66 6.40
N SER G 38 -42.18 12.96 6.37
N SER G 38 -42.18 12.94 6.37
CA SER G 38 -42.25 11.75 5.57
CA SER G 38 -42.22 11.71 5.61
C SER G 38 -43.66 11.54 5.07
C SER G 38 -43.64 11.51 5.09
N VAL G 39 -43.72 10.67 4.09
N VAL G 39 -43.73 10.70 4.04
CA VAL G 39 -44.95 10.35 3.42
CA VAL G 39 -45.01 10.29 3.53
C VAL G 39 -45.02 8.82 3.29
C VAL G 39 -45.01 8.80 3.39
N ARG G 40 -46.20 8.26 3.46
CA ARG G 40 -46.41 6.83 3.20
C ARG G 40 -47.62 6.65 2.32
N PHE G 41 -47.57 5.62 1.49
CA PHE G 41 -48.71 5.19 0.72
C PHE G 41 -48.65 3.71 0.45
N ARG G 42 -49.80 3.13 0.17
CA ARG G 42 -49.87 1.71 -0.20
C ARG G 42 -49.70 1.56 -1.69
N LEU G 43 -48.93 0.56 -2.09
CA LEU G 43 -48.64 0.25 -3.47
C LEU G 43 -49.15 -1.15 -3.77
N ALA G 44 -49.93 -1.27 -4.83
CA ALA G 44 -50.47 -2.55 -5.31
C ALA G 44 -49.72 -2.97 -6.58
N VAL G 45 -49.06 -4.11 -6.53
CA VAL G 45 -48.27 -4.65 -7.65
C VAL G 45 -48.93 -5.94 -8.08
N THR G 46 -49.59 -5.91 -9.24
CA THR G 46 -50.39 -7.04 -9.72
C THR G 46 -49.65 -7.70 -10.88
N ALA G 47 -49.26 -8.96 -10.68
CA ALA G 47 -48.68 -9.76 -11.75
C ALA G 47 -49.80 -10.08 -12.75
N ARG G 48 -49.43 -10.21 -14.02
N ARG G 48 -49.43 -10.21 -14.02
CA ARG G 48 -50.39 -10.51 -15.08
CA ARG G 48 -50.39 -10.50 -15.09
C ARG G 48 -49.87 -11.66 -15.93
C ARG G 48 -49.88 -11.65 -15.92
N TYR G 49 -50.81 -12.44 -16.46
CA TYR G 49 -50.55 -13.71 -17.13
C TYR G 49 -51.21 -13.60 -18.50
N TRP G 50 -50.50 -13.95 -19.59
CA TRP G 50 -51.10 -14.00 -20.94
C TRP G 50 -51.87 -15.27 -21.14
N TRP G 57 -54.50 -10.26 -21.34
CA TRP G 57 -53.88 -10.32 -20.03
C TRP G 57 -54.90 -10.59 -18.96
N THR G 58 -54.57 -11.51 -18.05
CA THR G 58 -55.40 -11.75 -16.86
C THR G 58 -54.60 -11.53 -15.57
N ASP G 59 -55.24 -10.94 -14.57
CA ASP G 59 -54.56 -10.61 -13.31
C ASP G 59 -54.22 -11.86 -12.49
N GLY G 60 -53.01 -11.88 -11.96
CA GLY G 60 -52.59 -12.89 -11.01
C GLY G 60 -52.56 -12.30 -9.61
N HIS G 61 -51.58 -12.70 -8.83
CA HIS G 61 -51.46 -12.27 -7.44
C HIS G 61 -51.11 -10.81 -7.32
N THR G 62 -51.74 -10.12 -6.38
CA THR G 62 -51.37 -8.73 -6.04
C THR G 62 -50.53 -8.65 -4.76
N ASN G 63 -49.33 -8.12 -4.89
CA ASN G 63 -48.46 -7.82 -3.77
C ASN G 63 -48.78 -6.40 -3.29
N PHE G 64 -49.04 -6.25 -2.00
CA PHE G 64 -49.19 -4.92 -1.38
C PHE G 64 -47.97 -4.56 -0.55
N PHE G 65 -47.49 -3.34 -0.74
CA PHE G 65 -46.39 -2.78 0.01
C PHE G 65 -46.81 -1.46 0.61
N THR G 66 -46.20 -1.11 1.74
CA THR G 66 -46.26 0.25 2.24
C THR G 66 -44.98 0.94 1.82
N VAL G 67 -45.13 1.98 1.02
CA VAL G 67 -43.98 2.77 0.55
C VAL G 67 -43.78 3.99 1.43
N TRP G 68 -42.55 4.18 1.88
CA TRP G 68 -42.15 5.34 2.68
C TRP G 68 -41.17 6.19 1.94
N ALA G 69 -41.36 7.50 2.02
CA ALA G 69 -40.38 8.44 1.48
C ALA G 69 -40.14 9.58 2.44
N ASN G 70 -38.97 10.18 2.33
CA ASN G 70 -38.63 11.34 3.17
C ASN G 70 -38.00 12.45 2.35
N ARG G 71 -37.76 13.59 3.01
CA ARG G 71 -37.09 14.72 2.38
C ARG G 71 -37.80 15.15 1.07
N GLN G 72 -37.05 15.50 0.03
CA GLN G 72 -37.63 16.07 -1.17
C GLN G 72 -38.54 15.06 -1.88
N LEU G 73 -38.17 13.77 -1.85
CA LEU G 73 -39.03 12.75 -2.44
C LEU G 73 -40.41 12.73 -1.78
N ALA G 74 -40.47 12.87 -0.45
CA ALA G 74 -41.76 12.94 0.23
C ALA G 74 -42.56 14.15 -0.21
N THR G 75 -41.91 15.31 -0.24
CA THR G 75 -42.61 16.54 -0.62
C THR G 75 -43.18 16.41 -2.03
N ASN G 76 -42.34 15.95 -2.94
CA ASN G 76 -42.76 15.79 -4.33
C ASN G 76 -43.83 14.71 -4.50
N ALA G 77 -43.69 13.58 -3.82
CA ALA G 77 -44.70 12.50 -3.90
C ALA G 77 -46.06 12.95 -3.38
N SER G 78 -46.05 13.73 -2.32
CA SER G 78 -47.29 14.21 -1.72
C SER G 78 -48.08 15.10 -2.67
N GLY G 79 -47.39 15.84 -3.51
CA GLY G 79 -48.04 16.74 -4.47
C GLY G 79 -48.35 16.13 -5.83
N SER G 80 -47.83 14.95 -6.09
CA SER G 80 -47.87 14.36 -7.44
C SER G 80 -48.65 13.04 -7.56
N LEU G 81 -48.78 12.30 -6.46
CA LEU G 81 -49.43 10.99 -6.49
C LEU G 81 -50.85 10.98 -5.99
N ALA G 82 -51.67 10.20 -6.69
CA ALA G 82 -53.05 9.95 -6.28
C ALA G 82 -53.43 8.50 -6.51
N VAL G 83 -54.44 8.05 -5.80
CA VAL G 83 -54.94 6.70 -5.96
C VAL G 83 -55.21 6.37 -7.41
N GLY G 84 -54.73 5.21 -7.83
CA GLY G 84 -54.86 4.72 -9.20
C GLY G 84 -53.64 4.96 -10.09
N ASP G 85 -52.77 5.87 -9.69
CA ASP G 85 -51.62 6.24 -10.55
C ASP G 85 -50.65 5.06 -10.72
N PRO G 86 -50.27 4.74 -11.96
CA PRO G 86 -49.20 3.76 -12.18
C PRO G 86 -47.85 4.38 -11.87
N VAL G 87 -47.06 3.69 -11.04
CA VAL G 87 -45.79 4.20 -10.59
C VAL G 87 -44.73 3.12 -10.61
N VAL G 88 -43.48 3.57 -10.69
CA VAL G 88 -42.32 2.73 -10.48
CA VAL G 88 -42.29 2.74 -10.50
C VAL G 88 -41.64 3.18 -9.21
N VAL G 89 -41.35 2.23 -8.33
CA VAL G 89 -40.72 2.50 -7.05
C VAL G 89 -39.45 1.66 -6.94
N GLN G 90 -38.34 2.29 -6.63
CA GLN G 90 -37.11 1.58 -6.29
C GLN G 90 -36.77 1.90 -4.84
N GLY G 91 -36.44 0.88 -4.05
CA GLY G 91 -35.99 1.17 -2.69
C GLY G 91 -35.64 -0.09 -1.94
N ARG G 92 -35.44 0.07 -0.64
CA ARG G 92 -35.00 -1.02 0.22
C ARG G 92 -36.21 -1.72 0.82
N LEU G 93 -36.26 -3.03 0.67
CA LEU G 93 -37.35 -3.83 1.20
C LEU G 93 -37.11 -4.11 2.69
N LYS G 94 -38.14 -3.84 3.49
CA LYS G 94 -38.13 -4.18 4.93
C LYS G 94 -39.37 -4.98 5.24
N VAL G 95 -39.17 -6.24 5.57
CA VAL G 95 -40.23 -7.13 5.96
C VAL G 95 -40.32 -7.04 7.48
N ARG G 96 -41.47 -6.59 7.97
CA ARG G 96 -41.64 -6.32 9.41
C ARG G 96 -42.48 -7.44 9.94
N THR G 97 -42.01 -8.11 10.99
CA THR G 97 -42.63 -9.34 11.47
C THR G 97 -43.10 -9.20 12.89
N ARG G 105 -48.67 -5.49 13.48
CA ARG G 105 -47.63 -6.49 13.74
C ARG G 105 -46.68 -6.76 12.56
N THR G 106 -47.30 -6.72 11.38
CA THR G 106 -46.62 -7.07 10.13
C THR G 106 -46.87 -6.23 8.88
N SER G 107 -45.84 -6.17 8.02
CA SER G 107 -45.98 -5.49 6.75
C SER G 107 -44.77 -5.77 5.86
N ALA G 108 -44.92 -5.44 4.58
CA ALA G 108 -43.77 -5.37 3.66
C ALA G 108 -43.65 -3.90 3.29
N ASP G 109 -42.57 -3.29 3.73
CA ASP G 109 -42.33 -1.86 3.54
C ASP G 109 -41.26 -1.68 2.48
N ILE G 110 -41.38 -0.60 1.71
CA ILE G 110 -40.30 -0.17 0.82
C ILE G 110 -39.87 1.20 1.24
N ASP G 111 -38.61 1.34 1.64
CA ASP G 111 -38.03 2.62 1.93
C ASP G 111 -37.51 3.15 0.60
N ALA G 112 -38.29 4.06 0.02
CA ALA G 112 -38.07 4.46 -1.37
C ALA G 112 -36.87 5.34 -1.53
N VAL G 113 -36.11 5.04 -2.58
N VAL G 113 -36.10 5.07 -2.57
CA VAL G 113 -35.00 5.87 -3.05
CA VAL G 113 -35.03 5.99 -3.01
C VAL G 113 -35.45 6.69 -4.27
C VAL G 113 -35.40 6.69 -4.33
N ALA G 114 -36.26 6.08 -5.14
CA ALA G 114 -36.76 6.71 -6.38
C ALA G 114 -38.23 6.31 -6.56
N ILE G 115 -39.05 7.26 -6.97
CA ILE G 115 -40.43 7.02 -7.34
C ILE G 115 -40.72 7.85 -8.58
N GLY G 116 -41.39 7.26 -9.54
CA GLY G 116 -41.88 8.04 -10.69
C GLY G 116 -43.19 7.54 -11.22
N HIS G 117 -43.94 8.44 -11.82
CA HIS G 117 -45.10 8.04 -12.62
C HIS G 117 -44.62 7.19 -13.79
N ASP G 118 -45.24 6.05 -14.02
CA ASP G 118 -44.80 5.12 -15.06
C ASP G 118 -45.35 5.53 -16.42
N LEU G 119 -44.46 5.93 -17.30
CA LEU G 119 -44.82 6.33 -18.65
C LEU G 119 -45.33 5.17 -19.52
N ALA G 120 -45.16 3.94 -19.07
CA ALA G 120 -45.59 2.79 -19.87
C ALA G 120 -47.08 2.61 -19.86
N ARG G 121 -47.76 3.17 -18.86
CA ARG G 121 -49.16 2.83 -18.59
C ARG G 121 -50.09 3.98 -18.47
N GLY G 122 -51.41 3.71 -18.41
CA GLY G 122 -52.51 4.69 -18.21
C GLY G 122 -53.08 4.50 -16.81
N MET H 13 -36.71 -18.79 -17.86
CA MET H 13 -36.52 -17.71 -18.87
C MET H 13 -35.14 -17.01 -18.75
N ASN H 14 -34.66 -16.76 -17.53
CA ASN H 14 -33.30 -16.29 -17.30
C ASN H 14 -32.91 -14.96 -17.98
N GLU H 15 -33.87 -14.06 -18.01
N GLU H 15 -33.86 -14.06 -18.02
CA GLU H 15 -33.58 -12.70 -18.36
CA GLU H 15 -33.59 -12.69 -18.38
C GLU H 15 -32.94 -12.04 -17.13
C GLU H 15 -32.95 -12.04 -17.14
N ILE H 16 -32.08 -11.07 -17.37
CA ILE H 16 -31.44 -10.33 -16.31
C ILE H 16 -32.16 -8.98 -16.20
N MET H 17 -32.87 -8.78 -15.11
CA MET H 17 -33.60 -7.53 -14.90
C MET H 17 -32.64 -6.53 -14.28
N ILE H 18 -32.87 -5.26 -14.57
CA ILE H 18 -32.12 -4.19 -13.94
C ILE H 18 -33.04 -3.04 -13.64
N CYS H 19 -32.77 -2.34 -12.54
CA CYS H 19 -33.44 -1.08 -12.24
C CYS H 19 -32.32 -0.06 -12.07
N ALA H 20 -32.38 0.98 -12.88
CA ALA H 20 -31.31 1.98 -12.97
C ALA H 20 -31.93 3.35 -12.72
N VAL H 21 -31.30 4.12 -11.84
CA VAL H 21 -31.73 5.48 -11.57
C VAL H 21 -30.61 6.38 -12.07
N GLY H 22 -30.91 7.21 -13.06
CA GLY H 22 -29.89 8.05 -13.64
C GLY H 22 -30.48 9.22 -14.36
N ASN H 23 -29.70 9.75 -15.28
CA ASN H 23 -30.10 10.92 -16.05
C ASN H 23 -30.06 10.64 -17.53
N VAL H 24 -31.04 11.20 -18.22
CA VAL H 24 -31.06 11.17 -19.68
C VAL H 24 -29.85 11.94 -20.22
N ALA H 25 -29.02 11.28 -21.00
CA ALA H 25 -27.70 11.83 -21.40
C ALA H 25 -27.68 12.31 -22.83
N THR H 26 -28.63 11.86 -23.64
CA THR H 26 -28.78 12.30 -25.04
C THR H 26 -30.23 12.56 -25.34
N THR H 27 -30.49 13.42 -26.31
CA THR H 27 -31.87 13.69 -26.74
C THR H 27 -32.46 12.40 -27.29
N PRO H 28 -33.60 11.95 -26.75
CA PRO H 28 -34.23 10.74 -27.28
C PRO H 28 -34.57 10.83 -28.75
N VAL H 29 -34.47 9.69 -29.41
CA VAL H 29 -34.79 9.55 -30.83
C VAL H 29 -35.99 8.64 -30.99
N PHE H 30 -37.03 9.16 -31.65
CA PHE H 30 -38.26 8.41 -31.93
C PHE H 30 -38.30 7.97 -33.38
N ARG H 31 -38.66 6.70 -33.57
CA ARG H 31 -38.80 6.12 -34.90
C ARG H 31 -40.07 5.30 -34.97
N ASP H 32 -40.87 5.51 -36.02
CA ASP H 32 -42.04 4.68 -36.28
C ASP H 32 -41.59 3.52 -37.20
N LEU H 33 -41.55 2.33 -36.65
CA LEU H 33 -41.11 1.13 -37.37
C LEU H 33 -42.34 0.33 -37.77
N ALA H 34 -42.19 -0.62 -38.70
CA ALA H 34 -43.29 -1.50 -39.01
C ALA H 34 -43.76 -2.26 -37.75
N ASN H 35 -42.83 -2.54 -36.85
CA ASN H 35 -43.15 -3.23 -35.61
C ASN H 35 -43.79 -2.34 -34.55
N GLY H 36 -43.88 -1.04 -34.84
CA GLY H 36 -44.50 -0.08 -33.95
C GLY H 36 -43.57 1.04 -33.54
N PRO H 37 -44.02 1.91 -32.65
CA PRO H 37 -43.17 3.02 -32.20
C PRO H 37 -41.96 2.54 -31.41
N SER H 38 -40.88 3.30 -31.52
CA SER H 38 -39.64 2.95 -30.84
C SER H 38 -38.98 4.22 -30.40
N VAL H 39 -38.40 4.21 -29.21
CA VAL H 39 -37.59 5.35 -28.74
CA VAL H 39 -37.61 5.33 -28.76
C VAL H 39 -36.30 4.80 -28.16
N ARG H 40 -35.21 5.53 -28.34
CA ARG H 40 -33.95 5.18 -27.73
C ARG H 40 -33.32 6.43 -27.15
N PHE H 41 -32.62 6.25 -26.05
CA PHE H 41 -31.81 7.35 -25.48
C PHE H 41 -30.70 6.77 -24.62
N ARG H 42 -29.68 7.59 -24.38
CA ARG H 42 -28.57 7.19 -23.51
C ARG H 42 -28.88 7.57 -22.08
N LEU H 43 -28.59 6.67 -21.16
CA LEU H 43 -28.81 6.86 -19.72
C LEU H 43 -27.48 6.80 -19.00
N ALA H 44 -27.22 7.82 -18.18
CA ALA H 44 -26.01 7.88 -17.34
C ALA H 44 -26.38 7.60 -15.88
N VAL H 45 -25.80 6.54 -15.33
CA VAL H 45 -26.04 6.15 -13.94
C VAL H 45 -24.72 6.27 -13.19
N THR H 46 -24.64 7.26 -12.31
CA THR H 46 -23.40 7.55 -11.58
C THR H 46 -23.48 7.11 -10.13
N ALA H 47 -22.60 6.18 -9.75
CA ALA H 47 -22.48 5.76 -8.36
C ALA H 47 -21.81 6.89 -7.59
N ARG H 48 -22.15 7.00 -6.32
CA ARG H 48 -21.58 8.02 -5.44
C ARG H 48 -21.13 7.37 -4.16
N TYR H 49 -20.13 7.96 -3.52
CA TYR H 49 -19.64 7.43 -2.26
C TYR H 49 -19.36 8.56 -1.28
N TRP H 50 -19.58 8.27 0.00
CA TRP H 50 -19.42 9.25 1.06
C TRP H 50 -17.96 9.43 1.36
N ASP H 51 -17.49 10.67 1.32
CA ASP H 51 -16.08 10.99 1.60
C ASP H 51 -15.80 11.93 2.82
N ARG H 52 -14.51 12.16 3.13
CA ARG H 52 -14.10 12.83 4.38
C ARG H 52 -14.35 14.33 4.38
N GLU H 53 -14.26 14.93 3.19
CA GLU H 53 -14.86 16.25 2.99
C GLU H 53 -16.35 16.10 3.21
N ALA H 56 -21.11 15.12 1.93
CA ALA H 56 -19.88 15.03 1.14
C ALA H 56 -19.86 13.82 0.23
N TRP H 57 -20.83 13.75 -0.68
CA TRP H 57 -20.86 12.70 -1.70
C TRP H 57 -19.90 13.03 -2.80
N THR H 58 -19.13 12.03 -3.25
CA THR H 58 -18.24 12.20 -4.39
C THR H 58 -18.61 11.18 -5.48
N ASP H 59 -18.54 11.59 -6.74
CA ASP H 59 -18.91 10.72 -7.87
C ASP H 59 -17.90 9.61 -8.09
N GLY H 60 -18.41 8.40 -8.30
CA GLY H 60 -17.62 7.25 -8.67
C GLY H 60 -17.84 6.95 -10.14
N HIS H 61 -17.88 5.67 -10.46
CA HIS H 61 -18.02 5.23 -11.83
C HIS H 61 -19.38 5.57 -12.40
N THR H 62 -19.40 6.02 -13.65
CA THR H 62 -20.65 6.20 -14.40
C THR H 62 -20.86 5.03 -15.37
N ASN H 63 -21.98 4.32 -15.20
CA ASN H 63 -22.45 3.35 -16.16
C ASN H 63 -23.32 4.03 -17.20
N PHE H 64 -23.01 3.80 -18.46
CA PHE H 64 -23.85 4.27 -19.56
C PHE H 64 -24.62 3.10 -20.17
N PHE H 65 -25.90 3.33 -20.39
CA PHE H 65 -26.76 2.36 -21.05
C PHE H 65 -27.48 3.01 -22.21
N THR H 66 -27.73 2.22 -23.25
CA THR H 66 -28.69 2.63 -24.28
C THR H 66 -30.03 2.03 -23.90
N VAL H 67 -31.01 2.90 -23.66
CA VAL H 67 -32.33 2.49 -23.26
C VAL H 67 -33.26 2.48 -24.48
N TRP H 68 -33.94 1.36 -24.66
CA TRP H 68 -34.91 1.16 -25.74
C TRP H 68 -36.29 0.98 -25.19
N ALA H 69 -37.26 1.63 -25.80
CA ALA H 69 -38.67 1.47 -25.44
C ALA H 69 -39.50 1.29 -26.67
N ASN H 70 -40.61 0.58 -26.51
N ASN H 70 -40.62 0.60 -26.49
CA ASN H 70 -41.54 0.36 -27.62
CA ASN H 70 -41.55 0.36 -27.55
C ASN H 70 -42.98 0.58 -27.17
C ASN H 70 -42.99 0.59 -27.15
N ARG H 71 -43.89 0.53 -28.13
CA ARG H 71 -45.33 0.60 -27.88
C ARG H 71 -45.69 1.90 -27.10
N GLN H 72 -46.60 1.80 -26.14
CA GLN H 72 -47.09 3.00 -25.46
C GLN H 72 -46.00 3.71 -24.69
N LEU H 73 -45.06 2.97 -24.12
CA LEU H 73 -43.95 3.58 -23.42
C LEU H 73 -43.15 4.47 -24.37
N ALA H 74 -42.90 3.98 -25.58
CA ALA H 74 -42.17 4.82 -26.56
C ALA H 74 -42.94 6.09 -26.92
N THR H 75 -44.23 5.94 -27.19
CA THR H 75 -45.06 7.08 -27.52
C THR H 75 -45.03 8.11 -26.38
N ASN H 76 -45.25 7.64 -25.17
CA ASN H 76 -45.26 8.57 -24.03
C ASN H 76 -43.87 9.22 -23.75
N ALA H 77 -42.83 8.41 -23.84
CA ALA H 77 -41.50 8.89 -23.61
C ALA H 77 -41.10 9.96 -24.62
N SER H 78 -41.57 9.81 -25.85
CA SER H 78 -41.17 10.71 -26.92
C SER H 78 -41.64 12.13 -26.66
N GLY H 79 -42.71 12.27 -25.90
CA GLY H 79 -43.25 13.57 -25.53
C GLY H 79 -42.81 14.13 -24.19
N SER H 80 -42.05 13.34 -23.43
CA SER H 80 -41.78 13.61 -22.02
C SER H 80 -40.32 13.72 -21.60
N LEU H 81 -39.42 13.01 -22.29
CA LEU H 81 -38.02 12.94 -21.84
C LEU H 81 -37.07 13.86 -22.61
N ALA H 82 -36.20 14.52 -21.87
CA ALA H 82 -35.19 15.43 -22.43
C ALA H 82 -33.86 15.27 -21.71
N VAL H 83 -32.79 15.71 -22.34
CA VAL H 83 -31.46 15.66 -21.74
C VAL H 83 -31.46 16.32 -20.39
N GLY H 84 -30.84 15.63 -19.44
CA GLY H 84 -30.71 16.09 -18.07
C GLY H 84 -31.76 15.56 -17.13
N ASP H 85 -32.86 15.02 -17.65
CA ASP H 85 -33.95 14.56 -16.82
C ASP H 85 -33.52 13.39 -15.94
N PRO H 86 -33.75 13.48 -14.62
CA PRO H 86 -33.58 12.31 -13.76
C PRO H 86 -34.72 11.31 -13.95
N VAL H 87 -34.36 10.06 -14.20
CA VAL H 87 -35.35 9.04 -14.49
C VAL H 87 -35.01 7.74 -13.75
N VAL H 88 -36.06 6.96 -13.52
N VAL H 88 -36.06 6.96 -13.55
CA VAL H 88 -35.93 5.59 -13.04
CA VAL H 88 -35.96 5.59 -13.07
C VAL H 88 -36.37 4.67 -14.16
C VAL H 88 -36.35 4.69 -14.22
N VAL H 89 -35.52 3.69 -14.47
CA VAL H 89 -35.74 2.79 -15.60
C VAL H 89 -35.67 1.35 -15.08
N GLN H 90 -36.68 0.54 -15.43
CA GLN H 90 -36.66 -0.88 -15.13
C GLN H 90 -36.75 -1.61 -16.45
N GLY H 91 -35.92 -2.62 -16.64
CA GLY H 91 -36.06 -3.42 -17.85
C GLY H 91 -35.07 -4.56 -17.90
N ARG H 92 -34.95 -5.14 -19.08
CA ARG H 92 -34.06 -6.27 -19.29
C ARG H 92 -32.70 -5.81 -19.80
N LEU H 93 -31.65 -6.27 -19.15
CA LEU H 93 -30.28 -5.95 -19.54
C LEU H 93 -29.81 -6.81 -20.69
N LYS H 94 -29.23 -6.18 -21.69
CA LYS H 94 -28.61 -6.88 -22.80
C LYS H 94 -27.21 -6.32 -23.02
N VAL H 95 -26.22 -7.20 -22.84
CA VAL H 95 -24.82 -6.86 -23.07
C VAL H 95 -24.52 -7.21 -24.52
N ARG H 96 -24.04 -6.23 -25.29
CA ARG H 96 -23.89 -6.37 -26.75
C ARG H 96 -22.42 -6.13 -27.15
N THR H 97 -21.92 -6.84 -28.15
CA THR H 97 -20.59 -6.56 -28.73
C THR H 97 -20.80 -6.09 -30.14
N ASP H 98 -20.19 -4.97 -30.53
CA ASP H 98 -20.36 -4.41 -31.87
C ASP H 98 -19.10 -3.74 -32.33
N VAL H 99 -18.94 -3.50 -33.64
CA VAL H 99 -17.80 -2.73 -34.17
C VAL H 99 -18.16 -1.26 -34.34
N ARG H 100 -17.41 -0.41 -33.65
CA ARG H 100 -17.54 1.04 -33.77
C ARG H 100 -16.17 1.71 -33.83
N GLU H 101 -16.06 2.73 -34.67
CA GLU H 101 -14.77 3.36 -34.99
C GLU H 101 -13.69 2.29 -35.31
N GLY H 102 -14.15 1.24 -35.97
CA GLY H 102 -13.32 0.11 -36.37
C GLY H 102 -12.81 -0.85 -35.31
N GLN H 103 -13.38 -0.73 -34.11
CA GLN H 103 -12.96 -1.53 -32.92
C GLN H 103 -14.14 -2.34 -32.36
N SER H 104 -13.88 -3.56 -31.91
CA SER H 104 -14.93 -4.34 -31.27
C SER H 104 -15.07 -3.82 -29.85
N ARG H 105 -16.30 -3.50 -29.47
CA ARG H 105 -16.57 -2.79 -28.21
C ARG H 105 -17.80 -3.37 -27.54
N THR H 106 -17.71 -3.60 -26.24
CA THR H 106 -18.87 -4.06 -25.48
C THR H 106 -19.61 -2.88 -24.90
N SER H 107 -20.92 -3.00 -24.87
CA SER H 107 -21.85 -1.96 -24.41
C SER H 107 -23.09 -2.62 -23.79
N ALA H 108 -23.85 -1.83 -23.04
CA ALA H 108 -25.02 -2.32 -22.33
C ALA H 108 -26.31 -1.60 -22.78
N ASP H 109 -27.30 -2.39 -23.12
CA ASP H 109 -28.65 -1.92 -23.50
C ASP H 109 -29.60 -2.27 -22.35
N ILE H 110 -30.63 -1.46 -22.17
CA ILE H 110 -31.77 -1.84 -21.33
C ILE H 110 -33.00 -1.78 -22.23
N ASP H 111 -33.68 -2.91 -22.33
CA ASP H 111 -34.96 -2.98 -23.00
C ASP H 111 -36.00 -2.65 -21.93
N ALA H 112 -36.48 -1.41 -21.96
CA ALA H 112 -37.25 -0.87 -20.85
C ALA H 112 -38.66 -1.42 -20.81
N VAL H 113 -39.09 -1.73 -19.59
N VAL H 113 -39.12 -1.73 -19.61
CA VAL H 113 -40.45 -2.09 -19.27
CA VAL H 113 -40.58 -2.00 -19.40
C VAL H 113 -41.20 -0.90 -18.64
C VAL H 113 -41.25 -0.91 -18.59
N ALA H 114 -40.49 -0.14 -17.82
CA ALA H 114 -41.06 1.01 -17.07
C ALA H 114 -40.03 2.11 -17.06
N ILE H 115 -40.49 3.33 -17.26
CA ILE H 115 -39.64 4.52 -17.13
C ILE H 115 -40.50 5.59 -16.46
N GLY H 116 -39.90 6.32 -15.53
CA GLY H 116 -40.57 7.49 -14.97
C GLY H 116 -39.61 8.59 -14.62
N HIS H 117 -40.12 9.82 -14.62
CA HIS H 117 -39.38 10.94 -14.09
C HIS H 117 -39.23 10.72 -12.59
N ASP H 118 -38.02 10.87 -12.07
CA ASP H 118 -37.73 10.56 -10.67
C ASP H 118 -38.13 11.76 -9.81
N LEU H 119 -39.14 11.53 -8.97
CA LEU H 119 -39.63 12.54 -8.05
C LEU H 119 -38.64 12.86 -6.93
N ALA H 120 -37.58 12.08 -6.78
CA ALA H 120 -36.59 12.36 -5.72
C ALA H 120 -35.69 13.54 -6.06
N ARG H 121 -35.57 13.85 -7.35
CA ARG H 121 -34.55 14.77 -7.85
C ARG H 121 -35.21 15.82 -8.78
N GLY H 122 -36.54 15.74 -8.86
CA GLY H 122 -37.36 16.76 -9.50
C GLY H 122 -38.80 16.76 -8.97
N MET I 13 7.22 15.46 -15.44
CA MET I 13 7.58 16.51 -16.44
CA MET I 13 7.64 16.50 -16.44
C MET I 13 7.55 16.00 -17.89
N ASN I 14 7.79 14.72 -18.13
CA ASN I 14 7.51 14.10 -19.42
C ASN I 14 8.26 14.66 -20.65
N GLU I 15 9.51 15.01 -20.43
CA GLU I 15 10.41 15.29 -21.50
C GLU I 15 10.84 13.96 -22.07
N ILE I 16 11.12 13.95 -23.36
CA ILE I 16 11.60 12.76 -24.00
C ILE I 16 13.10 12.92 -24.23
N MET I 17 13.90 12.12 -23.52
CA MET I 17 15.34 12.14 -23.68
C MET I 17 15.72 11.24 -24.85
N ILE I 18 16.78 11.60 -25.53
CA ILE I 18 17.34 10.80 -26.57
C ILE I 18 18.86 10.83 -26.48
N CYS I 19 19.48 9.72 -26.85
CA CYS I 19 20.89 9.69 -27.05
C CYS I 19 21.10 9.22 -28.48
N ALA I 20 21.82 10.03 -29.23
CA ALA I 20 22.01 9.83 -30.68
C ALA I 20 23.52 9.80 -30.96
N VAL I 21 23.96 8.78 -31.70
CA VAL I 21 25.35 8.63 -32.10
C VAL I 21 25.40 8.77 -33.60
N GLY I 22 26.04 9.82 -34.09
CA GLY I 22 26.06 10.09 -35.51
C GLY I 22 27.20 10.94 -35.95
N ASN I 23 27.01 11.61 -37.09
CA ASN I 23 28.05 12.47 -37.65
C ASN I 23 27.54 13.87 -37.87
N VAL I 24 28.40 14.83 -37.59
CA VAL I 24 28.10 16.24 -37.86
C VAL I 24 27.91 16.39 -39.37
N ALA I 25 26.75 16.91 -39.78
CA ALA I 25 26.38 16.93 -41.20
C ALA I 25 26.47 18.32 -41.84
N THR I 26 26.48 19.36 -41.01
CA THR I 26 26.62 20.74 -41.48
C THR I 26 27.54 21.48 -40.55
N THR I 27 28.18 22.53 -41.06
CA THR I 27 29.06 23.34 -40.25
C THR I 27 28.23 24.01 -39.16
N PRO I 28 28.67 23.90 -37.91
CA PRO I 28 27.90 24.52 -36.85
C PRO I 28 27.83 26.05 -36.99
N VAL I 29 26.68 26.59 -36.60
CA VAL I 29 26.38 28.00 -36.66
C VAL I 29 26.35 28.49 -35.23
N PHE I 30 27.31 29.34 -34.89
CA PHE I 30 27.47 29.91 -33.57
C PHE I 30 27.00 31.35 -33.55
N ARG I 31 26.19 31.64 -32.53
CA ARG I 31 25.66 32.99 -32.35
C ARG I 31 25.90 33.44 -30.96
N ASP I 32 26.50 34.60 -30.81
CA ASP I 32 26.68 35.18 -29.51
C ASP I 32 25.52 36.13 -29.27
N LEU I 33 24.55 35.71 -28.48
CA LEU I 33 23.38 36.53 -28.22
C LEU I 33 23.55 37.19 -26.86
N ALA I 34 22.76 38.23 -26.60
CA ALA I 34 22.78 38.85 -25.29
C ALA I 34 22.39 37.84 -24.18
N ASN I 35 21.54 36.87 -24.53
CA ASN I 35 21.13 35.81 -23.59
C ASN I 35 22.16 34.70 -23.42
N GLY I 36 23.23 34.75 -24.21
CA GLY I 36 24.30 33.79 -24.11
C GLY I 36 24.61 33.13 -25.45
N PRO I 37 25.70 32.36 -25.46
CA PRO I 37 26.07 31.69 -26.70
C PRO I 37 25.06 30.62 -27.10
N SER I 38 24.94 30.42 -28.40
CA SER I 38 24.06 29.42 -28.96
C SER I 38 24.76 28.77 -30.14
N VAL I 39 24.57 27.47 -30.32
CA VAL I 39 25.03 26.80 -31.54
C VAL I 39 24.02 25.84 -32.05
N ARG I 40 23.96 25.68 -33.37
CA ARG I 40 23.14 24.65 -33.98
C ARG I 40 23.92 23.96 -35.08
N PHE I 41 23.63 22.67 -35.27
CA PHE I 41 24.17 21.90 -36.38
C PHE I 41 23.28 20.74 -36.71
N ARG I 42 23.40 20.22 -37.93
CA ARG I 42 22.67 19.04 -38.33
C ARG I 42 23.46 17.78 -37.97
N LEU I 43 22.74 16.78 -37.46
CA LEU I 43 23.32 15.51 -37.07
C LEU I 43 22.68 14.40 -37.89
N ALA I 44 23.52 13.57 -38.50
CA ALA I 44 23.10 12.41 -39.29
C ALA I 44 23.37 11.13 -38.50
N VAL I 45 22.31 10.38 -38.20
CA VAL I 45 22.40 9.16 -37.42
C VAL I 45 21.95 8.00 -38.31
N THR I 46 22.91 7.19 -38.72
CA THR I 46 22.67 6.14 -39.69
C THR I 46 22.71 4.79 -39.00
N ALA I 47 21.58 4.08 -39.06
CA ALA I 47 21.52 2.71 -38.59
C ALA I 47 22.28 1.84 -39.56
N ARG I 48 22.88 0.77 -39.05
CA ARG I 48 23.64 -0.17 -39.88
C ARG I 48 23.24 -1.58 -39.53
N TYR I 49 23.38 -2.49 -40.50
CA TYR I 49 23.02 -3.89 -40.30
C TYR I 49 24.06 -4.79 -40.92
N TRP I 50 24.27 -5.94 -40.28
CA TRP I 50 25.27 -6.90 -40.71
C TRP I 50 24.74 -7.67 -41.88
N ASP I 51 25.49 -7.67 -42.99
CA ASP I 51 25.10 -8.41 -44.18
C ASP I 51 25.81 -9.76 -44.20
N ARG I 52 25.03 -10.83 -44.25
CA ARG I 52 25.54 -12.20 -44.10
C ARG I 52 26.24 -12.72 -45.36
N GLU I 53 25.76 -12.30 -46.54
CA GLU I 53 26.39 -12.64 -47.84
C GLU I 53 27.63 -11.79 -48.14
N LYS I 54 27.51 -10.50 -47.87
CA LYS I 54 28.57 -9.57 -48.25
C LYS I 54 29.64 -9.46 -47.19
N ASN I 55 29.33 -10.00 -46.02
CA ASN I 55 30.19 -9.99 -44.84
C ASN I 55 30.77 -8.63 -44.44
N ALA I 56 29.88 -7.66 -44.29
CA ALA I 56 30.23 -6.36 -43.71
C ALA I 56 28.99 -5.59 -43.26
N TRP I 57 29.19 -4.40 -42.68
CA TRP I 57 28.07 -3.53 -42.28
C TRP I 57 27.52 -2.83 -43.48
N THR I 58 26.19 -2.76 -43.60
CA THR I 58 25.53 -1.99 -44.66
C THR I 58 24.61 -0.94 -44.04
N ASP I 59 24.57 0.26 -44.63
CA ASP I 59 23.78 1.37 -44.11
C ASP I 59 22.29 1.15 -44.28
N GLY I 60 21.53 1.46 -43.23
CA GLY I 60 20.08 1.49 -43.27
C GLY I 60 19.60 2.93 -43.30
N HIS I 61 18.50 3.19 -42.61
CA HIS I 61 17.88 4.51 -42.58
C HIS I 61 18.74 5.52 -41.85
N THR I 62 18.82 6.74 -42.38
CA THR I 62 19.45 7.87 -41.70
C THR I 62 18.42 8.81 -41.10
N ASN I 63 18.49 8.99 -39.78
CA ASN I 63 17.75 10.00 -39.09
C ASN I 63 18.54 11.28 -39.09
N PHE I 64 17.93 12.38 -39.51
CA PHE I 64 18.52 13.71 -39.37
C PHE I 64 17.85 14.50 -38.26
N PHE I 65 18.68 15.11 -37.43
CA PHE I 65 18.26 16.00 -36.37
C PHE I 65 18.96 17.35 -36.46
N THR I 66 18.29 18.38 -36.02
CA THR I 66 18.95 19.65 -35.74
C THR I 66 19.28 19.67 -34.26
N VAL I 67 20.57 19.76 -33.96
CA VAL I 67 21.05 19.84 -32.59
C VAL I 67 21.29 21.29 -32.18
N TRP I 68 20.74 21.65 -31.03
CA TRP I 68 20.92 22.94 -30.41
C TRP I 68 21.63 22.86 -29.11
N ALA I 69 22.53 23.80 -28.86
CA ALA I 69 23.15 23.91 -27.55
C ALA I 69 23.36 25.36 -27.13
N ASN I 70 23.52 25.54 -25.83
N ASN I 70 23.54 25.53 -25.82
CA ASN I 70 23.74 26.87 -25.25
CA ASN I 70 23.72 26.84 -25.20
C ASN I 70 24.85 26.87 -24.18
C ASN I 70 24.85 26.87 -24.17
N ARG I 71 25.19 28.08 -23.72
CA ARG I 71 26.17 28.26 -22.66
C ARG I 71 27.52 27.59 -23.00
N GLN I 72 28.17 26.95 -22.02
CA GLN I 72 29.52 26.44 -22.25
C GLN I 72 29.53 25.35 -23.31
N LEU I 73 28.48 24.55 -23.38
CA LEU I 73 28.40 23.52 -24.42
C LEU I 73 28.44 24.14 -25.81
N ALA I 74 27.73 25.26 -25.99
CA ALA I 74 27.73 25.95 -27.31
C ALA I 74 29.11 26.48 -27.63
N THR I 75 29.75 27.10 -26.67
CA THR I 75 31.11 27.63 -26.88
C THR I 75 32.07 26.51 -27.26
N ASN I 76 32.04 25.43 -26.48
CA ASN I 76 32.97 24.32 -26.71
C ASN I 76 32.71 23.57 -28.01
N ALA I 77 31.42 23.30 -28.30
CA ALA I 77 31.06 22.64 -29.56
C ALA I 77 31.42 23.48 -30.79
N SER I 78 31.25 24.79 -30.70
N SER I 78 31.22 24.78 -30.71
CA SER I 78 31.58 25.68 -31.83
CA SER I 78 31.57 25.64 -31.85
C SER I 78 33.06 25.63 -32.20
C SER I 78 33.07 25.51 -32.21
N GLY I 79 33.91 25.42 -31.19
CA GLY I 79 35.33 25.44 -31.42
C GLY I 79 35.88 24.11 -31.85
N SER I 80 35.12 23.05 -31.66
CA SER I 80 35.64 21.70 -31.78
C SER I 80 35.05 20.86 -32.91
N LEU I 81 33.82 21.16 -33.31
CA LEU I 81 33.11 20.32 -34.27
C LEU I 81 33.19 20.80 -35.70
N ALA I 82 33.37 19.84 -36.60
CA ALA I 82 33.36 20.09 -38.02
C ALA I 82 32.61 19.00 -38.75
N VAL I 83 32.17 19.33 -39.96
CA VAL I 83 31.49 18.36 -40.79
C VAL I 83 32.26 17.06 -40.90
N GLY I 84 31.55 15.95 -40.73
CA GLY I 84 32.11 14.61 -40.76
C GLY I 84 32.44 14.02 -39.41
N ASP I 85 32.53 14.84 -38.38
CA ASP I 85 33.00 14.36 -37.06
C ASP I 85 31.97 13.40 -36.45
N PRO I 86 32.43 12.23 -36.00
CA PRO I 86 31.53 11.36 -35.23
C PRO I 86 31.33 11.89 -33.82
N VAL I 87 30.06 12.00 -33.42
CA VAL I 87 29.72 12.55 -32.11
C VAL I 87 28.65 11.72 -31.43
N VAL I 88 28.63 11.83 -30.11
N VAL I 88 28.62 11.84 -30.10
CA VAL I 88 27.54 11.33 -29.28
CA VAL I 88 27.56 11.33 -29.25
C VAL I 88 26.82 12.53 -28.68
C VAL I 88 26.83 12.54 -28.70
N VAL I 89 25.50 12.54 -28.82
CA VAL I 89 24.67 13.64 -28.36
C VAL I 89 23.57 13.12 -27.44
N GLN I 90 23.43 13.72 -26.27
CA GLN I 90 22.33 13.43 -25.36
C GLN I 90 21.52 14.69 -25.15
N GLY I 91 20.21 14.60 -25.25
CA GLY I 91 19.39 15.78 -24.98
C GLY I 91 17.93 15.50 -25.13
N ARG I 92 17.15 16.57 -25.11
CA ARG I 92 15.70 16.47 -25.16
C ARG I 92 15.22 16.54 -26.61
N LEU I 93 14.39 15.58 -26.99
CA LEU I 93 13.84 15.53 -28.32
C LEU I 93 12.63 16.45 -28.45
N LYS I 94 12.65 17.28 -29.49
CA LYS I 94 11.52 18.17 -29.82
C LYS I 94 11.16 17.96 -31.28
N VAL I 95 9.97 17.43 -31.51
CA VAL I 95 9.43 17.25 -32.84
C VAL I 95 8.65 18.52 -33.13
N ARG I 96 9.07 19.24 -34.16
CA ARG I 96 8.53 20.56 -34.43
C ARG I 96 7.78 20.53 -35.75
N THR I 97 6.58 21.08 -35.74
CA THR I 97 5.69 21.03 -36.88
C THR I 97 5.34 22.45 -37.31
N ASP I 98 5.45 22.75 -38.60
CA ASP I 98 5.08 24.06 -39.15
C ASP I 98 3.93 23.79 -40.11
N VAL I 99 2.66 24.01 -39.73
CA VAL I 99 1.52 23.80 -40.64
C VAL I 99 1.17 25.12 -41.34
N ARG I 100 1.25 25.11 -42.67
CA ARG I 100 0.86 26.27 -43.47
C ARG I 100 0.00 25.81 -44.66
N GLU I 101 -1.18 26.39 -44.84
CA GLU I 101 -2.08 26.01 -45.94
C GLU I 101 -2.33 24.49 -46.03
N GLY I 102 -2.48 23.89 -44.86
CA GLY I 102 -2.70 22.46 -44.72
C GLY I 102 -1.54 21.53 -45.10
N GLN I 103 -0.35 22.12 -45.21
CA GLN I 103 0.86 21.40 -45.59
C GLN I 103 1.82 21.48 -44.41
N SER I 104 2.19 20.33 -43.84
CA SER I 104 3.11 20.31 -42.72
C SER I 104 4.55 20.27 -43.23
N ARG I 105 5.41 20.88 -42.44
CA ARG I 105 6.83 20.50 -42.46
C ARG I 105 7.10 20.03 -41.06
N THR I 106 7.42 18.75 -40.87
CA THR I 106 7.92 18.27 -39.57
C THR I 106 9.43 18.09 -39.60
N SER I 107 10.06 18.36 -38.46
CA SER I 107 11.51 18.25 -38.24
C SER I 107 11.76 17.82 -36.80
N ALA I 108 12.92 17.24 -36.56
CA ALA I 108 13.28 16.72 -35.24
C ALA I 108 14.50 17.48 -34.71
N ASP I 109 14.34 18.10 -33.57
CA ASP I 109 15.39 18.87 -32.90
C ASP I 109 15.85 18.07 -31.69
N ILE I 110 17.13 18.22 -31.35
CA ILE I 110 17.63 17.78 -30.05
C ILE I 110 18.16 19.01 -29.32
N ASP I 111 17.58 19.30 -28.17
CA ASP I 111 18.12 20.31 -27.29
C ASP I 111 19.17 19.62 -26.43
N ALA I 112 20.43 19.81 -26.81
CA ALA I 112 21.53 19.02 -26.26
C ALA I 112 21.87 19.41 -24.81
N VAL I 113 22.11 18.38 -24.01
CA VAL I 113 22.66 18.50 -22.66
C VAL I 113 24.15 18.13 -22.64
N ALA I 114 24.52 17.15 -23.47
CA ALA I 114 25.89 16.68 -23.56
C ALA I 114 26.21 16.38 -25.01
N ILE I 115 27.41 16.72 -25.44
CA ILE I 115 27.91 16.37 -26.75
C ILE I 115 29.39 16.01 -26.58
N GLY I 116 29.81 14.95 -27.25
CA GLY I 116 31.25 14.65 -27.29
C GLY I 116 31.68 13.99 -28.58
N HIS I 117 32.94 14.17 -28.95
CA HIS I 117 33.52 13.41 -30.03
C HIS I 117 33.52 11.95 -29.64
N ASP I 118 33.08 11.09 -30.56
CA ASP I 118 32.90 9.67 -30.22
C ASP I 118 34.22 8.91 -30.38
N LEU I 119 34.74 8.43 -29.25
CA LEU I 119 36.00 7.68 -29.23
C LEU I 119 35.90 6.31 -29.90
N ALA I 120 34.70 5.85 -30.23
CA ALA I 120 34.54 4.54 -30.88
C ALA I 120 34.93 4.59 -32.35
N ARG I 121 34.92 5.78 -32.94
CA ARG I 121 35.05 5.95 -34.40
C ARG I 121 36.12 7.02 -34.71
N GLY I 122 36.79 7.50 -33.66
CA GLY I 122 37.94 8.36 -33.80
C GLY I 122 38.69 8.44 -32.48
N MET J 13 15.17 -8.04 -29.07
CA MET J 13 16.37 -8.35 -28.28
C MET J 13 16.24 -7.95 -26.77
N ASN J 14 15.48 -6.90 -26.43
CA ASN J 14 15.23 -6.52 -25.04
C ASN J 14 16.48 -6.23 -24.20
N GLU J 15 17.44 -5.61 -24.86
CA GLU J 15 18.57 -5.04 -24.17
C GLU J 15 18.07 -3.73 -23.56
N ILE J 16 18.67 -3.34 -22.45
CA ILE J 16 18.35 -2.10 -21.80
C ILE J 16 19.48 -1.13 -22.12
N MET J 17 19.18 -0.13 -22.92
N MET J 17 19.22 -0.14 -22.99
CA MET J 17 20.15 0.89 -23.27
CA MET J 17 20.27 0.85 -23.37
C MET J 17 20.17 1.94 -22.17
C MET J 17 20.17 2.10 -22.48
N ILE J 18 21.32 2.56 -22.02
CA ILE J 18 21.44 3.64 -21.07
C ILE J 18 22.37 4.68 -21.65
N CYS J 19 22.10 5.94 -21.34
CA CYS J 19 23.02 7.00 -21.68
C CYS J 19 23.29 7.70 -20.35
N ALA J 20 24.55 7.74 -19.98
CA ALA J 20 24.98 8.25 -18.68
C ALA J 20 26.00 9.35 -18.91
N VAL J 21 25.80 10.46 -18.22
CA VAL J 21 26.70 11.59 -18.27
C VAL J 21 27.29 11.74 -16.88
N GLY J 22 28.60 11.58 -16.78
CA GLY J 22 29.22 11.57 -15.48
C GLY J 22 30.70 11.85 -15.55
N ASN J 23 31.41 11.43 -14.52
CA ASN J 23 32.85 11.60 -14.47
C ASN J 23 33.58 10.27 -14.28
N VAL J 24 34.72 10.18 -14.93
CA VAL J 24 35.61 9.03 -14.73
C VAL J 24 36.08 9.05 -13.28
N ALA J 25 35.85 7.96 -12.56
CA ALA J 25 36.05 7.96 -11.11
C ALA J 25 37.27 7.14 -10.67
N THR J 26 37.77 6.29 -11.56
CA THR J 26 38.98 5.53 -11.33
C THR J 26 39.83 5.59 -12.59
N THR J 27 41.14 5.44 -12.44
CA THR J 27 42.03 5.37 -13.59
C THR J 27 41.65 4.14 -14.42
N PRO J 28 41.35 4.35 -15.72
CA PRO J 28 41.04 3.20 -16.57
C PRO J 28 42.14 2.15 -16.61
N VAL J 29 41.70 0.91 -16.77
CA VAL J 29 42.59 -0.24 -16.87
C VAL J 29 42.44 -0.85 -18.25
N PHE J 30 43.55 -0.99 -18.94
CA PHE J 30 43.59 -1.62 -20.26
C PHE J 30 44.13 -3.04 -20.12
N ARG J 31 43.45 -3.96 -20.79
CA ARG J 31 43.84 -5.38 -20.81
C ARG J 31 43.73 -5.93 -22.22
N ASP J 32 44.77 -6.60 -22.67
CA ASP J 32 44.76 -7.28 -23.96
C ASP J 32 44.27 -8.71 -23.69
N LEU J 33 43.07 -9.00 -24.14
CA LEU J 33 42.46 -10.32 -23.95
C LEU J 33 42.60 -11.10 -25.24
N ALA J 34 42.37 -12.41 -25.17
CA ALA J 34 42.39 -13.21 -26.40
C ALA J 34 41.35 -12.72 -27.39
N ASN J 35 40.24 -12.17 -26.88
N ASN J 35 40.23 -12.18 -26.90
CA ASN J 35 39.19 -11.63 -27.70
CA ASN J 35 39.17 -11.65 -27.78
C ASN J 35 39.47 -10.24 -28.25
C ASN J 35 39.36 -10.16 -28.10
N GLY J 36 40.55 -9.61 -27.79
CA GLY J 36 40.94 -8.28 -28.23
C GLY J 36 41.12 -7.28 -27.10
N PRO J 37 41.34 -5.99 -27.44
CA PRO J 37 41.57 -5.00 -26.40
C PRO J 37 40.34 -4.75 -25.55
N SER J 38 40.57 -4.42 -24.30
CA SER J 38 39.49 -4.15 -23.36
C SER J 38 39.92 -3.02 -22.47
N VAL J 39 38.99 -2.14 -22.13
CA VAL J 39 39.24 -1.11 -21.11
C VAL J 39 38.06 -1.09 -20.15
N ARG J 40 38.34 -0.85 -18.88
CA ARG J 40 37.30 -0.69 -17.87
C ARG J 40 37.63 0.49 -17.00
N PHE J 41 36.59 1.16 -16.56
CA PHE J 41 36.72 2.26 -15.58
C PHE J 41 35.42 2.46 -14.84
N ARG J 42 35.52 3.07 -13.67
CA ARG J 42 34.35 3.39 -12.88
C ARG J 42 33.84 4.75 -13.31
N LEU J 43 32.52 4.85 -13.43
CA LEU J 43 31.85 6.09 -13.82
C LEU J 43 30.93 6.51 -12.70
N ALA J 44 31.04 7.77 -12.29
CA ALA J 44 30.19 8.37 -11.27
C ALA J 44 29.20 9.33 -11.93
N VAL J 45 27.91 9.05 -11.72
CA VAL J 45 26.85 9.86 -12.33
C VAL J 45 26.02 10.41 -11.17
N THR J 46 26.17 11.71 -10.93
CA THR J 46 25.55 12.35 -9.77
C THR J 46 24.35 13.19 -10.19
N ALA J 47 23.18 12.82 -9.67
CA ALA J 47 21.97 13.62 -9.91
C ALA J 47 22.10 14.90 -9.11
N ARG J 48 21.50 15.95 -9.61
CA ARG J 48 21.51 17.26 -8.93
C ARG J 48 20.11 17.82 -8.92
N TYR J 49 19.81 18.62 -7.90
CA TYR J 49 18.51 19.25 -7.82
C TYR J 49 18.65 20.71 -7.38
N TRP J 50 17.73 21.54 -7.87
CA TRP J 50 17.75 22.96 -7.61
C TRP J 50 17.21 23.26 -6.25
N ASN J 55 18.46 29.03 -5.17
CA ASN J 55 19.77 29.22 -4.53
C ASN J 55 20.92 28.68 -5.43
N ALA J 56 21.11 27.35 -5.46
CA ALA J 56 22.03 26.70 -6.40
C ALA J 56 21.71 25.22 -6.55
N TRP J 57 22.52 24.50 -7.34
CA TRP J 57 22.40 23.05 -7.51
C TRP J 57 22.98 22.36 -6.31
N THR J 58 22.27 21.34 -5.81
CA THR J 58 22.80 20.48 -4.74
C THR J 58 22.82 19.03 -5.19
N ASP J 59 23.86 18.30 -4.79
CA ASP J 59 24.05 16.90 -5.21
C ASP J 59 23.05 15.97 -4.55
N GLY J 60 22.49 15.08 -5.36
CA GLY J 60 21.66 13.99 -4.88
C GLY J 60 22.44 12.70 -4.90
N HIS J 61 21.77 11.62 -5.26
CA HIS J 61 22.38 10.30 -5.29
C HIS J 61 23.39 10.17 -6.40
N THR J 62 24.50 9.51 -6.10
CA THR J 62 25.48 9.14 -7.13
C THR J 62 25.33 7.66 -7.52
N ASN J 63 25.06 7.43 -8.80
CA ASN J 63 25.11 6.10 -9.38
C ASN J 63 26.54 5.81 -9.82
N PHE J 64 27.07 4.68 -9.39
CA PHE J 64 28.37 4.20 -9.87
C PHE J 64 28.17 2.99 -10.80
N PHE J 65 28.85 3.06 -11.93
CA PHE J 65 28.84 2.01 -12.93
C PHE J 65 30.25 1.59 -13.25
N THR J 66 30.41 0.34 -13.63
CA THR J 66 31.65 -0.10 -14.26
C THR J 66 31.41 -0.08 -15.75
N VAL J 67 32.19 0.74 -16.45
CA VAL J 67 32.07 0.88 -17.90
C VAL J 67 33.12 0.00 -18.58
N TRP J 68 32.67 -0.81 -19.52
CA TRP J 68 33.53 -1.69 -20.30
C TRP J 68 33.50 -1.31 -21.74
N ALA J 69 34.66 -1.30 -22.37
CA ALA J 69 34.77 -1.04 -23.79
C ALA J 69 35.66 -2.07 -24.43
N ASN J 70 35.44 -2.33 -25.70
N ASN J 70 35.44 -2.31 -25.71
CA ASN J 70 36.29 -3.26 -26.45
CA ASN J 70 36.25 -3.24 -26.47
C ASN J 70 36.65 -2.70 -27.82
C ASN J 70 36.67 -2.67 -27.81
N ARG J 71 37.53 -3.41 -28.51
CA ARG J 71 37.91 -3.09 -29.88
C ARG J 71 38.44 -1.64 -29.98
N GLN J 72 38.06 -0.92 -31.04
CA GLN J 72 38.67 0.40 -31.28
C GLN J 72 38.33 1.39 -30.18
N LEU J 73 37.13 1.27 -29.61
CA LEU J 73 36.76 2.14 -28.49
C LEU J 73 37.70 1.94 -27.31
N ALA J 74 38.05 0.70 -27.02
CA ALA J 74 39.01 0.44 -25.95
C ALA J 74 40.40 1.04 -26.25
N THR J 75 40.88 0.81 -27.45
CA THR J 75 42.18 1.34 -27.86
C THR J 75 42.20 2.87 -27.71
N ASN J 76 41.17 3.52 -28.24
CA ASN J 76 41.12 4.99 -28.19
C ASN J 76 40.92 5.52 -26.77
N ALA J 77 40.04 4.88 -26.01
CA ALA J 77 39.82 5.27 -24.62
C ALA J 77 41.08 5.16 -23.75
N SER J 78 41.89 4.13 -24.02
CA SER J 78 43.06 3.86 -23.21
C SER J 78 44.08 5.01 -23.27
N GLY J 79 44.06 5.76 -24.36
CA GLY J 79 44.91 6.93 -24.52
C GLY J 79 44.31 8.28 -24.16
N SER J 80 43.03 8.29 -23.84
CA SER J 80 42.24 9.52 -23.75
C SER J 80 41.57 9.81 -22.42
N LEU J 81 41.22 8.80 -21.66
CA LEU J 81 40.46 8.99 -20.42
C LEU J 81 41.28 8.95 -19.14
N ALA J 82 41.02 9.92 -18.25
CA ALA J 82 41.68 10.00 -16.94
C ALA J 82 40.68 10.34 -15.84
N VAL J 83 41.06 10.06 -14.59
N VAL J 83 41.05 10.05 -14.60
CA VAL J 83 40.21 10.38 -13.46
CA VAL J 83 40.20 10.34 -13.46
C VAL J 83 39.82 11.85 -13.50
C VAL J 83 39.82 11.82 -13.48
N GLY J 84 38.54 12.09 -13.24
CA GLY J 84 37.98 13.41 -13.23
C GLY J 84 37.34 13.85 -14.53
N ASP J 85 37.66 13.17 -15.64
CA ASP J 85 37.17 13.60 -16.95
C ASP J 85 35.63 13.49 -17.03
N PRO J 86 34.96 14.58 -17.39
CA PRO J 86 33.52 14.48 -17.70
C PRO J 86 33.28 13.78 -19.04
N VAL J 87 32.44 12.76 -19.01
CA VAL J 87 32.23 11.94 -20.20
C VAL J 87 30.74 11.66 -20.38
N VAL J 88 30.38 11.37 -21.62
CA VAL J 88 29.07 10.84 -21.98
C VAL J 88 29.28 9.42 -22.47
N VAL J 89 28.48 8.51 -21.91
CA VAL J 89 28.62 7.08 -22.22
C VAL J 89 27.24 6.56 -22.66
N GLN J 90 27.20 5.90 -23.80
CA GLN J 90 26.01 5.16 -24.24
C GLN J 90 26.35 3.69 -24.31
N GLY J 91 25.49 2.84 -23.77
CA GLY J 91 25.71 1.42 -23.94
C GLY J 91 24.64 0.60 -23.28
N ARG J 92 24.91 -0.71 -23.17
CA ARG J 92 23.95 -1.63 -22.66
C ARG J 92 24.15 -1.84 -21.16
N LEU J 93 23.09 -1.71 -20.40
CA LEU J 93 23.15 -1.91 -18.95
C LEU J 93 23.08 -3.40 -18.59
N LYS J 94 24.03 -3.84 -17.77
CA LYS J 94 24.05 -5.23 -17.25
C LYS J 94 24.19 -5.19 -15.73
N VAL J 95 23.14 -5.60 -15.04
CA VAL J 95 23.10 -5.67 -13.60
C VAL J 95 23.49 -7.11 -13.27
N ARG J 96 24.68 -7.27 -12.68
CA ARG J 96 25.35 -8.59 -12.60
C ARG J 96 25.41 -9.09 -11.19
N THR J 97 25.22 -10.41 -11.05
CA THR J 97 25.39 -11.10 -9.77
C THR J 97 26.30 -12.36 -9.89
N ASP J 98 27.04 -12.51 -11.00
CA ASP J 98 27.99 -13.63 -11.17
C ASP J 98 29.30 -13.16 -11.84
N VAL J 99 29.85 -12.13 -11.22
CA VAL J 99 31.13 -11.57 -11.66
C VAL J 99 32.24 -12.43 -11.10
N ARG J 100 33.10 -12.93 -11.97
CA ARG J 100 34.14 -13.90 -11.57
C ARG J 100 35.58 -13.34 -11.60
N GLU J 101 35.72 -12.04 -11.84
CA GLU J 101 37.02 -11.36 -11.80
C GLU J 101 36.94 -10.23 -10.75
N GLY J 102 38.06 -9.73 -10.25
CA GLY J 102 38.06 -8.73 -9.15
C GLY J 102 37.58 -9.22 -7.80
N GLN J 103 37.14 -8.31 -6.94
CA GLN J 103 36.88 -8.64 -5.51
C GLN J 103 35.38 -8.58 -5.14
N SER J 104 34.57 -8.18 -6.11
CA SER J 104 33.10 -8.22 -6.00
C SER J 104 32.38 -9.07 -7.02
N ARG J 105 31.40 -9.86 -6.55
CA ARG J 105 30.63 -10.73 -7.44
C ARG J 105 29.40 -10.03 -8.05
N THR J 106 29.14 -8.80 -7.60
CA THR J 106 28.05 -7.97 -8.14
C THR J 106 28.53 -6.65 -8.74
N SER J 107 27.75 -6.14 -9.68
N SER J 107 27.81 -6.16 -9.74
CA SER J 107 28.03 -4.85 -10.24
CA SER J 107 28.19 -4.91 -10.43
C SER J 107 26.90 -4.34 -11.12
C SER J 107 27.10 -4.39 -11.33
N ALA J 108 26.99 -3.06 -11.46
CA ALA J 108 26.16 -2.46 -12.50
C ALA J 108 27.09 -2.04 -13.56
N ASP J 109 27.04 -2.73 -14.69
CA ASP J 109 28.00 -2.57 -15.76
C ASP J 109 27.31 -1.83 -16.90
N ILE J 110 28.09 -1.03 -17.63
CA ILE J 110 27.66 -0.54 -18.93
C ILE J 110 28.62 -1.08 -19.94
N ASP J 111 28.11 -1.86 -20.89
CA ASP J 111 28.89 -2.31 -22.03
C ASP J 111 28.78 -1.22 -23.10
N ALA J 112 29.84 -0.42 -23.19
CA ALA J 112 29.76 0.83 -23.93
C ALA J 112 29.82 0.63 -25.42
N VAL J 113 28.97 1.40 -26.10
N VAL J 113 28.99 1.39 -26.14
CA VAL J 113 28.94 1.49 -27.54
CA VAL J 113 29.11 1.47 -27.61
C VAL J 113 29.64 2.79 -28.00
C VAL J 113 29.60 2.84 -28.07
N ALA J 114 29.44 3.86 -27.23
CA ALA J 114 29.98 5.18 -27.54
C ALA J 114 30.43 5.83 -26.25
N ILE J 115 31.58 6.50 -26.30
CA ILE J 115 32.08 7.29 -25.19
C ILE J 115 32.67 8.56 -25.78
N GLY J 116 32.39 9.68 -25.14
CA GLY J 116 33.07 10.93 -25.54
C GLY J 116 33.32 11.84 -24.37
N HIS J 117 34.37 12.65 -24.47
CA HIS J 117 34.57 13.72 -23.53
C HIS J 117 33.43 14.72 -23.67
N ASP J 118 32.82 15.12 -22.55
CA ASP J 118 31.63 15.98 -22.58
C ASP J 118 32.05 17.44 -22.75
N LEU J 119 31.69 17.98 -23.90
CA LEU J 119 31.98 19.40 -24.24
C LEU J 119 31.18 20.38 -23.39
N ALA J 120 30.20 19.90 -22.63
CA ALA J 120 29.41 20.80 -21.77
C ALA J 120 30.17 21.25 -20.52
N ARG J 121 31.17 20.47 -20.14
CA ARG J 121 31.84 20.62 -18.83
C ARG J 121 33.39 20.63 -19.04
N GLY J 122 33.80 20.62 -20.31
CA GLY J 122 35.21 20.84 -20.69
C GLY J 122 35.53 21.07 -22.16
N THR J 123 36.69 21.67 -22.45
CA THR J 123 37.15 21.85 -23.84
C THR J 123 37.51 20.50 -24.49
N ALA J 124 37.72 20.53 -25.81
CA ALA J 124 38.15 19.35 -26.56
C ALA J 124 39.68 19.23 -26.55
N SER K 12 16.20 16.89 -10.91
CA SER K 12 16.08 17.96 -11.93
C SER K 12 17.26 17.97 -12.90
N MET K 13 18.42 17.46 -12.51
CA MET K 13 19.55 17.36 -13.44
C MET K 13 20.29 16.01 -13.32
N ASN K 14 20.61 15.47 -14.48
CA ASN K 14 21.44 14.29 -14.60
C ASN K 14 20.90 13.03 -13.90
N GLU K 15 19.60 12.87 -13.96
CA GLU K 15 18.97 11.64 -13.59
C GLU K 15 19.16 10.70 -14.77
N ILE K 16 19.24 9.42 -14.49
CA ILE K 16 19.38 8.42 -15.54
C ILE K 16 18.01 7.78 -15.70
N MET K 17 17.39 8.03 -16.84
N MET K 17 17.31 8.07 -16.81
CA MET K 17 16.12 7.41 -17.14
CA MET K 17 15.95 7.50 -17.06
C MET K 17 16.37 6.03 -17.73
C MET K 17 16.01 6.26 -17.98
N ILE K 18 15.41 5.15 -17.51
CA ILE K 18 15.48 3.83 -18.11
C ILE K 18 14.07 3.43 -18.50
N CYS K 19 13.96 2.67 -19.59
CA CYS K 19 12.72 2.02 -19.93
C CYS K 19 13.05 0.55 -19.99
N ALA K 20 12.32 -0.23 -19.21
CA ALA K 20 12.59 -1.67 -19.03
C ALA K 20 11.31 -2.42 -19.37
N VAL K 21 11.45 -3.44 -20.21
CA VAL K 21 10.33 -4.27 -20.62
C VAL K 21 10.60 -5.67 -20.11
N GLY K 22 9.79 -6.12 -19.16
CA GLY K 22 10.04 -7.40 -18.54
C GLY K 22 8.82 -7.97 -17.90
N ASN K 23 9.05 -8.85 -16.93
CA ASN K 23 7.96 -9.51 -16.26
C ASN K 23 8.04 -9.28 -14.75
N VAL K 24 6.87 -9.16 -14.15
CA VAL K 24 6.74 -9.07 -12.70
C VAL K 24 7.21 -10.40 -12.10
N ALA K 25 8.21 -10.33 -11.22
CA ALA K 25 8.88 -11.53 -10.78
C ALA K 25 8.50 -11.94 -9.35
N THR K 26 7.97 -10.98 -8.59
CA THR K 26 7.50 -11.21 -7.24
C THR K 26 6.17 -10.55 -7.08
N THR K 27 5.36 -11.07 -6.14
CA THR K 27 4.07 -10.46 -5.84
C THR K 27 4.33 -9.05 -5.29
N PRO K 28 3.69 -8.04 -5.90
CA PRO K 28 3.89 -6.69 -5.38
C PRO K 28 3.48 -6.56 -3.92
N VAL K 29 4.18 -5.67 -3.22
CA VAL K 29 3.92 -5.35 -1.84
C VAL K 29 3.47 -3.90 -1.73
N PHE K 30 2.29 -3.68 -1.16
CA PHE K 30 1.72 -2.38 -0.93
C PHE K 30 1.86 -1.98 0.52
N ARG K 31 2.30 -0.75 0.74
CA ARG K 31 2.41 -0.17 2.08
C ARG K 31 1.86 1.24 2.09
N ASP K 32 1.02 1.54 3.08
CA ASP K 32 0.55 2.90 3.31
C ASP K 32 1.52 3.59 4.27
N LEU K 33 2.29 4.53 3.77
CA LEU K 33 3.27 5.25 4.56
C LEU K 33 2.69 6.60 4.93
N ALA K 34 3.32 7.31 5.86
CA ALA K 34 2.89 8.67 6.18
C ALA K 34 3.02 9.56 4.94
N ASN K 35 4.00 9.26 4.11
CA ASN K 35 4.23 10.02 2.87
C ASN K 35 3.31 9.64 1.72
N GLY K 36 2.49 8.62 1.92
CA GLY K 36 1.51 8.19 0.94
C GLY K 36 1.64 6.73 0.56
N PRO K 37 0.86 6.29 -0.42
CA PRO K 37 0.92 4.87 -0.83
C PRO K 37 2.24 4.53 -1.50
N SER K 38 2.67 3.29 -1.34
CA SER K 38 3.92 2.83 -1.91
C SER K 38 3.76 1.39 -2.34
N VAL K 39 4.32 1.05 -3.49
CA VAL K 39 4.35 -0.34 -3.93
CA VAL K 39 4.31 -0.34 -3.99
C VAL K 39 5.72 -0.67 -4.45
N ARG K 40 6.15 -1.90 -4.22
CA ARG K 40 7.39 -2.39 -4.75
C ARG K 40 7.19 -3.78 -5.31
N PHE K 41 7.94 -4.07 -6.35
CA PHE K 41 7.98 -5.43 -6.93
C PHE K 41 9.28 -5.64 -7.69
N ARG K 42 9.64 -6.91 -7.87
CA ARG K 42 10.84 -7.26 -8.61
C ARG K 42 10.48 -7.43 -10.06
N LEU K 43 11.32 -6.88 -10.93
CA LEU K 43 11.11 -6.94 -12.39
C LEU K 43 12.28 -7.70 -13.00
N ALA K 44 11.96 -8.70 -13.83
CA ALA K 44 12.95 -9.49 -14.58
C ALA K 44 12.93 -9.08 -16.03
N VAL K 45 14.08 -8.62 -16.53
CA VAL K 45 14.22 -8.18 -17.91
C VAL K 45 15.27 -9.07 -18.59
N THR K 46 14.83 -9.92 -19.49
CA THR K 46 15.71 -10.90 -20.13
C THR K 46 16.02 -10.52 -21.57
N ALA K 47 17.31 -10.31 -21.85
CA ALA K 47 17.75 -10.07 -23.23
C ALA K 47 17.68 -11.39 -23.98
N ARG K 48 17.43 -11.29 -25.29
CA ARG K 48 17.32 -12.48 -26.15
C ARG K 48 18.15 -12.26 -27.40
N TYR K 49 18.64 -13.35 -27.97
CA TYR K 49 19.45 -13.28 -29.18
C TYR K 49 19.06 -14.37 -30.15
N TRP K 50 19.17 -14.06 -31.43
CA TRP K 50 18.82 -15.00 -32.49
C TRP K 50 19.91 -16.02 -32.64
N ASP K 51 19.55 -17.29 -32.54
CA ASP K 51 20.53 -18.37 -32.65
C ASP K 51 20.55 -19.01 -34.03
N ARG K 52 21.75 -19.09 -34.60
CA ARG K 52 22.01 -19.82 -35.85
C ARG K 52 22.09 -21.34 -35.64
N GLU K 53 22.72 -21.77 -34.55
CA GLU K 53 22.93 -23.21 -34.27
C GLU K 53 21.62 -23.90 -33.88
N LYS K 54 20.63 -23.10 -33.50
CA LYS K 54 19.26 -23.56 -33.38
C LYS K 54 18.50 -22.72 -34.40
N ASN K 55 17.19 -22.64 -34.32
CA ASN K 55 16.51 -21.77 -35.28
C ASN K 55 15.50 -20.91 -34.53
N ALA K 56 15.98 -20.13 -33.55
CA ALA K 56 15.05 -19.38 -32.69
C ALA K 56 15.72 -18.39 -31.77
N TRP K 57 14.91 -17.71 -30.94
CA TRP K 57 15.40 -16.80 -29.91
C TRP K 57 15.90 -17.60 -28.74
N THR K 58 17.06 -17.23 -28.21
CA THR K 58 17.59 -17.85 -27.01
C THR K 58 17.85 -16.78 -25.94
N ASP K 59 17.56 -17.12 -24.69
CA ASP K 59 17.72 -16.17 -23.57
C ASP K 59 19.17 -15.87 -23.27
N GLY K 60 19.44 -14.58 -23.07
CA GLY K 60 20.74 -14.12 -22.59
C GLY K 60 20.62 -13.73 -21.14
N HIS K 61 21.32 -12.65 -20.79
CA HIS K 61 21.37 -12.20 -19.42
C HIS K 61 20.04 -11.64 -18.95
N THR K 62 19.66 -11.98 -17.72
CA THR K 62 18.51 -11.36 -17.08
C THR K 62 18.94 -10.28 -16.09
N ASN K 63 18.47 -9.04 -16.32
CA ASN K 63 18.59 -7.96 -15.39
C ASN K 63 17.40 -7.99 -14.42
N PHE K 64 17.68 -7.98 -13.13
CA PHE K 64 16.64 -7.78 -12.11
C PHE K 64 16.68 -6.40 -11.53
N PHE K 65 15.51 -5.82 -11.39
CA PHE K 65 15.33 -4.51 -10.77
C PHE K 65 14.28 -4.60 -9.68
N THR K 66 14.45 -3.78 -8.67
CA THR K 66 13.37 -3.49 -7.73
C THR K 66 12.69 -2.23 -8.20
N VAL K 67 11.42 -2.36 -8.53
CA VAL K 67 10.62 -1.24 -9.00
C VAL K 67 9.79 -0.68 -7.84
N TRP K 68 9.89 0.63 -7.69
CA TRP K 68 9.15 1.38 -6.68
C TRP K 68 8.19 2.33 -7.31
N ALA K 69 6.99 2.41 -6.77
CA ALA K 69 6.01 3.40 -7.22
C ALA K 69 5.34 4.05 -6.02
N ASN K 70 4.85 5.26 -6.23
N ASN K 70 4.84 5.26 -6.24
CA ASN K 70 4.15 5.98 -5.18
CA ASN K 70 4.17 6.03 -5.22
C ASN K 70 2.89 6.67 -5.76
C ASN K 70 2.89 6.67 -5.76
N ARG K 71 2.12 7.25 -4.85
CA ARG K 71 0.95 8.03 -5.20
C ARG K 71 -0.05 7.20 -6.06
N GLN K 72 -0.65 7.80 -7.07
CA GLN K 72 -1.70 7.13 -7.84
C GLN K 72 -1.17 5.91 -8.57
N LEU K 73 0.06 5.96 -9.05
CA LEU K 73 0.66 4.79 -9.70
C LEU K 73 0.71 3.60 -8.74
N ALA K 74 1.11 3.83 -7.49
CA ALA K 74 1.11 2.76 -6.50
C ALA K 74 -0.28 2.18 -6.28
N THR K 75 -1.25 3.06 -6.08
CA THR K 75 -2.63 2.62 -5.84
C THR K 75 -3.11 1.76 -7.01
N ASN K 76 -2.92 2.27 -8.22
CA ASN K 76 -3.37 1.54 -9.41
C ASN K 76 -2.61 0.23 -9.65
N ALA K 77 -1.31 0.26 -9.45
CA ALA K 77 -0.49 -0.95 -9.58
C ALA K 77 -0.88 -2.04 -8.57
N SER K 78 -1.21 -1.62 -7.36
CA SER K 78 -1.54 -2.58 -6.29
C SER K 78 -2.75 -3.43 -6.63
N GLY K 79 -3.64 -2.91 -7.47
CA GLY K 79 -4.82 -3.65 -7.92
C GLY K 79 -4.70 -4.36 -9.25
N SER K 80 -3.58 -4.18 -9.94
CA SER K 80 -3.42 -4.58 -11.32
C SER K 80 -2.28 -5.57 -11.64
N LEU K 81 -1.20 -5.56 -10.87
CA LEU K 81 -0.02 -6.35 -11.17
C LEU K 81 0.10 -7.63 -10.36
N ALA K 82 0.44 -8.71 -11.04
CA ALA K 82 0.68 -10.01 -10.42
C ALA K 82 1.91 -10.68 -11.05
N VAL K 83 2.46 -11.65 -10.34
CA VAL K 83 3.60 -12.41 -10.83
C VAL K 83 3.33 -12.98 -12.21
N GLY K 84 4.31 -12.80 -13.08
CA GLY K 84 4.24 -13.26 -14.45
C GLY K 84 3.80 -12.23 -15.46
N ASP K 85 3.21 -11.14 -14.99
CA ASP K 85 2.65 -10.13 -15.90
C ASP K 85 3.77 -9.46 -16.71
N PRO K 86 3.62 -9.44 -18.05
CA PRO K 86 4.55 -8.63 -18.87
C PRO K 86 4.22 -7.15 -18.74
N VAL K 87 5.23 -6.36 -18.42
CA VAL K 87 5.02 -4.93 -18.18
C VAL K 87 6.12 -4.11 -18.85
N VAL K 88 5.78 -2.86 -19.11
CA VAL K 88 6.74 -1.84 -19.53
C VAL K 88 6.82 -0.83 -18.39
N VAL K 89 8.05 -0.53 -17.98
CA VAL K 89 8.31 0.36 -16.86
C VAL K 89 9.25 1.46 -17.36
N GLN K 90 8.88 2.71 -17.10
CA GLN K 90 9.78 3.86 -17.34
C GLN K 90 10.03 4.52 -15.99
N GLY K 91 11.28 4.81 -15.69
CA GLY K 91 11.56 5.55 -14.47
C GLY K 91 13.03 5.84 -14.30
N ARG K 92 13.37 6.30 -13.11
CA ARG K 92 14.71 6.73 -12.82
C ARG K 92 15.50 5.58 -12.23
N LEU K 93 16.66 5.32 -12.79
CA LEU K 93 17.53 4.25 -12.32
C LEU K 93 18.37 4.69 -11.12
N LYS K 94 18.34 3.87 -10.07
CA LYS K 94 19.17 4.08 -8.89
C LYS K 94 19.97 2.81 -8.59
N VAL K 95 21.28 2.93 -8.71
CA VAL K 95 22.20 1.83 -8.45
C VAL K 95 22.60 1.99 -6.99
N ARG K 96 22.39 0.93 -6.22
CA ARG K 96 22.57 0.97 -4.77
C ARG K 96 23.53 -0.09 -4.27
N THR K 97 24.28 0.19 -3.21
CA THR K 97 25.13 -0.82 -2.57
C THR K 97 24.60 -1.06 -1.19
N ASP K 98 24.38 -2.31 -0.79
CA ASP K 98 23.83 -2.62 0.53
C ASP K 98 24.44 -3.90 1.05
N VAL K 99 24.38 -4.15 2.35
CA VAL K 99 24.86 -5.41 2.93
C VAL K 99 23.70 -6.41 3.05
N ARG K 100 23.85 -7.55 2.40
CA ARG K 100 22.89 -8.65 2.47
C ARG K 100 23.61 -10.01 2.59
N GLU K 101 23.07 -10.89 3.42
CA GLU K 101 23.77 -12.12 3.84
C GLU K 101 25.25 -11.86 4.26
N GLY K 102 25.45 -10.73 4.92
CA GLY K 102 26.76 -10.27 5.40
C GLY K 102 27.79 -9.81 4.36
N GLN K 103 27.31 -9.60 3.13
CA GLN K 103 28.17 -9.23 1.99
C GLN K 103 27.72 -7.92 1.36
N SER K 104 28.66 -7.06 0.96
CA SER K 104 28.28 -5.84 0.25
C SER K 104 27.96 -6.21 -1.17
N ARG K 105 26.80 -5.74 -1.63
CA ARG K 105 26.23 -6.19 -2.92
C ARG K 105 25.59 -5.04 -3.65
N THR K 106 25.81 -4.95 -4.95
CA THR K 106 25.22 -3.89 -5.76
C THR K 106 23.94 -4.42 -6.38
N SER K 107 22.95 -3.54 -6.47
CA SER K 107 21.62 -3.83 -6.98
C SER K 107 21.05 -2.60 -7.70
N ALA K 108 20.02 -2.81 -8.50
CA ALA K 108 19.41 -1.72 -9.27
C ALA K 108 17.92 -1.54 -8.91
N ASP K 109 17.57 -0.30 -8.61
CA ASP K 109 16.18 0.13 -8.34
C ASP K 109 15.70 0.97 -9.53
N ILE K 110 14.40 0.91 -9.81
CA ILE K 110 13.76 1.87 -10.72
C ILE K 110 12.68 2.57 -9.95
N ASP K 111 12.80 3.90 -9.86
CA ASP K 111 11.76 4.72 -9.30
C ASP K 111 10.81 5.04 -10.46
N ALA K 112 9.70 4.32 -10.51
CA ALA K 112 8.85 4.34 -11.67
C ALA K 112 8.05 5.63 -11.82
N VAL K 113 7.96 6.08 -13.07
CA VAL K 113 7.12 7.20 -13.48
C VAL K 113 5.89 6.67 -14.23
N ALA K 114 6.08 5.60 -14.98
CA ALA K 114 4.99 4.98 -15.78
C ALA K 114 5.16 3.49 -15.76
N ILE K 115 4.03 2.77 -15.64
CA ILE K 115 4.02 1.31 -15.72
C ILE K 115 2.78 0.94 -16.48
N GLY K 116 2.91 0.01 -17.39
CA GLY K 116 1.73 -0.54 -18.08
C GLY K 116 1.87 -2.01 -18.39
N HIS K 117 0.74 -2.71 -18.44
CA HIS K 117 0.74 -4.06 -18.98
C HIS K 117 1.12 -4.01 -20.46
N ASP K 118 2.06 -4.84 -20.87
CA ASP K 118 2.60 -4.79 -22.23
C ASP K 118 1.69 -5.53 -23.21
N LEU K 119 1.10 -4.77 -24.12
CA LEU K 119 0.19 -5.30 -25.15
C LEU K 119 0.92 -6.18 -26.17
N ALA K 120 2.24 -6.19 -26.18
CA ALA K 120 2.99 -7.03 -27.13
C ALA K 120 2.96 -8.49 -26.77
N ARG K 121 2.72 -8.79 -25.49
CA ARG K 121 2.96 -10.14 -24.96
C ARG K 121 1.83 -10.74 -24.20
N GLY K 122 1.96 -12.04 -23.88
CA GLY K 122 1.01 -12.82 -23.06
C GLY K 122 1.66 -13.07 -21.71
N MET L 13 25.10 -1.07 -34.35
CA MET L 13 23.86 -1.07 -35.17
C MET L 13 23.13 0.29 -35.12
N ASN L 14 23.25 1.03 -34.01
CA ASN L 14 22.91 2.44 -34.01
C ASN L 14 21.46 2.82 -34.34
N GLU L 15 20.54 2.02 -33.85
CA GLU L 15 19.14 2.39 -33.82
C GLU L 15 18.98 3.38 -32.67
N ILE L 16 18.01 4.28 -32.80
CA ILE L 16 17.72 5.23 -31.75
C ILE L 16 16.46 4.75 -31.05
N MET L 17 16.58 4.30 -29.81
CA MET L 17 15.42 3.87 -29.04
C MET L 17 14.81 5.12 -28.41
N ILE L 18 13.50 5.05 -28.20
CA ILE L 18 12.79 6.09 -27.49
C ILE L 18 11.75 5.44 -26.59
N CYS L 19 11.51 6.05 -25.45
CA CYS L 19 10.39 5.70 -24.61
C CYS L 19 9.60 6.98 -24.45
N ALA L 20 8.34 6.91 -24.83
CA ALA L 20 7.46 8.07 -24.89
C ALA L 20 6.21 7.76 -24.07
N VAL L 21 5.85 8.68 -23.19
CA VAL L 21 4.69 8.57 -22.37
C VAL L 21 3.73 9.67 -22.78
N GLY L 22 2.60 9.28 -23.37
CA GLY L 22 1.71 10.27 -23.92
C GLY L 22 0.31 9.76 -24.03
N ASN L 23 -0.46 10.42 -24.90
CA ASN L 23 -1.87 10.09 -25.10
C ASN L 23 -2.14 9.73 -26.54
N VAL L 24 -3.00 8.75 -26.73
CA VAL L 24 -3.45 8.39 -28.06
C VAL L 24 -4.23 9.57 -28.62
N ALA L 25 -3.83 10.02 -29.81
CA ALA L 25 -4.37 11.26 -30.39
C ALA L 25 -5.30 11.04 -31.58
N THR L 26 -5.21 9.88 -32.20
CA THR L 26 -6.12 9.48 -33.28
C THR L 26 -6.52 8.04 -33.11
N THR L 27 -7.67 7.67 -33.67
CA THR L 27 -8.11 6.31 -33.58
C THR L 27 -7.14 5.43 -34.33
N PRO L 28 -6.69 4.33 -33.72
CA PRO L 28 -5.84 3.43 -34.44
C PRO L 28 -6.46 2.85 -35.72
N VAL L 29 -5.66 2.75 -36.75
CA VAL L 29 -6.10 2.27 -38.07
C VAL L 29 -5.23 1.12 -38.61
N PHE L 30 -5.85 0.33 -39.46
CA PHE L 30 -5.24 -0.88 -39.97
C PHE L 30 -4.50 -0.57 -41.24
N ARG L 31 -3.35 -1.21 -41.44
CA ARG L 31 -2.60 -1.15 -42.69
C ARG L 31 -2.15 -2.56 -43.07
N ASP L 32 -2.45 -2.98 -44.29
CA ASP L 32 -2.07 -4.30 -44.78
C ASP L 32 -0.72 -4.03 -45.47
N LEU L 33 0.39 -4.32 -44.79
CA LEU L 33 1.72 -4.08 -45.38
C LEU L 33 2.24 -5.37 -45.99
N ALA L 34 3.25 -5.26 -46.85
CA ALA L 34 3.88 -6.44 -47.41
C ALA L 34 4.50 -7.32 -46.30
N ASN L 35 4.93 -6.68 -45.21
CA ASN L 35 5.47 -7.39 -44.07
C ASN L 35 4.44 -8.02 -43.14
N GLY L 36 3.17 -7.72 -43.39
CA GLY L 36 2.07 -8.27 -42.59
C GLY L 36 1.14 -7.21 -42.02
N PRO L 37 0.12 -7.64 -41.27
CA PRO L 37 -0.87 -6.69 -40.76
C PRO L 37 -0.27 -5.75 -39.69
N SER L 38 -0.73 -4.53 -39.75
CA SER L 38 -0.14 -3.52 -38.93
C SER L 38 -1.20 -2.51 -38.53
N VAL L 39 -0.82 -1.73 -37.52
N VAL L 39 -0.86 -1.75 -37.51
CA VAL L 39 -1.69 -0.71 -36.95
CA VAL L 39 -1.70 -0.66 -37.09
C VAL L 39 -0.86 0.55 -36.77
C VAL L 39 -0.82 0.56 -36.95
N ARG L 40 -1.47 1.71 -37.01
CA ARG L 40 -0.82 2.98 -36.74
C ARG L 40 -1.75 3.87 -35.97
N PHE L 41 -1.17 4.71 -35.12
CA PHE L 41 -1.93 5.76 -34.45
C PHE L 41 -1.00 6.91 -34.12
N ARG L 42 -1.60 8.07 -33.92
CA ARG L 42 -0.85 9.26 -33.52
C ARG L 42 -0.75 9.29 -32.02
N LEU L 43 0.45 9.66 -31.54
CA LEU L 43 0.72 9.78 -30.11
C LEU L 43 1.12 11.22 -29.81
N ALA L 44 0.48 11.82 -28.82
CA ALA L 44 0.79 13.17 -28.34
C ALA L 44 1.53 13.09 -27.01
N VAL L 45 2.74 13.61 -26.97
CA VAL L 45 3.56 13.61 -25.77
C VAL L 45 3.77 15.05 -25.36
N THR L 46 3.13 15.46 -24.29
CA THR L 46 3.13 16.84 -23.83
C THR L 46 4.00 16.98 -22.60
N ALA L 47 5.05 17.78 -22.73
CA ALA L 47 5.91 18.11 -21.58
C ALA L 47 5.13 19.04 -20.68
N ARG L 48 5.36 18.93 -19.38
CA ARG L 48 4.69 19.78 -18.40
C ARG L 48 5.71 20.36 -17.45
N TYR L 49 5.41 21.54 -16.90
CA TYR L 49 6.34 22.20 -15.98
C TYR L 49 5.58 22.79 -14.82
N TRP L 50 6.23 22.78 -13.66
CA TRP L 50 5.62 23.29 -12.43
C TRP L 50 5.67 24.78 -12.44
N ASP L 51 4.51 25.42 -12.26
CA ASP L 51 4.43 26.86 -12.22
C ASP L 51 4.38 27.35 -10.77
N ASN L 55 0.23 27.90 -9.07
CA ASN L 55 0.63 26.73 -8.28
C ASN L 55 0.07 25.40 -8.84
N ALA L 56 0.50 25.04 -10.05
CA ALA L 56 0.10 23.78 -10.69
C ALA L 56 0.98 23.43 -11.89
N TRP L 57 0.69 22.30 -12.54
CA TRP L 57 1.39 21.90 -13.77
C TRP L 57 0.84 22.69 -14.93
N THR L 58 1.74 23.20 -15.78
CA THR L 58 1.34 23.88 -17.00
C THR L 58 1.94 23.16 -18.22
N ASP L 59 1.16 23.04 -19.29
CA ASP L 59 1.60 22.34 -20.51
C ASP L 59 2.68 23.11 -21.26
N GLY L 60 3.70 22.38 -21.69
CA GLY L 60 4.71 22.90 -22.57
C GLY L 60 4.49 22.36 -23.98
N HIS L 61 5.58 22.08 -24.66
CA HIS L 61 5.54 21.64 -26.06
C HIS L 61 4.96 20.25 -26.18
N THR L 62 4.14 20.05 -27.19
CA THR L 62 3.63 18.68 -27.53
C THR L 62 4.35 18.10 -28.74
N ASN L 63 5.01 16.97 -28.51
CA ASN L 63 5.62 16.19 -29.57
C ASN L 63 4.56 15.22 -30.12
N PHE L 64 4.35 15.23 -31.42
CA PHE L 64 3.51 14.23 -32.09
C PHE L 64 4.36 13.18 -32.82
N PHE L 65 3.99 11.91 -32.62
CA PHE L 65 4.62 10.79 -33.29
C PHE L 65 3.55 9.94 -33.96
N THR L 66 3.92 9.30 -35.05
CA THR L 66 3.12 8.22 -35.60
C THR L 66 3.69 6.91 -35.10
N VAL L 67 2.88 6.17 -34.35
CA VAL L 67 3.31 4.89 -33.78
C VAL L 67 2.83 3.76 -34.66
N TRP L 68 3.73 2.86 -34.99
CA TRP L 68 3.45 1.68 -35.78
C TRP L 68 3.65 0.45 -34.99
N ALA L 69 2.73 -0.51 -35.14
CA ALA L 69 2.90 -1.82 -34.54
C ALA L 69 2.53 -2.92 -35.53
N ASN L 70 3.11 -4.09 -35.33
CA ASN L 70 2.77 -5.23 -36.20
C ASN L 70 2.55 -6.48 -35.35
N ARG L 71 2.12 -7.55 -36.01
N ARG L 71 2.11 -7.56 -35.99
CA ARG L 71 1.94 -8.85 -35.36
CA ARG L 71 2.01 -8.85 -35.34
C ARG L 71 1.01 -8.75 -34.14
C ARG L 71 1.10 -8.78 -34.10
N GLN L 72 1.34 -9.45 -33.05
N GLN L 72 1.44 -9.48 -33.03
CA GLN L 72 0.43 -9.53 -31.91
CA GLN L 72 0.53 -9.57 -31.88
C GLN L 72 0.23 -8.16 -31.25
C GLN L 72 0.28 -8.21 -31.20
N LEU L 73 1.28 -7.33 -31.23
CA LEU L 73 1.13 -5.99 -30.68
C LEU L 73 0.07 -5.19 -31.46
N ALA L 74 0.05 -5.32 -32.78
CA ALA L 74 -0.95 -4.61 -33.57
C ALA L 74 -2.35 -5.12 -33.28
N THR L 75 -2.50 -6.43 -33.22
CA THR L 75 -3.82 -7.03 -32.92
C THR L 75 -4.33 -6.54 -31.57
N ASN L 76 -3.46 -6.61 -30.56
CA ASN L 76 -3.83 -6.19 -29.22
C ASN L 76 -4.08 -4.70 -29.11
N ALA L 77 -3.24 -3.88 -29.73
CA ALA L 77 -3.44 -2.43 -29.73
C ALA L 77 -4.74 -2.02 -30.38
N SER L 78 -5.09 -2.67 -31.49
CA SER L 78 -6.31 -2.35 -32.21
C SER L 78 -7.56 -2.57 -31.36
N GLY L 79 -7.52 -3.55 -30.47
CA GLY L 79 -8.65 -3.84 -29.59
C GLY L 79 -8.67 -3.10 -28.26
N SER L 80 -7.56 -2.47 -27.92
CA SER L 80 -7.35 -1.91 -26.57
C SER L 80 -7.24 -0.38 -26.49
N LEU L 81 -6.83 0.26 -27.59
CA LEU L 81 -6.56 1.69 -27.56
C LEU L 81 -7.64 2.54 -28.17
N ALA L 82 -7.87 3.69 -27.54
CA ALA L 82 -8.80 4.69 -28.05
C ALA L 82 -8.26 6.08 -27.80
N VAL L 83 -8.74 7.02 -28.60
CA VAL L 83 -8.35 8.40 -28.43
C VAL L 83 -8.52 8.88 -26.98
N GLY L 84 -7.47 9.54 -26.48
CA GLY L 84 -7.41 10.03 -25.12
C GLY L 84 -6.67 9.14 -24.14
N ASP L 85 -6.46 7.88 -24.49
CA ASP L 85 -5.84 6.93 -23.55
C ASP L 85 -4.38 7.31 -23.25
N PRO L 86 -4.02 7.41 -21.96
CA PRO L 86 -2.60 7.53 -21.60
C PRO L 86 -1.86 6.21 -21.81
N VAL L 87 -0.75 6.26 -22.53
CA VAL L 87 0.01 5.08 -22.87
C VAL L 87 1.50 5.32 -22.71
N VAL L 88 2.23 4.23 -22.49
N VAL L 88 2.20 4.21 -22.53
CA VAL L 88 3.68 4.21 -22.57
CA VAL L 88 3.65 4.15 -22.57
C VAL L 88 4.08 3.40 -23.78
C VAL L 88 4.01 3.42 -23.85
N VAL L 89 4.95 3.98 -24.59
CA VAL L 89 5.39 3.40 -25.85
C VAL L 89 6.92 3.33 -25.84
N GLN L 90 7.46 2.17 -26.11
CA GLN L 90 8.90 1.99 -26.31
C GLN L 90 9.13 1.48 -27.73
N GLY L 91 10.06 2.09 -28.46
CA GLY L 91 10.37 1.58 -29.77
C GLY L 91 11.47 2.33 -30.45
N ARG L 92 11.63 2.06 -31.74
CA ARG L 92 12.70 2.65 -32.52
C ARG L 92 12.20 3.92 -33.21
N LEU L 93 12.93 5.01 -33.04
CA LEU L 93 12.58 6.27 -33.65
C LEU L 93 13.06 6.34 -35.11
N LYS L 94 12.15 6.70 -36.00
CA LYS L 94 12.47 6.90 -37.41
C LYS L 94 11.96 8.27 -37.85
N VAL L 95 12.87 9.16 -38.16
CA VAL L 95 12.56 10.49 -38.65
C VAL L 95 12.58 10.41 -40.16
N ARG L 96 11.47 10.80 -40.78
CA ARG L 96 11.37 10.80 -42.25
C ARG L 96 11.40 12.28 -42.62
N THR L 97 12.43 12.70 -43.37
CA THR L 97 12.76 14.14 -43.58
C THR L 97 12.58 14.47 -45.07
N ARG L 105 5.44 14.28 -46.78
CA ARG L 105 6.88 14.14 -47.00
C ARG L 105 7.67 13.88 -45.70
N THR L 106 7.05 14.22 -44.59
CA THR L 106 7.72 14.17 -43.29
C THR L 106 6.93 13.66 -42.05
N SER L 107 7.65 13.03 -41.13
CA SER L 107 7.05 12.55 -39.89
C SER L 107 8.12 12.05 -38.91
N ALA L 108 7.72 11.94 -37.65
CA ALA L 108 8.51 11.25 -36.65
C ALA L 108 7.73 10.01 -36.29
N ASP L 109 8.26 8.85 -36.64
CA ASP L 109 7.61 7.56 -36.46
C ASP L 109 8.27 6.84 -35.29
N ILE L 110 7.48 6.05 -34.57
CA ILE L 110 8.02 5.10 -33.62
C ILE L 110 7.59 3.72 -34.06
N ASP L 111 8.55 2.85 -34.35
CA ASP L 111 8.27 1.45 -34.61
C ASP L 111 8.25 0.77 -33.24
N ALA L 112 7.04 0.53 -32.75
CA ALA L 112 6.86 0.11 -31.36
C ALA L 112 7.26 -1.32 -31.11
N VAL L 113 7.95 -1.52 -29.99
CA VAL L 113 8.29 -2.82 -29.46
C VAL L 113 7.36 -3.19 -28.30
N ALA L 114 6.97 -2.19 -27.53
CA ALA L 114 6.12 -2.36 -26.37
C ALA L 114 5.17 -1.17 -26.26
N ILE L 115 3.92 -1.43 -25.94
CA ILE L 115 2.91 -0.41 -25.69
C ILE L 115 2.07 -0.88 -24.52
N GLY L 116 1.79 0.01 -23.59
CA GLY L 116 0.82 -0.31 -22.51
C GLY L 116 0.03 0.87 -22.04
N HIS L 117 -1.17 0.63 -21.55
CA HIS L 117 -1.92 1.66 -20.88
C HIS L 117 -1.17 2.07 -19.63
N ASP L 118 -0.99 3.36 -19.44
CA ASP L 118 -0.22 3.87 -18.31
C ASP L 118 -1.05 3.90 -17.02
N LEU L 119 -0.67 3.06 -16.08
CA LEU L 119 -1.31 2.99 -14.78
C LEU L 119 -1.08 4.24 -13.90
N ALA L 120 -0.19 5.12 -14.30
CA ALA L 120 0.08 6.32 -13.50
C ALA L 120 -1.01 7.37 -13.65
N ARG L 121 -1.79 7.29 -14.74
CA ARG L 121 -2.69 8.40 -15.15
C ARG L 121 -4.11 8.02 -15.39
N GLY L 122 -4.98 9.03 -15.58
CA GLY L 122 -6.42 8.89 -15.94
C GLY L 122 -6.58 9.32 -17.38
#